data_3KOM
#
_entry.id   3KOM
#
_cell.length_a   86.49
_cell.length_b   109.29
_cell.length_c   128.56
_cell.angle_alpha   90.0
_cell.angle_beta   90.0
_cell.angle_gamma   90.0
#
_symmetry.space_group_name_H-M   'P 21 21 21'
#
loop_
_entity.id
_entity.type
_entity.pdbx_description
1 polymer Transketolase
2 water water
#
_entity_poly.entity_id   1
_entity_poly.type   'polypeptide(L)'
_entity_poly.pdbx_seq_one_letter_code
;(MSE)SLSIPREFSNAIRFLSIDATLKAKSGHPG(MSE)P(MSE)G(MSE)ADIATVLWTKFLKHNPNNPHWINRDRFVL
SNGHGS(MSE)LLYSLLHLTGYDLSIEDIKNFRQLHSKTPGHPEYGYTPGVETTTGPLGQGVANAVG(MSE)ALGEKLLS
DRYNTPDLKVIDHHTYVFLGDG(OCS)L(MSE)EGVSHEACSLAGTLGLNKLVAFWDDNNISIDGDTKGWFSDNTPERFR
AYGWHVIENVDGHDFVAIEKAINEAHSQQQKPTLICCKTVIGFGSPEKAGTASVHGSPLSDQERASAAKELNWDYQAFEI
PQDVYKYWDAREKGQALEANWQGQRNLFKDSPKFDEFERVLSKELPVGLESAINDYIASQLSNPVKVATRKASQ(MSE)V
LEVLCKN(MSE)PE(MSE)FGGSADLTGSNNTNWSGSVWLNNTQEGANYLSYGVREFG(MSE)AAI(MSE)NGLSLYGGI
KPYGGTFLVFSDYSRNAIR(MSE)SAL(MSE)KQPVVHV(MSE)SHDSIGLGEDGPTHQPIEHVPSLRLIPNLSVWRPAD
TIET(MSE)IAWKEAVKSKDTPSV(MSE)VLTRQNL(MSE)PVVQTQHQVANIARGGYLVKDNPDAKLTIVATGSEVELA
VKVANEFEKKGIKLNVASIPCVEVFATQAHEYKKTVIKDDIPAVFVE(MSE)AQPD(MSE)WYKY(MSE)PKAGGEVKGI
YSFGESAPAEDLFKRFGFTVENISNIVAKYV
;
_entity_poly.pdbx_strand_id   A,B
#
# COMPACT_ATOMS: atom_id res chain seq x y z
N LEU A 3 -0.60 -15.07 -46.89
CA LEU A 3 -0.71 -14.09 -45.77
C LEU A 3 -0.89 -14.80 -44.43
N SER A 4 -1.09 -16.11 -44.46
CA SER A 4 -1.33 -16.90 -43.25
C SER A 4 -0.04 -17.06 -42.43
N ILE A 5 -0.14 -17.06 -41.10
CA ILE A 5 1.04 -17.21 -40.23
C ILE A 5 1.27 -18.66 -39.83
N PRO A 6 2.43 -19.24 -40.20
CA PRO A 6 2.74 -20.61 -39.75
C PRO A 6 3.13 -20.65 -38.27
N ARG A 7 2.77 -21.72 -37.56
CA ARG A 7 3.11 -21.79 -36.14
C ARG A 7 4.60 -21.76 -35.92
N GLU A 8 5.36 -22.19 -36.92
CA GLU A 8 6.82 -22.07 -36.86
C GLU A 8 7.29 -20.71 -36.34
N PHE A 9 6.69 -19.64 -36.86
CA PHE A 9 7.10 -18.28 -36.52
C PHE A 9 6.81 -17.93 -35.05
N SER A 10 5.71 -18.41 -34.49
CA SER A 10 5.41 -18.17 -33.09
CA SER A 10 5.39 -18.18 -33.11
C SER A 10 6.23 -19.11 -32.22
N ASN A 11 6.60 -20.27 -32.76
CA ASN A 11 7.36 -21.22 -31.96
C ASN A 11 8.77 -20.72 -31.63
N ALA A 12 9.27 -19.78 -32.42
CA ALA A 12 10.54 -19.13 -32.11
C ALA A 12 10.48 -18.50 -30.72
N ILE A 13 9.37 -17.85 -30.38
CA ILE A 13 9.19 -17.29 -29.03
C ILE A 13 9.24 -18.40 -27.99
N ARG A 14 8.51 -19.48 -28.25
CA ARG A 14 8.45 -20.60 -27.31
C ARG A 14 9.84 -21.18 -27.02
N PHE A 15 10.61 -21.44 -28.07
CA PHE A 15 11.95 -22.02 -27.86
C PHE A 15 13.00 -21.07 -27.28
N LEU A 16 13.02 -19.80 -27.68
CA LEU A 16 13.93 -18.86 -27.02
C LEU A 16 13.60 -18.81 -25.53
N SER A 17 12.32 -18.85 -25.20
CA SER A 17 11.90 -18.72 -23.79
C SER A 17 12.24 -19.98 -23.00
N ILE A 18 11.98 -21.14 -23.60
CA ILE A 18 12.37 -22.40 -22.94
C ILE A 18 13.89 -22.49 -22.77
N ASP A 19 14.62 -22.28 -23.86
CA ASP A 19 16.09 -22.40 -23.83
C ASP A 19 16.75 -21.41 -22.84
N ALA A 20 16.28 -20.17 -22.81
CA ALA A 20 16.85 -19.17 -21.92
C ALA A 20 16.59 -19.52 -20.46
N THR A 21 15.39 -19.98 -20.14
CA THR A 21 15.05 -20.22 -18.73
C THR A 21 15.80 -21.45 -18.22
N LEU A 22 15.93 -22.45 -19.09
CA LEU A 22 16.73 -23.66 -18.79
C LEU A 22 18.18 -23.29 -18.46
N LYS A 23 18.78 -22.42 -19.27
CA LYS A 23 20.17 -22.01 -19.04
C LYS A 23 20.32 -21.23 -17.72
N ALA A 24 19.39 -20.33 -17.46
CA ALA A 24 19.45 -19.49 -16.27
C ALA A 24 19.16 -20.28 -15.00
N LYS A 25 18.50 -21.43 -15.16
CA LYS A 25 17.94 -22.19 -14.02
C LYS A 25 17.07 -21.28 -13.13
N SER A 26 16.29 -20.42 -13.77
CA SER A 26 15.57 -19.37 -13.06
C SER A 26 14.65 -18.79 -14.12
N GLY A 27 13.52 -18.24 -13.70
CA GLY A 27 12.53 -17.72 -14.64
C GLY A 27 11.52 -18.78 -15.07
N HIS A 28 10.53 -18.36 -15.85
CA HIS A 28 9.38 -19.23 -16.14
C HIS A 28 9.00 -19.24 -17.63
N PRO A 29 8.82 -20.44 -18.22
CA PRO A 29 8.50 -20.51 -19.66
C PRO A 29 7.01 -20.72 -19.98
N GLY A 30 6.20 -21.05 -18.98
CA GLY A 30 4.77 -21.34 -19.18
C GLY A 30 3.96 -20.26 -19.88
N MSE A 31 3.98 -19.06 -19.32
CA MSE A 31 3.16 -17.98 -19.89
C MSE A 31 3.64 -17.55 -21.29
O MSE A 31 2.81 -17.28 -22.19
CB MSE A 31 3.05 -16.82 -18.90
CG MSE A 31 2.27 -15.61 -19.41
SE MSE A 31 3.29 -14.46 -20.54
CE MSE A 31 3.85 -13.10 -19.28
N PRO A 32 4.97 -17.46 -21.50
CA PRO A 32 5.40 -17.16 -22.86
C PRO A 32 4.94 -18.24 -23.84
N MSE A 33 4.95 -19.51 -23.41
CA MSE A 33 4.44 -20.57 -24.28
C MSE A 33 2.93 -20.44 -24.55
O MSE A 33 2.45 -20.74 -25.64
CB MSE A 33 4.79 -21.95 -23.69
CG MSE A 33 6.26 -22.29 -23.78
SE MSE A 33 6.73 -23.79 -22.67
CE MSE A 33 6.10 -25.21 -23.86
N GLY A 34 2.19 -19.98 -23.55
CA GLY A 34 0.75 -19.73 -23.70
C GLY A 34 0.37 -18.53 -24.57
N MSE A 35 1.16 -17.47 -24.53
CA MSE A 35 0.78 -16.22 -25.21
CA MSE A 35 0.78 -16.24 -25.22
C MSE A 35 1.51 -15.99 -26.51
O MSE A 35 1.29 -14.96 -27.15
CB MSE A 35 1.01 -14.98 -24.32
CB MSE A 35 0.98 -15.06 -24.30
CG MSE A 35 0.30 -14.98 -22.96
CG MSE A 35 0.09 -15.16 -23.08
SE MSE A 35 0.08 -13.19 -22.22
SE MSE A 35 -1.66 -14.50 -23.54
CE MSE A 35 -1.37 -12.58 -23.33
CE MSE A 35 -1.28 -12.64 -23.09
N ALA A 36 2.37 -16.94 -26.92
CA ALA A 36 3.21 -16.67 -28.09
C ALA A 36 2.41 -16.37 -29.36
N ASP A 37 1.29 -17.08 -29.56
CA ASP A 37 0.54 -16.84 -30.83
C ASP A 37 -0.13 -15.47 -30.83
N ILE A 38 -0.68 -15.07 -29.69
CA ILE A 38 -1.30 -13.74 -29.55
C ILE A 38 -0.23 -12.67 -29.83
N ALA A 39 0.92 -12.81 -29.18
CA ALA A 39 2.01 -11.86 -29.36
C ALA A 39 2.44 -11.81 -30.83
N THR A 40 2.51 -12.97 -31.46
CA THR A 40 2.93 -12.99 -32.88
C THR A 40 1.98 -12.18 -33.75
N VAL A 41 0.67 -12.36 -33.54
CA VAL A 41 -0.30 -11.63 -34.39
C VAL A 41 -0.18 -10.12 -34.09
N LEU A 42 -0.18 -9.76 -32.83
CA LEU A 42 -0.13 -8.35 -32.46
C LEU A 42 1.13 -7.68 -33.02
N TRP A 43 2.28 -8.29 -32.76
CA TRP A 43 3.54 -7.64 -33.13
C TRP A 43 3.77 -7.63 -34.63
N THR A 44 3.39 -8.70 -35.32
CA THR A 44 3.79 -8.78 -36.75
C THR A 44 2.74 -8.26 -37.71
N LYS A 45 1.48 -8.17 -37.26
CA LYS A 45 0.43 -7.69 -38.16
C LYS A 45 -0.11 -6.31 -37.78
N PHE A 46 0.13 -5.85 -36.55
CA PHE A 46 -0.48 -4.58 -36.14
C PHE A 46 0.45 -3.52 -35.53
N LEU A 47 1.37 -3.94 -34.66
CA LEU A 47 2.13 -2.98 -33.89
C LEU A 47 2.90 -2.02 -34.76
N LYS A 48 2.73 -0.74 -34.45
CA LYS A 48 3.42 0.32 -35.19
C LYS A 48 4.64 0.76 -34.36
N HIS A 49 5.83 0.40 -34.80
CA HIS A 49 7.03 0.59 -34.02
C HIS A 49 8.25 0.57 -34.92
N ASN A 50 9.35 1.12 -34.41
CA ASN A 50 10.59 1.16 -35.18
C ASN A 50 11.74 0.67 -34.30
N PRO A 51 12.23 -0.58 -34.51
CA PRO A 51 13.31 -1.10 -33.66
C PRO A 51 14.56 -0.22 -33.69
N ASN A 52 14.78 0.54 -34.77
CA ASN A 52 15.96 1.40 -34.79
CA ASN A 52 15.88 1.48 -34.94
C ASN A 52 15.80 2.67 -33.94
N ASN A 53 14.57 2.98 -33.53
CA ASN A 53 14.29 4.10 -32.65
C ASN A 53 13.18 3.81 -31.65
N PRO A 54 13.51 3.19 -30.53
CA PRO A 54 12.54 2.85 -29.49
C PRO A 54 11.92 4.10 -28.87
N HIS A 55 12.48 5.27 -29.16
CA HIS A 55 11.99 6.54 -28.62
C HIS A 55 11.07 7.31 -29.58
N TRP A 56 10.76 6.72 -30.72
CA TRP A 56 9.87 7.37 -31.70
C TRP A 56 8.55 7.80 -31.01
N ILE A 57 8.24 9.10 -31.06
CA ILE A 57 7.15 9.58 -30.20
C ILE A 57 5.76 9.09 -30.63
N ASN A 58 5.59 8.66 -31.88
CA ASN A 58 4.26 8.20 -32.28
C ASN A 58 4.15 6.68 -32.35
N ARG A 59 5.11 5.98 -31.76
CA ARG A 59 5.00 4.53 -31.69
C ARG A 59 3.80 4.07 -30.87
N ASP A 60 3.17 2.95 -31.24
CA ASP A 60 2.28 2.25 -30.29
C ASP A 60 3.06 1.89 -29.03
N ARG A 61 2.39 1.91 -27.88
CA ARG A 61 3.07 1.49 -26.65
C ARG A 61 2.58 0.08 -26.28
N PHE A 62 3.51 -0.80 -25.95
CA PHE A 62 3.17 -2.17 -25.50
C PHE A 62 3.64 -2.32 -24.06
N VAL A 63 2.78 -2.86 -23.19
CA VAL A 63 3.16 -3.17 -21.79
C VAL A 63 2.88 -4.64 -21.49
N LEU A 64 3.88 -5.34 -20.94
CA LEU A 64 3.70 -6.70 -20.41
C LEU A 64 3.46 -6.58 -18.90
N SER A 65 2.21 -6.64 -18.49
CA SER A 65 1.89 -6.42 -17.07
C SER A 65 2.03 -7.68 -16.25
N ASN A 66 1.73 -8.81 -16.89
CA ASN A 66 1.68 -10.04 -16.16
C ASN A 66 3.03 -10.62 -15.81
N GLY A 67 3.05 -11.30 -14.68
N GLY A 67 3.05 -11.44 -14.77
CA GLY A 67 4.26 -11.77 -14.05
CA GLY A 67 4.28 -11.99 -14.27
C GLY A 67 4.90 -12.94 -14.74
C GLY A 67 4.69 -13.33 -14.83
N HIS A 68 6.15 -13.20 -14.38
N HIS A 68 5.86 -13.77 -14.40
CA HIS A 68 6.85 -14.30 -14.97
CA HIS A 68 6.37 -15.09 -14.73
C HIS A 68 6.76 -13.98 -16.45
C HIS A 68 6.47 -15.31 -16.25
N GLY A 69 7.25 -14.85 -17.31
N GLY A 69 6.92 -14.31 -16.98
CA GLY A 69 7.12 -14.62 -18.73
CA GLY A 69 6.99 -14.44 -18.44
C GLY A 69 7.86 -13.42 -19.32
C GLY A 69 7.78 -13.40 -19.20
N SER A 70 8.85 -12.89 -18.60
CA SER A 70 9.70 -11.82 -19.15
CA SER A 70 9.60 -11.80 -19.23
C SER A 70 10.30 -12.21 -20.52
N MSE A 71 10.62 -13.49 -20.70
CA MSE A 71 11.19 -13.94 -21.96
C MSE A 71 10.25 -13.71 -23.15
O MSE A 71 10.71 -13.67 -24.28
CB MSE A 71 11.69 -15.39 -21.89
CG MSE A 71 13.10 -15.56 -21.32
SE MSE A 71 14.49 -14.60 -22.24
CE MSE A 71 14.07 -15.07 -24.09
N LEU A 72 8.94 -13.58 -22.90
CA LEU A 72 8.03 -13.24 -24.03
C LEU A 72 8.48 -11.91 -24.64
N LEU A 73 8.70 -10.92 -23.79
CA LEU A 73 9.03 -9.57 -24.27
C LEU A 73 10.45 -9.58 -24.85
N TYR A 74 11.39 -10.24 -24.19
CA TYR A 74 12.74 -10.24 -24.73
C TYR A 74 12.82 -10.97 -26.06
N SER A 75 12.05 -12.05 -26.18
CA SER A 75 11.96 -12.72 -27.47
C SER A 75 11.44 -11.79 -28.57
N LEU A 76 10.38 -11.03 -28.27
CA LEU A 76 9.77 -10.15 -29.27
C LEU A 76 10.75 -9.07 -29.70
N LEU A 77 11.43 -8.49 -28.73
CA LEU A 77 12.38 -7.41 -29.03
C LEU A 77 13.56 -7.95 -29.86
N HIS A 78 14.06 -9.15 -29.51
CA HIS A 78 15.19 -9.72 -30.24
C HIS A 78 14.76 -10.03 -31.69
N LEU A 79 13.65 -10.72 -31.83
CA LEU A 79 13.24 -11.23 -33.14
C LEU A 79 12.95 -10.07 -34.10
N THR A 80 12.36 -9.00 -33.58
CA THR A 80 11.99 -7.86 -34.45
C THR A 80 13.15 -6.92 -34.75
N GLY A 81 14.28 -7.14 -34.10
CA GLY A 81 15.50 -6.41 -34.47
C GLY A 81 15.93 -5.25 -33.59
N TYR A 82 15.42 -5.22 -32.35
CA TYR A 82 15.94 -4.25 -31.39
C TYR A 82 17.36 -4.64 -31.00
N ASP A 83 18.07 -3.72 -30.35
CA ASP A 83 19.42 -4.02 -29.89
C ASP A 83 19.37 -4.84 -28.60
N LEU A 84 18.96 -6.11 -28.75
CA LEU A 84 18.89 -7.09 -27.67
C LEU A 84 19.32 -8.40 -28.36
N SER A 85 20.47 -8.92 -27.97
CA SER A 85 21.16 -9.95 -28.77
C SER A 85 20.84 -11.34 -28.29
N ILE A 86 21.22 -12.32 -29.11
CA ILE A 86 21.14 -13.70 -28.68
C ILE A 86 22.00 -13.94 -27.44
N GLU A 87 23.19 -13.31 -27.38
CA GLU A 87 24.04 -13.44 -26.19
CA GLU A 87 24.00 -13.50 -26.17
C GLU A 87 23.34 -12.90 -24.93
N ASP A 88 22.66 -11.77 -25.10
CA ASP A 88 21.85 -11.15 -23.99
C ASP A 88 20.82 -12.16 -23.50
N ILE A 89 20.16 -12.83 -24.46
CA ILE A 89 19.21 -13.89 -24.14
C ILE A 89 19.86 -15.06 -23.42
N LYS A 90 21.05 -15.44 -23.86
CA LYS A 90 21.83 -16.44 -23.14
C LYS A 90 22.27 -15.97 -21.74
N ASN A 91 22.07 -14.70 -21.40
CA ASN A 91 22.45 -14.25 -20.04
C ASN A 91 21.28 -13.64 -19.27
N PHE A 92 20.12 -14.16 -19.62
CA PHE A 92 18.88 -13.85 -18.93
C PHE A 92 19.12 -14.03 -17.42
N ARG A 93 18.76 -13.00 -16.66
CA ARG A 93 18.90 -12.95 -15.18
C ARG A 93 20.35 -12.87 -14.59
N GLN A 94 21.35 -12.50 -15.40
CA GLN A 94 22.73 -12.33 -14.87
C GLN A 94 23.13 -10.84 -14.77
N LEU A 95 24.29 -10.56 -14.19
CA LEU A 95 24.76 -9.18 -13.96
C LEU A 95 24.65 -8.17 -15.13
N HIS A 96 23.92 -7.07 -14.88
CA HIS A 96 23.93 -5.84 -15.72
C HIS A 96 23.27 -5.92 -17.06
N SER A 97 22.89 -7.14 -17.41
CA SER A 97 22.34 -7.39 -18.69
C SER A 97 21.09 -6.55 -19.03
N LYS A 98 20.85 -6.57 -20.31
CA LYS A 98 19.64 -6.13 -20.88
C LYS A 98 18.50 -7.08 -20.60
N THR A 99 18.78 -8.20 -19.94
CA THR A 99 17.73 -9.19 -19.71
C THR A 99 17.51 -9.60 -18.26
N PRO A 100 17.18 -8.62 -17.38
CA PRO A 100 16.87 -8.94 -15.98
C PRO A 100 15.60 -9.81 -15.86
N GLY A 101 15.46 -10.50 -14.73
CA GLY A 101 14.32 -11.38 -14.54
C GLY A 101 12.94 -10.75 -14.66
N HIS A 102 12.81 -9.48 -14.30
CA HIS A 102 11.61 -8.71 -14.59
C HIS A 102 12.02 -7.53 -15.45
N PRO A 103 11.23 -7.20 -16.47
CA PRO A 103 11.67 -6.12 -17.39
C PRO A 103 11.79 -4.78 -16.67
N GLU A 104 12.82 -4.02 -17.02
CA GLU A 104 13.13 -2.74 -16.38
C GLU A 104 13.17 -1.67 -17.46
N TYR A 105 12.48 -0.58 -17.20
CA TYR A 105 12.56 0.56 -18.08
C TYR A 105 13.88 1.29 -17.86
N GLY A 106 14.47 1.74 -18.96
CA GLY A 106 15.52 2.77 -18.92
C GLY A 106 16.78 2.40 -19.67
N TYR A 107 17.01 1.11 -19.88
CA TYR A 107 18.22 0.69 -20.59
C TYR A 107 17.90 -0.30 -21.73
N THR A 108 17.18 -1.38 -21.39
CA THR A 108 16.81 -2.35 -22.40
C THR A 108 15.96 -1.63 -23.45
N PRO A 109 16.37 -1.65 -24.73
CA PRO A 109 15.56 -0.95 -25.72
C PRO A 109 14.18 -1.57 -25.91
N GLY A 110 13.16 -0.72 -25.90
CA GLY A 110 11.79 -1.14 -26.12
C GLY A 110 11.02 -1.58 -24.90
N VAL A 111 11.65 -1.55 -23.73
CA VAL A 111 10.89 -1.89 -22.51
C VAL A 111 10.25 -0.59 -21.99
N GLU A 112 8.91 -0.55 -21.94
CA GLU A 112 8.19 0.72 -21.71
C GLU A 112 7.99 1.06 -20.23
N THR A 113 8.07 0.06 -19.35
CA THR A 113 7.84 0.31 -17.92
C THR A 113 8.49 -0.82 -17.15
N THR A 114 8.60 -0.68 -15.84
CA THR A 114 9.19 -1.71 -15.01
C THR A 114 8.05 -2.42 -14.31
N THR A 115 7.98 -3.72 -14.52
CA THR A 115 6.91 -4.52 -13.99
C THR A 115 7.48 -5.59 -13.06
N GLY A 116 6.60 -6.28 -12.36
CA GLY A 116 7.01 -7.22 -11.34
C GLY A 116 5.85 -7.27 -10.38
N PRO A 117 5.64 -6.16 -9.67
CA PRO A 117 4.54 -6.11 -8.71
C PRO A 117 3.23 -6.13 -9.49
N LEU A 118 2.35 -7.08 -9.21
CA LEU A 118 1.21 -7.27 -10.09
C LEU A 118 0.17 -6.17 -10.03
N GLY A 119 -0.54 -6.01 -11.13
CA GLY A 119 -1.60 -5.02 -11.25
C GLY A 119 -1.10 -3.69 -11.77
N GLN A 120 0.12 -3.31 -11.41
CA GLN A 120 0.58 -1.94 -11.75
C GLN A 120 0.86 -1.74 -13.22
N GLY A 121 1.22 -2.80 -13.93
CA GLY A 121 1.45 -2.64 -15.36
C GLY A 121 0.19 -2.17 -16.09
N VAL A 122 -0.95 -2.70 -15.68
CA VAL A 122 -2.24 -2.31 -16.28
C VAL A 122 -2.48 -0.84 -15.99
N ALA A 123 -2.24 -0.40 -14.76
CA ALA A 123 -2.44 1.02 -14.45
C ALA A 123 -1.47 1.91 -15.19
N ASN A 124 -0.21 1.45 -15.33
CA ASN A 124 0.74 2.24 -16.14
C ASN A 124 0.23 2.38 -17.57
N ALA A 125 -0.30 1.30 -18.12
CA ALA A 125 -0.84 1.36 -19.51
C ALA A 125 -2.03 2.32 -19.64
N VAL A 126 -2.88 2.31 -18.62
CA VAL A 126 -3.95 3.31 -18.58
C VAL A 126 -3.41 4.72 -18.62
N GLY A 127 -2.34 4.98 -17.88
CA GLY A 127 -1.71 6.29 -17.84
C GLY A 127 -1.11 6.61 -19.21
N MSE A 128 -0.52 5.61 -19.87
CA MSE A 128 0.04 5.87 -21.21
C MSE A 128 -1.04 6.21 -22.25
O MSE A 128 -0.88 7.11 -23.10
CB MSE A 128 0.88 4.66 -21.65
CG MSE A 128 2.16 4.57 -20.84
SE MSE A 128 3.11 2.96 -21.48
CE MSE A 128 4.30 2.70 -19.89
N ALA A 129 -2.15 5.48 -22.17
CA ALA A 129 -3.27 5.76 -23.07
C ALA A 129 -3.86 7.14 -22.78
N LEU A 130 -3.98 7.49 -21.48
CA LEU A 130 -4.38 8.87 -21.17
C LEU A 130 -3.41 9.91 -21.71
N GLY A 131 -2.11 9.63 -21.63
CA GLY A 131 -1.10 10.52 -22.22
C GLY A 131 -1.32 10.80 -23.70
N GLU A 132 -1.55 9.74 -24.46
CA GLU A 132 -1.77 9.88 -25.90
C GLU A 132 -2.98 10.78 -26.17
N LYS A 133 -4.04 10.56 -25.40
CA LYS A 133 -5.28 11.36 -25.47
CA LYS A 133 -5.26 11.36 -25.52
C LYS A 133 -4.98 12.82 -25.18
N LEU A 134 -4.25 13.06 -24.11
CA LEU A 134 -3.92 14.44 -23.73
C LEU A 134 -3.03 15.15 -24.76
N LEU A 135 -1.99 14.49 -25.26
CA LEU A 135 -1.09 15.16 -26.21
C LEU A 135 -1.79 15.35 -27.56
N SER A 136 -2.57 14.37 -28.00
CA SER A 136 -3.28 14.54 -29.26
C SER A 136 -4.23 15.75 -29.16
N ASP A 137 -4.90 15.90 -28.02
CA ASP A 137 -5.78 17.05 -27.80
CA ASP A 137 -5.79 17.03 -27.85
C ASP A 137 -5.02 18.37 -27.84
N ARG A 138 -3.85 18.39 -27.20
CA ARG A 138 -3.04 19.60 -27.09
CA ARG A 138 -3.06 19.60 -27.09
C ARG A 138 -2.46 20.05 -28.43
N TYR A 139 -2.07 19.08 -29.25
CA TYR A 139 -1.27 19.43 -30.43
C TYR A 139 -1.84 19.09 -31.80
N ASN A 140 -2.78 18.17 -31.90
CA ASN A 140 -3.38 17.90 -33.21
C ASN A 140 -4.30 19.07 -33.64
N THR A 141 -4.47 19.22 -34.96
CA THR A 141 -5.43 20.18 -35.51
C THR A 141 -6.29 19.48 -36.54
N PRO A 142 -7.35 20.15 -37.02
CA PRO A 142 -8.18 19.44 -37.98
C PRO A 142 -7.40 19.05 -39.23
N ASP A 143 -6.35 19.79 -39.55
CA ASP A 143 -5.55 19.48 -40.75
C ASP A 143 -4.35 18.56 -40.54
N LEU A 144 -3.99 18.22 -39.30
CA LEU A 144 -2.72 17.58 -39.04
C LEU A 144 -2.70 16.85 -37.73
N LYS A 145 -2.59 15.52 -37.78
CA LYS A 145 -2.41 14.76 -36.54
C LYS A 145 -0.94 14.43 -36.39
N VAL A 146 -0.33 14.92 -35.31
CA VAL A 146 1.05 14.53 -35.03
CA VAL A 146 1.05 14.56 -34.99
C VAL A 146 1.13 13.41 -33.98
N ILE A 147 0.09 13.26 -33.16
CA ILE A 147 0.05 12.15 -32.20
C ILE A 147 -1.20 11.31 -32.48
N ASP A 148 -1.02 10.01 -32.74
CA ASP A 148 -2.15 9.16 -33.08
C ASP A 148 -1.68 7.73 -33.04
N HIS A 149 -1.88 7.03 -31.92
CA HIS A 149 -1.43 5.64 -31.84
C HIS A 149 -2.16 4.88 -30.73
N HIS A 150 -1.95 3.57 -30.66
CA HIS A 150 -2.64 2.73 -29.66
C HIS A 150 -1.78 2.40 -28.46
N THR A 151 -2.43 1.85 -27.45
CA THR A 151 -1.73 1.34 -26.28
C THR A 151 -2.22 -0.08 -26.09
N TYR A 152 -1.27 -1.03 -25.99
CA TYR A 152 -1.63 -2.44 -25.81
C TYR A 152 -1.07 -2.95 -24.51
N VAL A 153 -1.84 -3.74 -23.76
CA VAL A 153 -1.30 -4.36 -22.53
C VAL A 153 -1.68 -5.86 -22.44
N PHE A 154 -0.71 -6.71 -22.08
CA PHE A 154 -1.00 -8.13 -21.77
C PHE A 154 -1.13 -8.24 -20.23
N LEU A 155 -2.14 -8.97 -19.79
CA LEU A 155 -2.40 -9.10 -18.32
C LEU A 155 -2.85 -10.51 -18.01
N GLY A 156 -2.68 -10.91 -16.75
CA GLY A 156 -3.07 -12.26 -16.33
C GLY A 156 -4.04 -12.26 -15.15
N ASP A 157 -4.36 -13.46 -14.69
CA ASP A 157 -5.32 -13.61 -13.58
C ASP A 157 -4.88 -12.85 -12.31
N GLY A 158 -3.60 -12.95 -11.98
CA GLY A 158 -3.08 -12.28 -10.79
C GLY A 158 -3.32 -10.78 -10.88
N OCS A 159 -3.07 -10.20 -12.06
CA OCS A 159 -3.35 -8.77 -12.25
CB OCS A 159 -3.01 -8.32 -13.69
SG OCS A 159 -1.32 -8.59 -14.16
C OCS A 159 -4.79 -8.44 -11.98
O OCS A 159 -5.10 -7.41 -11.32
OD1 OCS A 159 -0.47 -7.88 -13.30
OD2 OCS A 159 -1.19 -8.13 -15.53
OD3 OCS A 159 -1.02 -9.96 -14.08
N LEU A 160 -5.70 -9.29 -12.46
CA LEU A 160 -7.12 -9.03 -12.31
C LEU A 160 -7.60 -9.18 -10.85
N MSE A 161 -6.91 -9.99 -10.07
CA MSE A 161 -7.27 -10.15 -8.63
C MSE A 161 -6.88 -8.92 -7.84
O MSE A 161 -7.53 -8.57 -6.84
CB MSE A 161 -6.60 -11.40 -8.05
CG MSE A 161 -7.33 -12.66 -8.47
SE MSE A 161 -6.55 -14.25 -7.70
CE MSE A 161 -5.77 -14.95 -9.31
N GLU A 162 -5.80 -8.26 -8.26
CA GLU A 162 -5.29 -7.09 -7.52
C GLU A 162 -6.27 -5.92 -7.54
N GLY A 163 -6.43 -5.28 -6.38
CA GLY A 163 -7.35 -4.15 -6.33
C GLY A 163 -6.93 -2.99 -7.23
N VAL A 164 -5.64 -2.83 -7.49
CA VAL A 164 -5.23 -1.68 -8.34
C VAL A 164 -5.79 -1.85 -9.76
N SER A 165 -6.06 -3.10 -10.18
CA SER A 165 -6.69 -3.30 -11.50
C SER A 165 -8.14 -2.76 -11.50
N HIS A 166 -8.87 -2.92 -10.38
CA HIS A 166 -10.22 -2.37 -10.24
C HIS A 166 -10.17 -0.86 -10.35
N GLU A 167 -9.24 -0.23 -9.65
CA GLU A 167 -9.12 1.23 -9.68
C GLU A 167 -8.80 1.74 -11.08
N ALA A 168 -7.77 1.16 -11.69
CA ALA A 168 -7.33 1.67 -12.99
C ALA A 168 -8.34 1.39 -14.11
N CYS A 169 -8.94 0.19 -14.10
CA CYS A 169 -9.83 -0.16 -15.22
C CYS A 169 -11.20 0.51 -15.07
N SER A 170 -11.67 0.70 -13.84
CA SER A 170 -12.90 1.48 -13.63
C SER A 170 -12.70 2.89 -14.19
N LEU A 171 -11.59 3.51 -13.84
CA LEU A 171 -11.29 4.83 -14.38
C LEU A 171 -11.10 4.87 -15.90
N ALA A 172 -10.40 3.89 -16.49
CA ALA A 172 -10.23 3.82 -17.95
C ALA A 172 -11.59 3.83 -18.66
N GLY A 173 -12.56 3.14 -18.06
CA GLY A 173 -13.91 3.05 -18.64
C GLY A 173 -14.62 4.38 -18.57
N THR A 174 -14.53 5.06 -17.44
CA THR A 174 -15.16 6.39 -17.30
C THR A 174 -14.58 7.41 -18.28
N LEU A 175 -13.28 7.32 -18.50
CA LEU A 175 -12.58 8.26 -19.37
C LEU A 175 -12.70 7.92 -20.86
N GLY A 176 -13.22 6.74 -21.22
CA GLY A 176 -13.46 6.41 -22.62
C GLY A 176 -12.17 6.31 -23.43
N LEU A 177 -11.20 5.56 -22.92
CA LEU A 177 -9.89 5.44 -23.57
C LEU A 177 -9.96 4.41 -24.69
N ASN A 178 -10.55 4.79 -25.81
CA ASN A 178 -10.86 3.81 -26.83
C ASN A 178 -9.65 3.24 -27.56
N LYS A 179 -8.48 3.86 -27.42
CA LYS A 179 -7.29 3.36 -28.10
C LYS A 179 -6.48 2.39 -27.21
N LEU A 180 -6.99 2.11 -26.01
CA LEU A 180 -6.41 1.11 -25.08
C LEU A 180 -7.02 -0.27 -25.33
N VAL A 181 -6.17 -1.24 -25.65
CA VAL A 181 -6.61 -2.61 -25.92
C VAL A 181 -5.83 -3.55 -25.02
N ALA A 182 -6.56 -4.27 -24.18
CA ALA A 182 -5.96 -5.21 -23.23
C ALA A 182 -6.22 -6.67 -23.66
N PHE A 183 -5.24 -7.54 -23.44
CA PHE A 183 -5.35 -8.98 -23.74
C PHE A 183 -5.19 -9.73 -22.42
N TRP A 184 -6.24 -10.45 -22.03
CA TRP A 184 -6.21 -11.28 -20.81
C TRP A 184 -5.84 -12.72 -21.18
N ASP A 185 -4.76 -13.20 -20.56
CA ASP A 185 -4.29 -14.60 -20.67
C ASP A 185 -5.19 -15.48 -19.78
N ASP A 186 -6.30 -15.94 -20.35
CA ASP A 186 -7.30 -16.76 -19.61
C ASP A 186 -6.91 -18.23 -19.77
N ASN A 187 -6.03 -18.70 -18.87
CA ASN A 187 -5.44 -20.03 -18.96
C ASN A 187 -5.84 -20.91 -17.79
N ASN A 188 -7.04 -20.67 -17.24
CA ASN A 188 -7.48 -21.39 -16.03
C ASN A 188 -8.96 -21.74 -16.06
N ASP A 194 -5.86 -23.63 -11.66
CA ASP A 194 -6.34 -23.92 -10.32
C ASP A 194 -7.02 -22.71 -9.67
N THR A 195 -6.99 -21.57 -10.36
CA THR A 195 -7.58 -20.33 -9.86
C THR A 195 -9.02 -20.50 -9.34
N LYS A 196 -9.69 -21.58 -9.71
CA LYS A 196 -11.08 -21.78 -9.32
C LYS A 196 -11.30 -21.70 -7.81
N GLY A 197 -10.29 -22.12 -7.05
CA GLY A 197 -10.38 -22.14 -5.59
C GLY A 197 -10.41 -20.76 -4.94
N TRP A 198 -9.90 -19.77 -5.67
CA TRP A 198 -9.76 -18.41 -5.12
C TRP A 198 -10.11 -17.31 -6.12
N PHE A 199 -10.43 -17.69 -7.36
CA PHE A 199 -10.72 -16.70 -8.41
C PHE A 199 -11.86 -17.20 -9.28
N SER A 200 -13.04 -16.63 -9.09
CA SER A 200 -14.22 -17.13 -9.79
C SER A 200 -15.08 -16.02 -10.33
N ASP A 201 -14.50 -14.82 -10.42
CA ASP A 201 -15.15 -13.66 -11.02
C ASP A 201 -15.68 -14.04 -12.41
N ASN A 202 -16.84 -13.48 -12.79
CA ASN A 202 -17.20 -13.42 -14.22
C ASN A 202 -16.47 -12.19 -14.76
N THR A 203 -15.32 -12.40 -15.38
CA THR A 203 -14.48 -11.27 -15.77
C THR A 203 -15.13 -10.43 -16.89
N PRO A 204 -15.71 -11.09 -17.91
CA PRO A 204 -16.41 -10.27 -18.91
C PRO A 204 -17.50 -9.38 -18.36
N GLU A 205 -18.30 -9.91 -17.43
CA GLU A 205 -19.33 -9.12 -16.81
C GLU A 205 -18.75 -7.96 -16.00
N ARG A 206 -17.65 -8.22 -15.29
CA ARG A 206 -17.01 -7.16 -14.53
C ARG A 206 -16.55 -6.04 -15.43
N PHE A 207 -15.92 -6.39 -16.55
CA PHE A 207 -15.40 -5.34 -17.43
C PHE A 207 -16.49 -4.58 -18.19
N ARG A 208 -17.59 -5.25 -18.52
CA ARG A 208 -18.71 -4.50 -19.08
C ARG A 208 -19.26 -3.51 -18.05
N ALA A 209 -19.22 -3.91 -16.75
CA ALA A 209 -19.65 -3.02 -15.68
C ALA A 209 -18.78 -1.76 -15.61
N TYR A 210 -17.54 -1.86 -16.08
CA TYR A 210 -16.66 -0.69 -16.09
C TYR A 210 -16.86 0.12 -17.37
N GLY A 211 -17.75 -0.32 -18.26
CA GLY A 211 -17.90 0.40 -19.53
C GLY A 211 -16.84 0.10 -20.59
N TRP A 212 -16.18 -1.04 -20.48
CA TRP A 212 -15.27 -1.51 -21.54
C TRP A 212 -16.04 -2.31 -22.59
N HIS A 213 -15.51 -2.34 -23.81
CA HIS A 213 -15.97 -3.28 -24.81
C HIS A 213 -15.27 -4.60 -24.54
N VAL A 214 -16.00 -5.71 -24.44
CA VAL A 214 -15.38 -6.99 -24.11
C VAL A 214 -15.56 -7.99 -25.25
N ILE A 215 -14.45 -8.58 -25.70
CA ILE A 215 -14.48 -9.60 -26.74
C ILE A 215 -14.24 -10.93 -26.03
N GLU A 216 -15.30 -11.74 -25.91
CA GLU A 216 -15.22 -13.01 -25.19
C GLU A 216 -14.73 -14.12 -26.08
N ASN A 217 -14.20 -15.16 -25.43
CA ASN A 217 -14.03 -16.47 -26.07
C ASN A 217 -13.18 -16.44 -27.34
N VAL A 218 -12.04 -15.78 -27.27
CA VAL A 218 -11.11 -15.75 -28.40
C VAL A 218 -10.14 -16.92 -28.23
N ASP A 219 -10.07 -17.79 -29.23
CA ASP A 219 -9.09 -18.86 -29.21
C ASP A 219 -7.71 -18.28 -29.35
N GLY A 220 -6.93 -18.32 -28.27
CA GLY A 220 -5.60 -17.70 -28.25
C GLY A 220 -4.54 -18.49 -28.99
N HIS A 221 -4.91 -19.63 -29.57
CA HIS A 221 -4.00 -20.35 -30.44
C HIS A 221 -4.43 -20.36 -31.92
N ASP A 222 -5.42 -19.54 -32.24
CA ASP A 222 -5.96 -19.45 -33.59
C ASP A 222 -5.60 -18.05 -34.15
N PHE A 223 -4.61 -18.03 -35.04
CA PHE A 223 -4.10 -16.75 -35.57
C PHE A 223 -5.19 -15.89 -36.20
N VAL A 224 -6.11 -16.53 -36.93
CA VAL A 224 -7.18 -15.78 -37.60
C VAL A 224 -8.16 -15.19 -36.60
N ALA A 225 -8.54 -15.94 -35.56
CA ALA A 225 -9.41 -15.40 -34.54
C ALA A 225 -8.79 -14.22 -33.82
N ILE A 226 -7.47 -14.30 -33.55
CA ILE A 226 -6.81 -13.23 -32.81
C ILE A 226 -6.83 -11.96 -33.67
N GLU A 227 -6.55 -12.13 -34.95
CA GLU A 227 -6.53 -11.00 -35.87
C GLU A 227 -7.92 -10.34 -35.94
N LYS A 228 -8.97 -11.14 -36.06
CA LYS A 228 -10.31 -10.55 -36.06
C LYS A 228 -10.64 -9.76 -34.80
N ALA A 229 -10.22 -10.27 -33.64
CA ALA A 229 -10.48 -9.59 -32.37
C ALA A 229 -9.79 -8.23 -32.33
N ILE A 230 -8.53 -8.20 -32.80
CA ILE A 230 -7.81 -6.92 -32.85
C ILE A 230 -8.50 -5.93 -33.82
N ASN A 231 -8.96 -6.42 -34.98
CA ASN A 231 -9.73 -5.57 -35.91
C ASN A 231 -10.95 -4.96 -35.21
N GLU A 232 -11.65 -5.81 -34.44
CA GLU A 232 -12.84 -5.35 -33.72
C GLU A 232 -12.48 -4.30 -32.69
N ALA A 233 -11.38 -4.55 -31.97
CA ALA A 233 -10.91 -3.57 -30.99
C ALA A 233 -10.58 -2.25 -31.64
N HIS A 234 -9.94 -2.29 -32.80
CA HIS A 234 -9.63 -1.04 -33.51
C HIS A 234 -10.82 -0.21 -33.97
N SER A 235 -11.95 -0.87 -34.15
CA SER A 235 -13.13 -0.18 -34.62
C SER A 235 -13.83 0.60 -33.50
N GLN A 236 -13.45 0.37 -32.23
CA GLN A 236 -14.09 1.05 -31.10
C GLN A 236 -13.82 2.53 -31.06
N GLN A 237 -14.88 3.32 -31.03
CA GLN A 237 -14.76 4.78 -31.01
C GLN A 237 -14.88 5.39 -29.63
N GLN A 238 -15.39 4.63 -28.66
CA GLN A 238 -15.72 5.20 -27.36
C GLN A 238 -15.13 4.46 -26.16
N LYS A 239 -14.99 3.14 -26.24
CA LYS A 239 -14.62 2.36 -25.04
C LYS A 239 -13.29 1.65 -25.21
N PRO A 240 -12.51 1.50 -24.13
CA PRO A 240 -11.34 0.62 -24.17
C PRO A 240 -11.81 -0.82 -24.32
N THR A 241 -10.96 -1.69 -24.86
CA THR A 241 -11.38 -3.08 -25.14
C THR A 241 -10.57 -4.09 -24.34
N LEU A 242 -11.26 -5.11 -23.81
CA LEU A 242 -10.61 -6.28 -23.19
C LEU A 242 -10.85 -7.50 -24.10
N ILE A 243 -9.76 -8.11 -24.57
CA ILE A 243 -9.82 -9.32 -25.40
C ILE A 243 -9.52 -10.53 -24.50
N CYS A 244 -10.51 -11.42 -24.35
CA CYS A 244 -10.40 -12.52 -23.40
C CYS A 244 -9.85 -13.69 -24.20
N CYS A 245 -8.58 -14.00 -23.98
CA CYS A 245 -7.87 -14.97 -24.79
C CYS A 245 -7.73 -16.29 -24.08
N LYS A 246 -8.46 -17.31 -24.55
CA LYS A 246 -8.35 -18.66 -23.97
C LYS A 246 -7.04 -19.30 -24.43
N THR A 247 -6.16 -19.63 -23.49
CA THR A 247 -4.86 -20.19 -23.82
C THR A 247 -4.56 -21.41 -22.97
N VAL A 248 -3.60 -22.19 -23.46
CA VAL A 248 -3.05 -23.32 -22.73
C VAL A 248 -1.67 -22.93 -22.22
N ILE A 249 -1.53 -22.82 -20.91
CA ILE A 249 -0.19 -22.51 -20.37
C ILE A 249 0.76 -23.64 -20.75
N GLY A 250 1.97 -23.30 -21.17
CA GLY A 250 2.92 -24.31 -21.60
C GLY A 250 2.57 -25.04 -22.90
N PHE A 251 1.78 -24.39 -23.75
CA PHE A 251 1.36 -24.93 -25.04
C PHE A 251 2.54 -25.46 -25.83
N GLY A 252 2.46 -26.71 -26.26
CA GLY A 252 3.52 -27.32 -27.05
C GLY A 252 4.25 -28.40 -26.28
N SER A 253 4.12 -28.37 -24.96
CA SER A 253 4.73 -29.40 -24.10
C SER A 253 3.70 -30.48 -23.76
N PRO A 254 3.87 -31.69 -24.34
CA PRO A 254 2.95 -32.76 -24.01
C PRO A 254 2.90 -33.04 -22.50
N GLU A 255 4.05 -32.90 -21.85
CA GLU A 255 4.16 -33.21 -20.41
C GLU A 255 3.71 -32.07 -19.48
N LYS A 256 3.95 -30.84 -19.90
CA LYS A 256 3.78 -29.68 -19.02
C LYS A 256 2.60 -28.77 -19.37
N ALA A 257 2.04 -28.92 -20.56
CA ALA A 257 0.95 -28.05 -20.98
C ALA A 257 -0.21 -28.11 -19.97
N GLY A 258 -0.60 -26.94 -19.45
CA GLY A 258 -1.75 -26.81 -18.56
C GLY A 258 -1.56 -27.15 -17.08
N THR A 259 -0.32 -27.14 -16.59
CA THR A 259 -0.07 -27.54 -15.20
C THR A 259 0.19 -26.41 -14.20
N ALA A 260 0.70 -25.27 -14.69
CA ALA A 260 1.03 -24.17 -13.79
C ALA A 260 2.24 -24.52 -12.89
N SER A 261 2.68 -25.77 -12.96
CA SER A 261 4.00 -26.13 -12.46
C SER A 261 4.99 -25.60 -13.51
N VAL A 262 4.54 -25.55 -14.76
CA VAL A 262 5.28 -24.90 -15.84
C VAL A 262 5.22 -23.36 -15.65
N HIS A 263 4.34 -22.94 -14.76
CA HIS A 263 4.28 -21.53 -14.33
C HIS A 263 5.37 -21.27 -13.29
N GLY A 264 6.05 -22.35 -12.89
CA GLY A 264 7.17 -22.28 -11.96
C GLY A 264 8.49 -22.58 -12.65
N SER A 265 9.07 -23.75 -12.34
CA SER A 265 10.40 -24.13 -12.82
C SER A 265 10.56 -24.17 -14.35
N PRO A 266 11.82 -24.02 -14.83
CA PRO A 266 12.19 -24.29 -16.22
C PRO A 266 12.02 -25.76 -16.59
N LEU A 267 12.00 -26.05 -17.89
CA LEU A 267 11.90 -27.41 -18.39
C LEU A 267 13.23 -28.16 -18.28
N SER A 268 13.16 -29.48 -18.13
CA SER A 268 14.36 -30.32 -18.17
C SER A 268 14.85 -30.40 -19.60
N ASP A 269 16.05 -30.94 -19.80
CA ASP A 269 16.57 -31.16 -21.15
C ASP A 269 15.65 -32.07 -21.95
N GLN A 270 15.10 -33.08 -21.29
CA GLN A 270 14.27 -34.06 -21.97
C GLN A 270 12.92 -33.48 -22.38
N GLU A 271 12.39 -32.59 -21.57
CA GLU A 271 11.12 -31.97 -21.86
C GLU A 271 11.25 -31.00 -23.02
N ARG A 272 12.42 -30.38 -23.14
CA ARG A 272 12.68 -29.46 -24.24
C ARG A 272 12.65 -30.22 -25.55
N ALA A 273 13.36 -31.36 -25.61
CA ALA A 273 13.40 -32.21 -26.79
C ALA A 273 12.01 -32.75 -27.15
N SER A 274 11.23 -33.07 -26.13
CA SER A 274 9.85 -33.52 -26.32
C SER A 274 8.94 -32.42 -26.87
N ALA A 275 9.09 -31.20 -26.35
CA ALA A 275 8.38 -30.04 -26.89
C ALA A 275 8.77 -29.79 -28.35
N ALA A 276 10.05 -29.97 -28.68
CA ALA A 276 10.52 -29.78 -30.04
C ALA A 276 9.95 -30.82 -31.02
N LYS A 277 9.80 -32.06 -30.55
CA LYS A 277 9.13 -33.10 -31.32
C LYS A 277 7.66 -32.74 -31.54
N GLU A 278 6.95 -32.42 -30.47
CA GLU A 278 5.54 -32.11 -30.57
C GLU A 278 5.28 -30.96 -31.58
N LEU A 279 6.19 -30.00 -31.65
CA LEU A 279 5.95 -28.78 -32.42
C LEU A 279 6.68 -28.78 -33.76
N ASN A 280 7.36 -29.89 -34.07
CA ASN A 280 8.17 -29.97 -35.28
C ASN A 280 9.19 -28.85 -35.35
N TRP A 281 9.86 -28.57 -34.23
CA TRP A 281 10.92 -27.55 -34.18
C TRP A 281 12.27 -28.28 -34.37
N ASP A 282 12.97 -27.95 -35.45
CA ASP A 282 14.17 -28.70 -35.90
C ASP A 282 15.48 -28.18 -35.31
N TYR A 283 15.41 -27.15 -34.47
CA TYR A 283 16.60 -26.36 -34.12
C TYR A 283 17.11 -26.57 -32.69
N GLN A 284 18.42 -26.54 -32.50
CA GLN A 284 19.01 -26.69 -31.18
C GLN A 284 18.89 -25.40 -30.35
N ALA A 285 19.37 -25.45 -29.11
CA ALA A 285 19.22 -24.33 -28.19
C ALA A 285 19.71 -23.02 -28.79
N PHE A 286 18.84 -22.02 -28.72
CA PHE A 286 19.11 -20.65 -29.15
C PHE A 286 19.29 -20.47 -30.67
N GLU A 287 19.12 -21.55 -31.42
CA GLU A 287 19.23 -21.49 -32.90
C GLU A 287 17.89 -21.05 -33.52
N ILE A 288 17.93 -19.97 -34.29
CA ILE A 288 16.74 -19.45 -35.00
C ILE A 288 17.12 -19.38 -36.49
N PRO A 289 16.38 -20.07 -37.37
CA PRO A 289 16.83 -20.09 -38.77
C PRO A 289 16.59 -18.75 -39.43
N GLN A 290 17.36 -18.46 -40.48
CA GLN A 290 17.32 -17.16 -41.14
CA GLN A 290 17.31 -17.16 -41.11
C GLN A 290 15.94 -16.85 -41.69
N ASP A 291 15.23 -17.87 -42.14
CA ASP A 291 13.85 -17.74 -42.64
CA ASP A 291 13.91 -17.61 -42.67
C ASP A 291 12.93 -17.11 -41.59
N VAL A 292 13.12 -17.52 -40.33
CA VAL A 292 12.31 -17.02 -39.23
C VAL A 292 12.69 -15.58 -38.89
N TYR A 293 13.99 -15.28 -38.83
CA TYR A 293 14.40 -13.89 -38.66
C TYR A 293 13.86 -13.03 -39.79
N LYS A 294 13.83 -13.57 -41.01
CA LYS A 294 13.33 -12.77 -42.15
C LYS A 294 11.87 -12.34 -41.99
N TYR A 295 11.01 -13.25 -41.54
CA TYR A 295 9.62 -12.90 -41.22
C TYR A 295 9.54 -11.88 -40.10
N TRP A 296 10.30 -12.10 -39.03
CA TRP A 296 10.16 -11.24 -37.86
C TRP A 296 10.79 -9.84 -37.92
N ASP A 297 11.89 -9.69 -38.66
CA ASP A 297 12.65 -8.45 -38.53
C ASP A 297 11.83 -7.29 -39.03
N ALA A 298 11.76 -6.27 -38.19
CA ALA A 298 10.89 -5.13 -38.42
C ALA A 298 11.70 -3.84 -38.68
N ARG A 299 12.98 -3.96 -39.00
CA ARG A 299 13.81 -2.78 -39.20
CA ARG A 299 13.82 -2.78 -39.19
C ARG A 299 13.46 -1.97 -40.44
N GLU A 300 13.25 -2.64 -41.57
CA GLU A 300 12.92 -1.93 -42.80
C GLU A 300 11.53 -1.31 -42.72
N LYS A 301 10.55 -2.08 -42.29
CA LYS A 301 9.20 -1.60 -42.15
C LYS A 301 9.13 -0.46 -41.13
N GLY A 302 9.89 -0.58 -40.04
CA GLY A 302 9.85 0.42 -38.98
C GLY A 302 10.46 1.75 -39.40
N GLN A 303 11.56 1.68 -40.13
CA GLN A 303 12.12 2.89 -40.74
C GLN A 303 11.11 3.58 -41.67
N ALA A 304 10.38 2.81 -42.46
CA ALA A 304 9.38 3.36 -43.35
C ALA A 304 8.22 4.00 -42.58
N LEU A 305 7.83 3.35 -41.48
CA LEU A 305 6.72 3.87 -40.68
C LEU A 305 7.09 5.20 -40.06
N GLU A 306 8.28 5.28 -39.47
CA GLU A 306 8.71 6.54 -38.89
C GLU A 306 8.90 7.59 -39.97
N ALA A 307 9.45 7.21 -41.14
CA ALA A 307 9.60 8.17 -42.22
C ALA A 307 8.26 8.76 -42.65
N ASN A 308 7.24 7.91 -42.71
CA ASN A 308 5.91 8.39 -43.08
C ASN A 308 5.43 9.42 -42.05
N TRP A 309 5.59 9.11 -40.76
CA TRP A 309 5.19 10.01 -39.67
C TRP A 309 6.02 11.32 -39.67
N GLN A 310 7.27 11.22 -40.10
CA GLN A 310 8.14 12.39 -40.14
C GLN A 310 7.55 13.43 -41.10
N GLY A 311 6.81 12.96 -42.10
CA GLY A 311 6.09 13.84 -43.02
C GLY A 311 5.10 14.72 -42.27
N GLN A 312 4.38 14.11 -41.33
CA GLN A 312 3.50 14.86 -40.44
C GLN A 312 4.25 15.81 -39.55
N ARG A 313 5.35 15.38 -38.97
CA ARG A 313 6.11 16.27 -38.09
C ARG A 313 6.63 17.49 -38.88
N ASN A 314 7.02 17.25 -40.12
CA ASN A 314 7.52 18.35 -40.97
C ASN A 314 6.39 19.36 -41.27
N LEU A 315 5.19 18.85 -41.46
CA LEU A 315 4.02 19.73 -41.66
C LEU A 315 3.71 20.58 -40.43
N PHE A 316 4.14 20.12 -39.25
CA PHE A 316 3.90 20.75 -37.96
C PHE A 316 4.94 21.83 -37.67
N LYS A 317 6.05 21.81 -38.40
CA LYS A 317 7.12 22.77 -38.17
C LYS A 317 6.59 24.20 -38.32
N ASP A 318 7.01 25.07 -37.41
CA ASP A 318 6.64 26.50 -37.46
C ASP A 318 5.17 26.78 -37.13
N SER A 319 4.40 25.76 -36.76
CA SER A 319 3.00 26.02 -36.36
C SER A 319 3.00 26.66 -34.98
N PRO A 320 1.87 27.28 -34.56
CA PRO A 320 1.82 28.07 -33.33
C PRO A 320 2.31 27.38 -32.06
N LYS A 321 1.99 26.10 -31.90
CA LYS A 321 2.35 25.34 -30.70
C LYS A 321 3.58 24.46 -30.92
N PHE A 322 4.21 24.58 -32.08
CA PHE A 322 5.44 23.81 -32.36
C PHE A 322 6.56 24.01 -31.32
N ASP A 323 6.87 25.25 -30.96
CA ASP A 323 7.94 25.47 -29.99
C ASP A 323 7.62 24.85 -28.63
N GLU A 324 6.35 24.98 -28.21
CA GLU A 324 5.93 24.35 -26.95
C GLU A 324 6.06 22.83 -27.02
N PHE A 325 5.63 22.23 -28.12
CA PHE A 325 5.72 20.77 -28.30
C PHE A 325 7.16 20.31 -28.14
N GLU A 326 8.07 20.97 -28.85
CA GLU A 326 9.50 20.63 -28.74
C GLU A 326 9.96 20.78 -27.29
N ARG A 327 9.56 21.87 -26.65
CA ARG A 327 10.03 22.10 -25.31
C ARG A 327 9.53 21.03 -24.32
N VAL A 328 8.23 20.75 -24.31
CA VAL A 328 7.72 19.77 -23.34
C VAL A 328 8.31 18.37 -23.57
N LEU A 329 8.54 18.02 -24.84
CA LEU A 329 9.15 16.70 -25.11
C LEU A 329 10.60 16.64 -24.62
N SER A 330 11.32 17.74 -24.76
CA SER A 330 12.69 17.86 -24.24
C SER A 330 12.77 17.86 -22.73
N LYS A 331 11.64 18.11 -22.08
CA LYS A 331 11.55 18.16 -20.63
C LYS A 331 12.17 19.41 -20.01
N GLU A 332 12.44 20.43 -20.83
CA GLU A 332 13.04 21.65 -20.30
C GLU A 332 11.95 22.59 -19.80
N LEU A 333 12.28 23.38 -18.77
CA LEU A 333 11.32 24.34 -18.22
C LEU A 333 11.30 25.61 -19.06
N PRO A 334 10.18 26.35 -19.00
CA PRO A 334 10.14 27.58 -19.82
C PRO A 334 11.09 28.65 -19.32
N VAL A 335 11.60 29.48 -20.24
CA VAL A 335 12.64 30.45 -19.90
C VAL A 335 12.15 31.47 -18.88
N GLY A 336 10.86 31.82 -18.97
CA GLY A 336 10.29 32.83 -18.08
C GLY A 336 9.95 32.37 -16.68
N LEU A 337 10.10 31.08 -16.41
CA LEU A 337 9.65 30.53 -15.12
C LEU A 337 10.43 31.14 -13.95
N GLU A 338 11.74 31.22 -14.09
CA GLU A 338 12.58 31.73 -13.02
C GLU A 338 12.16 33.14 -12.56
N SER A 339 11.89 34.03 -13.51
CA SER A 339 11.43 35.39 -13.20
C SER A 339 10.07 35.39 -12.52
N ALA A 340 9.18 34.50 -12.94
CA ALA A 340 7.86 34.44 -12.36
C ALA A 340 7.95 33.98 -10.91
N ILE A 341 8.84 33.03 -10.67
CA ILE A 341 9.08 32.48 -9.32
C ILE A 341 9.69 33.54 -8.42
N ASN A 342 10.70 34.26 -8.90
CA ASN A 342 11.26 35.34 -8.09
C ASN A 342 10.25 36.43 -7.80
N ASP A 343 9.41 36.78 -8.78
CA ASP A 343 8.37 37.77 -8.51
C ASP A 343 7.42 37.30 -7.40
N TYR A 344 7.06 36.02 -7.42
CA TYR A 344 6.17 35.50 -6.39
C TYR A 344 6.82 35.60 -5.00
N ILE A 345 8.09 35.19 -4.94
CA ILE A 345 8.80 35.23 -3.67
C ILE A 345 8.92 36.67 -3.17
N ALA A 346 9.22 37.60 -4.07
CA ALA A 346 9.28 39.02 -3.68
C ALA A 346 7.95 39.50 -3.10
N SER A 347 6.85 39.05 -3.70
CA SER A 347 5.51 39.41 -3.22
CA SER A 347 5.55 39.45 -3.20
C SER A 347 5.28 38.89 -1.81
N GLN A 348 5.71 37.65 -1.56
CA GLN A 348 5.58 37.06 -0.22
C GLN A 348 6.45 37.77 0.82
N LEU A 349 7.62 38.27 0.41
CA LEU A 349 8.47 38.99 1.37
C LEU A 349 7.83 40.33 1.74
N SER A 350 7.17 40.94 0.76
CA SER A 350 6.52 42.24 0.94
C SER A 350 5.24 42.16 1.78
N ASN A 351 4.48 41.08 1.59
CA ASN A 351 3.17 40.95 2.22
C ASN A 351 2.96 39.53 2.76
N PRO A 352 3.62 39.23 3.88
CA PRO A 352 3.57 37.90 4.45
C PRO A 352 2.17 37.53 4.94
N VAL A 353 1.85 36.24 4.80
CA VAL A 353 0.55 35.70 5.19
C VAL A 353 0.72 34.49 6.08
N LYS A 354 -0.24 34.29 7.00
CA LYS A 354 -0.33 33.11 7.84
C LYS A 354 -1.38 32.17 7.25
N VAL A 355 -0.92 31.12 6.58
CA VAL A 355 -1.81 30.20 5.87
C VAL A 355 -1.31 28.76 6.06
N ALA A 356 -2.19 27.78 5.78
CA ALA A 356 -1.76 26.39 5.80
C ALA A 356 -0.83 26.12 4.63
N THR A 357 0.08 25.16 4.74
CA THR A 357 0.92 24.93 3.55
C THR A 357 0.15 24.27 2.40
N ARG A 358 -1.00 23.68 2.70
CA ARG A 358 -1.84 23.22 1.60
C ARG A 358 -2.31 24.40 0.76
N LYS A 359 -2.64 25.51 1.42
CA LYS A 359 -3.01 26.72 0.69
C LYS A 359 -1.79 27.35 0.02
N ALA A 360 -0.64 27.34 0.70
CA ALA A 360 0.59 27.84 0.07
C ALA A 360 0.86 27.08 -1.23
N SER A 361 0.59 25.77 -1.21
CA SER A 361 0.87 24.93 -2.38
C SER A 361 -0.07 25.35 -3.52
N GLN A 362 -1.33 25.55 -3.19
CA GLN A 362 -2.29 26.03 -4.20
C GLN A 362 -1.89 27.37 -4.81
N MSE A 363 -1.38 28.29 -3.99
CA MSE A 363 -0.89 29.60 -4.46
C MSE A 363 0.32 29.42 -5.42
O MSE A 363 0.44 30.09 -6.45
CB MSE A 363 -0.53 30.50 -3.25
CG MSE A 363 -1.65 30.55 -2.18
SE MSE A 363 -0.93 31.39 -0.54
CE MSE A 363 -1.15 32.91 -1.65
N VAL A 364 1.19 28.49 -5.08
CA VAL A 364 2.35 28.21 -5.93
C VAL A 364 1.91 27.62 -7.26
N LEU A 365 0.90 26.74 -7.23
CA LEU A 365 0.45 26.06 -8.45
C LEU A 365 -0.19 27.07 -9.38
N GLU A 366 -0.72 28.15 -8.83
CA GLU A 366 -1.22 29.22 -9.70
C GLU A 366 -0.07 29.73 -10.59
N VAL A 367 1.10 29.96 -9.99
CA VAL A 367 2.26 30.41 -10.73
C VAL A 367 2.79 29.35 -11.72
N LEU A 368 2.99 28.12 -11.24
CA LEU A 368 3.58 27.07 -12.08
C LEU A 368 2.69 26.71 -13.25
N CYS A 369 1.41 26.49 -12.97
CA CYS A 369 0.52 26.04 -14.03
C CYS A 369 0.25 27.12 -15.09
N LYS A 370 0.22 28.40 -14.71
CA LYS A 370 0.12 29.49 -15.69
C LYS A 370 1.26 29.40 -16.71
N ASN A 371 2.41 28.95 -16.24
CA ASN A 371 3.65 28.98 -17.00
C ASN A 371 4.01 27.66 -17.65
N MSE A 372 3.39 26.57 -17.19
CA MSE A 372 3.75 25.21 -17.66
C MSE A 372 2.55 24.43 -18.17
O MSE A 372 1.84 23.77 -17.40
CB MSE A 372 4.39 24.43 -16.51
CG MSE A 372 5.72 25.02 -16.08
SE MSE A 372 6.42 24.26 -14.45
CE MSE A 372 6.64 22.46 -15.16
N PRO A 373 2.32 24.47 -19.49
CA PRO A 373 1.20 23.77 -20.10
C PRO A 373 1.30 22.25 -19.94
N GLU A 374 2.50 21.73 -19.65
CA GLU A 374 2.69 20.29 -19.43
C GLU A 374 2.18 19.81 -18.07
N MSE A 375 1.91 20.70 -17.13
CA MSE A 375 1.50 20.25 -15.80
C MSE A 375 0.12 19.66 -15.86
O MSE A 375 -0.77 20.28 -16.41
CB MSE A 375 1.45 21.42 -14.80
CG MSE A 375 2.80 21.89 -14.42
SE MSE A 375 3.66 20.82 -13.07
CE MSE A 375 3.04 21.73 -11.40
N PHE A 376 -0.06 18.48 -15.26
CA PHE A 376 -1.35 17.79 -15.24
C PHE A 376 -1.66 17.35 -13.84
N GLY A 377 -2.52 18.08 -13.17
CA GLY A 377 -2.78 17.82 -11.75
C GLY A 377 -3.92 16.88 -11.49
N GLY A 378 -4.07 16.50 -10.24
CA GLY A 378 -5.21 15.68 -9.91
C GLY A 378 -5.29 15.44 -8.44
N SER A 379 -6.38 14.81 -8.04
CA SER A 379 -6.59 14.47 -6.63
CA SER A 379 -6.60 14.47 -6.63
C SER A 379 -7.43 13.21 -6.53
N ALA A 380 -7.28 12.51 -5.41
CA ALA A 380 -8.02 11.28 -5.19
C ALA A 380 -9.12 11.46 -4.13
N ASP A 381 -10.10 12.31 -4.36
CA ASP A 381 -11.20 12.31 -3.38
C ASP A 381 -12.62 12.52 -3.92
N LEU A 382 -13.57 12.69 -3.00
CA LEU A 382 -14.95 12.96 -3.37
C LEU A 382 -15.32 14.40 -3.06
N SER A 385 -10.43 17.34 -3.80
CA SER A 385 -9.33 18.09 -4.38
C SER A 385 -8.75 19.03 -3.34
N ASN A 386 -7.85 18.54 -2.49
CA ASN A 386 -7.30 19.44 -1.45
C ASN A 386 -6.26 20.40 -2.00
N ASN A 387 -6.76 21.48 -2.59
CA ASN A 387 -5.93 22.61 -3.04
C ASN A 387 -4.94 22.24 -4.14
N THR A 388 -5.30 21.24 -4.94
CA THR A 388 -4.47 20.83 -6.08
C THR A 388 -4.88 21.56 -7.35
N ASN A 389 -6.03 22.24 -7.29
CA ASN A 389 -6.53 22.96 -8.46
C ASN A 389 -6.08 24.42 -8.46
N TRP A 390 -5.89 24.98 -9.65
CA TRP A 390 -5.60 26.40 -9.80
C TRP A 390 -6.74 27.07 -10.56
N SER A 391 -6.70 28.39 -10.66
CA SER A 391 -7.82 29.14 -11.23
C SER A 391 -8.14 28.66 -12.65
N GLY A 392 -7.11 28.20 -13.35
CA GLY A 392 -7.27 27.80 -14.74
C GLY A 392 -7.46 26.30 -14.91
N SER A 393 -7.75 25.60 -13.81
CA SER A 393 -7.99 24.14 -13.88
C SER A 393 -9.20 23.86 -14.74
N VAL A 394 -9.06 22.91 -15.65
CA VAL A 394 -10.14 22.46 -16.49
C VAL A 394 -10.16 20.96 -16.24
N TRP A 395 -11.23 20.45 -15.62
CA TRP A 395 -11.26 19.02 -15.23
C TRP A 395 -11.65 18.13 -16.41
N LEU A 396 -10.81 17.11 -16.67
CA LEU A 396 -11.11 16.15 -17.71
C LEU A 396 -12.43 15.41 -17.46
N ASN A 397 -12.83 15.28 -16.20
CA ASN A 397 -14.11 14.64 -15.88
C ASN A 397 -15.29 15.33 -16.54
N ASN A 398 -15.16 16.65 -16.71
CA ASN A 398 -16.23 17.49 -17.26
C ASN A 398 -16.03 17.92 -18.72
N THR A 399 -14.78 18.08 -19.12
CA THR A 399 -14.45 18.78 -20.35
C THR A 399 -13.23 18.14 -21.01
N GLN A 400 -13.32 17.87 -22.31
CA GLN A 400 -12.15 17.41 -23.04
C GLN A 400 -11.23 18.58 -23.44
N GLU A 401 -11.84 19.67 -23.89
CA GLU A 401 -11.10 20.84 -24.39
C GLU A 401 -10.23 21.54 -23.35
N GLY A 402 -8.92 21.38 -23.51
CA GLY A 402 -7.96 22.10 -22.68
C GLY A 402 -7.83 21.50 -21.28
N ALA A 403 -8.27 20.26 -21.12
CA ALA A 403 -8.20 19.61 -19.80
C ALA A 403 -6.77 19.56 -19.25
N ASN A 404 -6.59 19.92 -17.98
CA ASN A 404 -5.27 19.91 -17.34
C ASN A 404 -5.30 19.40 -15.89
N TYR A 405 -6.42 18.73 -15.55
CA TYR A 405 -6.64 18.27 -14.20
C TYR A 405 -7.56 17.05 -14.26
N LEU A 406 -7.39 16.11 -13.32
CA LEU A 406 -8.27 14.96 -13.27
C LEU A 406 -8.63 14.64 -11.81
N SER A 407 -9.93 14.54 -11.55
CA SER A 407 -10.37 13.90 -10.31
C SER A 407 -10.32 12.39 -10.52
N TYR A 408 -9.46 11.70 -9.76
CA TYR A 408 -9.32 10.26 -9.91
C TYR A 408 -10.35 9.45 -9.10
N GLY A 409 -11.18 10.12 -8.33
CA GLY A 409 -12.05 9.41 -7.36
C GLY A 409 -11.18 8.86 -6.23
N VAL A 410 -11.76 7.99 -5.42
CA VAL A 410 -11.10 7.52 -4.20
C VAL A 410 -10.27 6.29 -4.57
N ARG A 411 -9.14 6.56 -5.25
CA ARG A 411 -8.33 5.55 -5.94
C ARG A 411 -6.84 5.94 -5.81
N GLU A 412 -6.32 5.91 -4.59
CA GLU A 412 -4.99 6.47 -4.38
C GLU A 412 -3.90 5.67 -5.09
N PHE A 413 -3.95 4.36 -5.00
CA PHE A 413 -2.92 3.50 -5.62
C PHE A 413 -3.04 3.59 -7.16
N GLY A 414 -4.26 3.46 -7.66
CA GLY A 414 -4.50 3.63 -9.11
C GLY A 414 -4.01 4.97 -9.59
N MSE A 415 -4.32 6.04 -8.85
CA MSE A 415 -3.85 7.38 -9.30
C MSE A 415 -2.33 7.38 -9.41
O MSE A 415 -1.74 7.79 -10.44
CB MSE A 415 -4.30 8.50 -8.36
CG MSE A 415 -3.69 9.87 -8.72
SE MSE A 415 -4.35 11.21 -7.49
CE MSE A 415 -3.55 10.57 -5.86
N ALA A 416 -1.67 6.89 -8.37
CA ALA A 416 -0.20 6.92 -8.40
C ALA A 416 0.41 6.09 -9.57
N ALA A 417 -0.15 4.91 -9.82
CA ALA A 417 0.37 4.06 -10.87
C ALA A 417 0.02 4.61 -12.27
N ILE A 418 -1.14 5.26 -12.40
CA ILE A 418 -1.49 5.94 -13.67
C ILE A 418 -0.53 7.11 -13.89
N MSE A 419 -0.24 7.86 -12.83
CA MSE A 419 0.73 8.96 -13.02
C MSE A 419 2.11 8.46 -13.45
O MSE A 419 2.78 9.16 -14.21
CB MSE A 419 0.86 9.83 -11.76
CG MSE A 419 -0.42 10.53 -11.45
SE MSE A 419 -0.13 11.99 -10.12
CE MSE A 419 0.39 10.88 -8.67
N ASN A 420 2.53 7.28 -12.98
CA ASN A 420 3.79 6.71 -13.50
C ASN A 420 3.70 6.53 -15.01
N GLY A 421 2.54 6.09 -15.51
CA GLY A 421 2.37 5.91 -16.97
C GLY A 421 2.37 7.25 -17.68
N LEU A 422 1.73 8.25 -17.10
CA LEU A 422 1.74 9.61 -17.71
C LEU A 422 3.16 10.16 -17.81
N SER A 423 3.95 9.95 -16.75
CA SER A 423 5.33 10.43 -16.73
C SER A 423 6.18 9.74 -17.78
N LEU A 424 6.05 8.40 -17.87
CA LEU A 424 6.77 7.62 -18.89
C LEU A 424 6.36 8.02 -20.31
N TYR A 425 5.09 8.40 -20.47
CA TYR A 425 4.54 8.66 -21.80
C TYR A 425 5.30 9.79 -22.54
N GLY A 426 5.54 10.87 -21.81
CA GLY A 426 6.23 12.06 -22.34
C GLY A 426 5.34 13.28 -22.48
N GLY A 427 5.97 14.45 -22.39
CA GLY A 427 5.28 15.72 -22.61
C GLY A 427 4.33 16.14 -21.51
N ILE A 428 4.37 15.41 -20.38
CA ILE A 428 3.40 15.65 -19.29
C ILE A 428 4.13 15.59 -17.96
N LYS A 429 3.82 16.53 -17.07
CA LYS A 429 4.39 16.54 -15.72
C LYS A 429 3.22 16.32 -14.75
N PRO A 430 2.96 15.06 -14.39
CA PRO A 430 1.83 14.81 -13.50
C PRO A 430 2.13 15.11 -12.02
N TYR A 431 1.13 15.58 -11.31
CA TYR A 431 1.19 15.62 -9.85
C TYR A 431 -0.19 15.24 -9.31
N GLY A 432 -0.25 14.73 -8.07
CA GLY A 432 -1.55 14.24 -7.60
C GLY A 432 -1.57 14.11 -6.11
N GLY A 433 -2.72 14.50 -5.55
CA GLY A 433 -2.92 14.76 -4.09
C GLY A 433 -3.80 13.74 -3.40
N THR A 434 -3.40 13.37 -2.17
CA THR A 434 -4.29 12.69 -1.21
C THR A 434 -3.82 13.06 0.19
N PHE A 435 -4.51 12.55 1.21
CA PHE A 435 -4.03 12.75 2.59
C PHE A 435 -2.76 11.90 2.80
N LEU A 436 -1.80 12.43 3.54
CA LEU A 436 -0.53 11.69 3.76
C LEU A 436 -0.71 10.24 4.29
N VAL A 437 -1.65 9.99 5.19
CA VAL A 437 -1.85 8.61 5.68
C VAL A 437 -2.14 7.65 4.53
N PHE A 438 -2.81 8.14 3.46
CA PHE A 438 -3.15 7.28 2.33
C PHE A 438 -1.96 6.96 1.43
N SER A 439 -0.79 7.58 1.67
CA SER A 439 0.43 7.08 1.05
C SER A 439 0.67 5.60 1.36
N ASP A 440 0.06 5.09 2.43
CA ASP A 440 0.13 3.67 2.74
C ASP A 440 -0.56 2.85 1.65
N TYR A 441 -1.62 3.39 1.05
CA TYR A 441 -2.36 2.66 0.00
C TYR A 441 -1.55 2.66 -1.30
N SER A 442 -0.87 3.77 -1.57
CA SER A 442 -0.22 3.94 -2.90
C SER A 442 1.29 3.74 -2.84
N ARG A 443 1.75 3.31 -1.67
CA ARG A 443 3.16 3.18 -1.33
C ARG A 443 4.04 2.53 -2.42
N ASN A 444 3.63 1.40 -2.96
CA ASN A 444 4.52 0.74 -3.89
C ASN A 444 4.59 1.47 -5.24
N ALA A 445 3.54 2.20 -5.62
CA ALA A 445 3.63 2.97 -6.87
C ALA A 445 4.56 4.16 -6.67
N ILE A 446 4.58 4.73 -5.45
CA ILE A 446 5.53 5.80 -5.14
C ILE A 446 6.97 5.24 -5.28
N ARG A 447 7.20 4.05 -4.70
CA ARG A 447 8.49 3.41 -4.82
C ARG A 447 8.84 3.19 -6.28
N MSE A 448 7.87 2.76 -7.07
CA MSE A 448 8.12 2.56 -8.51
C MSE A 448 8.49 3.86 -9.25
O MSE A 448 9.33 3.79 -10.18
CB MSE A 448 6.96 1.85 -9.22
CG MSE A 448 6.70 0.44 -8.67
SE MSE A 448 8.21 -0.80 -8.99
CE MSE A 448 8.09 -0.86 -10.85
N SER A 449 7.91 5.00 -8.86
CA SER A 449 8.33 6.25 -9.52
CA SER A 449 8.33 6.32 -9.44
C SER A 449 9.82 6.49 -9.22
N ALA A 450 10.25 6.14 -8.00
CA ALA A 450 11.64 6.32 -7.63
C ALA A 450 12.57 5.35 -8.40
N LEU A 451 12.19 4.07 -8.41
CA LEU A 451 12.94 3.06 -9.14
C LEU A 451 13.08 3.40 -10.64
N MSE A 452 12.03 3.93 -11.26
CA MSE A 452 12.06 4.26 -12.69
C MSE A 452 12.55 5.67 -12.98
O MSE A 452 12.57 6.08 -14.14
CB MSE A 452 10.65 4.09 -13.30
CG MSE A 452 10.18 2.68 -13.21
SE MSE A 452 8.55 2.41 -14.28
CE MSE A 452 7.28 3.43 -13.25
N LYS A 453 12.97 6.39 -11.94
CA LYS A 453 13.55 7.72 -12.08
C LYS A 453 12.55 8.66 -12.76
N GLN A 454 11.28 8.54 -12.37
CA GLN A 454 10.23 9.44 -12.94
C GLN A 454 9.90 10.52 -11.92
N PRO A 455 10.05 11.80 -12.30
CA PRO A 455 9.87 12.89 -11.33
C PRO A 455 8.40 13.28 -11.11
N VAL A 456 7.58 12.30 -10.80
CA VAL A 456 6.20 12.52 -10.37
C VAL A 456 6.24 13.26 -9.04
N VAL A 457 5.26 14.15 -8.84
CA VAL A 457 5.09 14.85 -7.54
C VAL A 457 3.87 14.33 -6.81
N HIS A 458 4.12 13.73 -5.65
CA HIS A 458 3.07 13.11 -4.84
C HIS A 458 2.69 14.10 -3.73
N VAL A 459 1.54 14.75 -3.86
CA VAL A 459 1.14 15.87 -2.98
C VAL A 459 0.35 15.26 -1.83
N MSE A 460 0.84 15.41 -0.58
CA MSE A 460 0.28 14.69 0.57
C MSE A 460 -0.10 15.73 1.65
O MSE A 460 0.78 16.32 2.26
CB MSE A 460 1.35 13.71 1.11
CG MSE A 460 1.73 12.61 0.13
SE MSE A 460 0.22 11.40 -0.07
CE MSE A 460 0.79 10.17 -1.50
N SER A 461 -1.40 15.96 1.82
CA SER A 461 -1.92 16.95 2.79
C SER A 461 -2.18 16.31 4.15
N HIS A 462 -2.62 17.12 5.11
CA HIS A 462 -3.02 16.58 6.43
C HIS A 462 -1.89 15.79 7.09
N ASP A 463 -0.73 16.43 7.21
CA ASP A 463 0.50 15.72 7.49
C ASP A 463 0.76 15.25 8.90
N SER A 464 -0.07 15.57 9.88
CA SER A 464 0.26 15.25 11.28
C SER A 464 -0.95 15.32 12.20
N ILE A 465 -0.69 15.15 13.49
CA ILE A 465 -1.72 15.35 14.50
C ILE A 465 -2.34 16.74 14.44
N GLY A 466 -1.69 17.69 13.77
CA GLY A 466 -2.27 19.03 13.63
C GLY A 466 -3.56 19.08 12.83
N LEU A 467 -3.89 17.99 12.14
CA LEU A 467 -5.19 17.92 11.46
C LEU A 467 -6.36 17.83 12.45
N GLY A 468 -6.08 17.42 13.69
CA GLY A 468 -7.12 17.48 14.74
C GLY A 468 -8.16 16.35 14.74
N GLU A 469 -9.43 16.72 14.60
CA GLU A 469 -10.55 15.88 15.06
C GLU A 469 -10.77 14.54 14.31
N ASP A 470 -10.32 14.42 13.06
CA ASP A 470 -10.47 13.13 12.36
C ASP A 470 -9.75 11.95 13.09
N GLY A 471 -8.72 12.24 13.90
CA GLY A 471 -8.22 11.23 14.85
C GLY A 471 -7.17 10.27 14.28
N PRO A 472 -6.89 9.20 15.03
CA PRO A 472 -5.63 8.44 14.80
C PRO A 472 -5.58 7.68 13.50
N THR A 473 -6.72 7.33 12.92
CA THR A 473 -6.71 6.62 11.66
C THR A 473 -6.27 7.50 10.54
N HIS A 474 -6.40 8.82 10.72
CA HIS A 474 -6.01 9.78 9.67
C HIS A 474 -4.73 10.52 9.95
N GLN A 475 -4.23 10.45 11.19
CA GLN A 475 -3.07 11.22 11.62
C GLN A 475 -1.76 10.47 11.36
N PRO A 476 -0.93 11.00 10.47
CA PRO A 476 0.36 10.32 10.23
C PRO A 476 1.26 10.39 11.46
N ILE A 477 2.04 9.35 11.67
CA ILE A 477 3.07 9.33 12.70
C ILE A 477 4.36 8.85 12.06
N GLU A 478 4.29 7.64 11.51
CA GLU A 478 5.46 7.01 10.89
C GLU A 478 5.66 7.44 9.43
N HIS A 479 4.68 8.11 8.84
CA HIS A 479 4.67 8.31 7.37
C HIS A 479 5.81 9.11 6.79
N VAL A 480 6.09 10.27 7.37
CA VAL A 480 7.20 11.11 6.87
C VAL A 480 8.55 10.34 6.87
N PRO A 481 8.98 9.82 8.02
CA PRO A 481 10.24 9.05 8.00
C PRO A 481 10.17 7.80 7.15
N SER A 482 9.01 7.15 7.06
CA SER A 482 8.89 5.92 6.25
CA SER A 482 8.88 5.94 6.28
C SER A 482 9.14 6.23 4.78
N LEU A 483 8.72 7.42 4.33
CA LEU A 483 8.91 7.85 2.94
C LEU A 483 10.35 8.31 2.74
N ARG A 484 10.93 8.93 3.76
CA ARG A 484 12.36 9.29 3.70
C ARG A 484 13.28 8.09 3.45
N LEU A 485 12.86 6.91 3.87
CA LEU A 485 13.69 5.72 3.68
C LEU A 485 13.74 5.22 2.23
N ILE A 486 12.77 5.61 1.40
CA ILE A 486 12.73 5.04 0.02
C ILE A 486 13.86 5.65 -0.81
N PRO A 487 14.68 4.81 -1.47
CA PRO A 487 15.77 5.40 -2.28
C PRO A 487 15.23 6.31 -3.39
N ASN A 488 15.97 7.37 -3.71
CA ASN A 488 15.65 8.25 -4.84
C ASN A 488 14.26 8.87 -4.74
N LEU A 489 13.95 9.42 -3.57
CA LEU A 489 12.68 10.08 -3.33
C LEU A 489 12.92 11.26 -2.39
N SER A 490 12.62 12.47 -2.88
CA SER A 490 12.85 13.70 -2.08
C SER A 490 11.60 14.03 -1.30
N VAL A 491 11.68 14.11 0.02
CA VAL A 491 10.48 14.37 0.82
C VAL A 491 10.57 15.79 1.33
N TRP A 492 9.77 16.68 0.75
CA TRP A 492 9.77 18.10 1.13
C TRP A 492 8.68 18.34 2.14
N ARG A 493 9.01 19.04 3.21
CA ARG A 493 8.02 19.37 4.26
C ARG A 493 8.18 20.86 4.59
N PRO A 494 7.67 21.71 3.70
CA PRO A 494 7.95 23.15 3.82
C PRO A 494 7.23 23.80 5.00
N ALA A 495 7.84 24.85 5.55
CA ALA A 495 7.28 25.59 6.70
C ALA A 495 6.32 26.72 6.37
N ASP A 496 6.46 27.31 5.19
CA ASP A 496 5.70 28.52 4.90
C ASP A 496 5.59 28.74 3.40
N THR A 497 5.10 29.91 2.98
CA THR A 497 4.83 30.04 1.55
C THR A 497 6.08 30.10 0.70
N ILE A 498 7.13 30.73 1.19
CA ILE A 498 8.36 30.76 0.40
C ILE A 498 9.04 29.38 0.39
N GLU A 499 9.07 28.66 1.53
CA GLU A 499 9.65 27.30 1.48
C GLU A 499 8.85 26.42 0.53
N THR A 500 7.54 26.62 0.49
CA THR A 500 6.68 25.81 -0.39
C THR A 500 6.98 26.10 -1.86
N MSE A 501 7.25 27.34 -2.18
CA MSE A 501 7.61 27.72 -3.55
C MSE A 501 8.95 27.10 -3.95
O MSE A 501 9.08 26.55 -5.03
CB MSE A 501 7.64 29.25 -3.69
CG MSE A 501 8.16 29.80 -5.01
SE MSE A 501 6.87 29.53 -6.51
CE MSE A 501 7.54 28.12 -7.06
N ILE A 502 9.94 27.16 -3.07
CA ILE A 502 11.25 26.64 -3.40
C ILE A 502 11.16 25.12 -3.55
N ALA A 503 10.42 24.46 -2.64
CA ALA A 503 10.25 23.02 -2.75
C ALA A 503 9.61 22.63 -4.08
N TRP A 504 8.54 23.31 -4.48
CA TRP A 504 7.94 22.98 -5.76
C TRP A 504 8.87 23.25 -6.95
N LYS A 505 9.62 24.36 -6.90
CA LYS A 505 10.60 24.66 -7.96
C LYS A 505 11.60 23.51 -8.10
N GLU A 506 12.14 23.06 -6.98
CA GLU A 506 13.11 21.96 -7.04
C GLU A 506 12.43 20.70 -7.57
N ALA A 507 11.18 20.48 -7.17
CA ALA A 507 10.46 19.28 -7.59
C ALA A 507 10.21 19.27 -9.10
N VAL A 508 9.85 20.41 -9.66
CA VAL A 508 9.58 20.42 -11.12
C VAL A 508 10.83 20.48 -11.95
N LYS A 509 11.93 20.93 -11.33
CA LYS A 509 13.21 20.97 -12.02
C LYS A 509 13.86 19.60 -12.08
N SER A 510 13.48 18.73 -11.16
CA SER A 510 14.12 17.42 -11.07
C SER A 510 13.86 16.59 -12.31
N LYS A 511 14.93 15.98 -12.84
CA LYS A 511 14.79 15.21 -14.05
C LYS A 511 14.56 13.75 -13.73
N ASP A 512 15.14 13.29 -12.62
CA ASP A 512 15.19 11.84 -12.37
C ASP A 512 14.69 11.42 -11.00
N THR A 513 14.14 12.33 -10.20
CA THR A 513 13.78 11.98 -8.84
C THR A 513 12.39 12.47 -8.49
N PRO A 514 11.47 11.57 -8.14
CA PRO A 514 10.16 12.00 -7.68
C PRO A 514 10.24 12.72 -6.31
N SER A 515 9.17 13.45 -6.01
CA SER A 515 9.10 14.17 -4.72
C SER A 515 7.80 13.87 -4.03
N VAL A 516 7.83 13.99 -2.70
CA VAL A 516 6.58 14.04 -1.92
C VAL A 516 6.51 15.45 -1.37
N MSE A 517 5.35 16.08 -1.53
CA MSE A 517 5.12 17.42 -1.02
C MSE A 517 4.24 17.24 0.22
O MSE A 517 3.05 16.92 0.09
CB MSE A 517 4.44 18.27 -2.11
CG MSE A 517 4.24 19.69 -1.75
SE MSE A 517 5.92 20.65 -1.53
CE MSE A 517 6.70 20.20 -3.09
N VAL A 518 4.82 17.43 1.39
CA VAL A 518 4.11 17.16 2.66
C VAL A 518 3.55 18.49 3.23
N LEU A 519 2.23 18.56 3.31
CA LEU A 519 1.49 19.83 3.56
C LEU A 519 0.57 19.76 4.76
N THR A 520 0.37 20.93 5.41
CA THR A 520 -0.43 20.99 6.64
C THR A 520 -1.88 21.32 6.39
N ARG A 521 -2.71 20.88 7.33
CA ARG A 521 -4.07 21.39 7.43
C ARG A 521 -4.13 22.76 8.12
N GLN A 522 -3.32 22.93 9.16
CA GLN A 522 -3.41 24.10 10.03
C GLN A 522 -2.54 25.27 9.54
N ASN A 523 -2.95 26.50 9.88
CA ASN A 523 -2.23 27.70 9.38
C ASN A 523 -0.93 27.90 10.14
N LEU A 524 0.12 28.34 9.42
CA LEU A 524 1.46 28.54 10.02
C LEU A 524 1.94 29.97 9.74
N MSE A 525 2.59 30.56 10.73
CA MSE A 525 3.15 31.91 10.54
C MSE A 525 4.38 31.85 9.62
O MSE A 525 5.10 30.84 9.60
CB MSE A 525 3.47 32.54 11.89
CG MSE A 525 4.89 32.33 12.34
SE MSE A 525 5.28 33.23 14.04
CE MSE A 525 6.86 32.13 14.44
N PRO A 526 4.62 32.90 8.83
CA PRO A 526 5.79 32.86 7.96
C PRO A 526 7.09 32.84 8.75
N VAL A 527 8.13 32.20 8.19
CA VAL A 527 9.42 32.12 8.86
C VAL A 527 10.57 32.64 8.00
N VAL A 528 10.45 32.58 6.67
CA VAL A 528 11.51 33.09 5.81
C VAL A 528 11.48 34.60 5.76
N GLN A 529 12.62 35.26 5.95
CA GLN A 529 12.66 36.72 6.10
CA GLN A 529 12.61 36.71 6.03
C GLN A 529 13.50 37.43 5.03
N THR A 530 14.39 36.69 4.38
CA THR A 530 15.50 37.28 3.64
C THR A 530 15.76 36.58 2.31
N GLN A 531 16.20 37.34 1.32
CA GLN A 531 16.54 36.76 0.00
C GLN A 531 17.69 35.79 0.07
N HIS A 532 18.64 36.06 0.95
CA HIS A 532 19.78 35.16 1.20
C HIS A 532 19.32 33.75 1.57
N GLN A 533 18.28 33.66 2.38
CA GLN A 533 17.72 32.37 2.77
C GLN A 533 17.12 31.61 1.59
N VAL A 534 16.54 32.31 0.62
CA VAL A 534 15.92 31.67 -0.54
C VAL A 534 16.80 30.63 -1.30
N ALA A 535 18.03 30.97 -1.69
CA ALA A 535 18.93 29.98 -2.28
C ALA A 535 19.32 28.84 -1.34
N ASN A 536 19.38 29.13 -0.03
CA ASN A 536 19.78 28.06 0.89
C ASN A 536 18.64 27.10 1.17
N ILE A 537 17.40 27.55 0.96
CA ILE A 537 16.26 26.63 1.12
C ILE A 537 16.40 25.47 0.14
N ALA A 538 16.85 25.76 -1.07
CA ALA A 538 17.10 24.70 -2.06
C ALA A 538 18.22 23.72 -1.72
N ARG A 539 18.97 24.03 -0.68
CA ARG A 539 20.01 23.15 -0.19
C ARG A 539 19.41 22.13 0.80
N GLY A 540 18.12 22.25 1.08
CA GLY A 540 17.41 21.27 1.90
C GLY A 540 17.39 21.57 3.39
N GLY A 541 18.33 22.41 3.82
CA GLY A 541 18.43 22.79 5.24
C GLY A 541 19.16 24.12 5.32
N TYR A 542 18.72 24.99 6.23
CA TYR A 542 19.31 26.29 6.33
C TYR A 542 18.97 26.89 7.69
N LEU A 543 19.61 28.03 8.00
CA LEU A 543 19.34 28.71 9.28
C LEU A 543 18.24 29.78 9.16
N VAL A 544 17.16 29.56 9.90
CA VAL A 544 16.11 30.56 10.11
C VAL A 544 16.56 31.65 11.11
N LYS A 545 17.30 31.23 12.13
CA LYS A 545 17.93 32.12 13.10
C LYS A 545 19.37 31.71 13.20
N ASP A 546 20.27 32.67 12.96
CA ASP A 546 21.72 32.43 12.92
C ASP A 546 22.37 33.43 13.86
N ASN A 547 22.80 32.95 15.02
CA ASN A 547 23.42 33.80 16.04
C ASN A 547 24.86 33.40 16.31
N PRO A 548 25.81 34.35 16.20
CA PRO A 548 27.19 33.92 16.41
C PRO A 548 27.45 33.31 17.80
N ASP A 549 26.69 33.71 18.80
CA ASP A 549 26.92 33.18 20.15
C ASP A 549 25.87 32.16 20.60
N ALA A 550 25.28 31.48 19.62
CA ALA A 550 24.25 30.48 19.88
C ALA A 550 24.74 29.45 20.87
N LYS A 551 23.87 29.07 21.78
CA LYS A 551 24.21 28.06 22.78
C LYS A 551 23.62 26.70 22.50
N LEU A 552 22.68 26.63 21.56
CA LEU A 552 22.01 25.36 21.23
C LEU A 552 21.29 25.60 19.91
N THR A 553 21.09 24.53 19.13
CA THR A 553 20.32 24.65 17.89
C THR A 553 19.00 23.90 18.05
N ILE A 554 17.87 24.54 17.74
CA ILE A 554 16.63 23.78 17.56
C ILE A 554 16.52 23.46 16.08
N VAL A 555 16.42 22.17 15.77
CA VAL A 555 16.35 21.72 14.37
C VAL A 555 14.93 21.23 14.14
N ALA A 556 14.25 21.78 13.12
CA ALA A 556 12.83 21.43 12.91
C ALA A 556 12.51 21.38 11.43
N THR A 557 11.34 20.83 11.12
CA THR A 557 10.84 20.88 9.74
C THR A 557 9.40 21.30 9.75
N GLY A 558 8.93 21.78 8.61
CA GLY A 558 7.49 22.02 8.43
C GLY A 558 6.90 22.84 9.57
N SER A 559 5.77 22.36 10.08
CA SER A 559 4.98 23.04 11.12
C SER A 559 5.75 23.24 12.43
N GLU A 560 6.85 22.55 12.62
CA GLU A 560 7.59 22.72 13.86
C GLU A 560 8.59 23.87 13.80
N VAL A 561 8.83 24.45 12.62
CA VAL A 561 9.78 25.57 12.56
C VAL A 561 9.28 26.80 13.29
N GLU A 562 7.98 27.09 13.12
CA GLU A 562 7.43 28.25 13.84
C GLU A 562 7.48 28.02 15.36
N LEU A 563 7.34 26.77 15.79
CA LEU A 563 7.40 26.45 17.23
C LEU A 563 8.81 26.74 17.70
N ALA A 564 9.80 26.31 16.90
CA ALA A 564 11.19 26.57 17.22
C ALA A 564 11.51 28.07 17.34
N VAL A 565 10.95 28.87 16.42
CA VAL A 565 11.15 30.32 16.46
C VAL A 565 10.57 30.91 17.75
N LYS A 566 9.35 30.51 18.11
CA LYS A 566 8.71 31.02 19.32
C LYS A 566 9.58 30.71 20.54
N VAL A 567 10.14 29.51 20.61
CA VAL A 567 11.04 29.17 21.72
C VAL A 567 12.32 29.99 21.72
N ALA A 568 12.92 30.14 20.54
CA ALA A 568 14.08 31.01 20.41
C ALA A 568 13.76 32.44 20.87
N ASN A 569 12.56 32.93 20.57
CA ASN A 569 12.10 34.25 21.05
C ASN A 569 12.08 34.34 22.56
N GLU A 570 11.61 33.27 23.21
CA GLU A 570 11.51 33.27 24.67
C GLU A 570 12.89 33.32 25.30
N PHE A 571 13.82 32.58 24.71
CA PHE A 571 15.17 32.53 25.26
C PHE A 571 15.93 33.84 25.02
N GLU A 572 15.64 34.48 23.89
CA GLU A 572 16.21 35.79 23.58
C GLU A 572 15.89 36.79 24.69
N LYS A 573 14.70 36.69 25.27
CA LYS A 573 14.25 37.61 26.32
C LYS A 573 15.07 37.43 27.59
N LYS A 574 15.55 36.21 27.78
CA LYS A 574 16.33 35.84 28.94
C LYS A 574 17.82 35.97 28.66
N GLY A 575 18.16 36.57 27.53
CA GLY A 575 19.54 36.82 27.17
C GLY A 575 20.29 35.62 26.64
N ILE A 576 19.54 34.60 26.18
CA ILE A 576 20.17 33.38 25.67
C ILE A 576 19.86 33.23 24.19
N LYS A 577 20.90 33.17 23.35
CA LYS A 577 20.75 33.02 21.91
C LYS A 577 20.67 31.55 21.47
N LEU A 578 19.67 31.22 20.66
CA LEU A 578 19.61 29.88 20.05
C LEU A 578 19.71 30.01 18.55
N ASN A 579 20.21 28.96 17.89
CA ASN A 579 20.06 28.86 16.45
C ASN A 579 18.77 28.10 16.12
N VAL A 580 18.16 28.38 14.97
CA VAL A 580 17.02 27.61 14.53
C VAL A 580 17.29 27.18 13.11
N ALA A 581 17.34 25.86 12.92
CA ALA A 581 17.56 25.29 11.58
C ALA A 581 16.25 24.71 11.06
N SER A 582 15.93 25.00 9.81
CA SER A 582 14.80 24.38 9.14
C SER A 582 15.36 23.42 8.12
N ILE A 583 14.90 22.16 8.13
CA ILE A 583 15.36 21.12 7.18
C ILE A 583 14.19 20.69 6.27
N PRO A 584 13.81 21.55 5.31
CA PRO A 584 12.65 21.21 4.50
C PRO A 584 12.83 19.94 3.64
N CYS A 585 14.07 19.55 3.35
CA CYS A 585 14.24 18.25 2.67
C CYS A 585 15.55 17.59 3.13
N VAL A 586 15.41 16.57 3.98
CA VAL A 586 16.56 15.85 4.52
C VAL A 586 17.37 15.22 3.38
N GLU A 587 16.69 14.70 2.36
CA GLU A 587 17.43 14.00 1.29
C GLU A 587 18.40 14.94 0.57
N VAL A 588 17.92 16.15 0.33
CA VAL A 588 18.74 17.16 -0.31
C VAL A 588 19.81 17.67 0.64
N PHE A 589 19.46 17.88 1.91
CA PHE A 589 20.40 18.37 2.89
C PHE A 589 21.57 17.40 3.00
N ALA A 590 21.25 16.10 2.96
CA ALA A 590 22.25 15.06 3.16
C ALA A 590 23.34 15.12 2.09
N THR A 591 23.01 15.65 0.91
CA THR A 591 23.98 15.75 -0.21
C THR A 591 24.86 17.00 -0.22
N GLN A 592 24.60 17.91 0.71
CA GLN A 592 25.37 19.14 0.79
C GLN A 592 26.77 18.92 1.32
N ALA A 593 27.63 19.90 1.06
CA ALA A 593 28.96 19.90 1.64
C ALA A 593 28.95 19.68 3.15
N HIS A 594 29.88 18.87 3.62
CA HIS A 594 30.17 18.71 5.06
C HIS A 594 30.25 20.02 5.84
N GLU A 595 31.04 20.97 5.34
CA GLU A 595 31.18 22.26 6.02
C GLU A 595 29.83 22.96 6.13
N TYR A 596 29.04 22.93 5.04
CA TYR A 596 27.71 23.56 5.06
C TYR A 596 26.78 22.90 6.08
N LYS A 597 26.72 21.57 6.06
CA LYS A 597 25.86 20.86 7.01
C LYS A 597 26.20 21.21 8.48
N LYS A 598 27.50 21.32 8.78
CA LYS A 598 27.95 21.75 10.12
C LYS A 598 27.78 23.24 10.45
N THR A 599 27.52 24.10 9.45
CA THR A 599 27.10 25.46 9.75
C THR A 599 25.63 25.49 10.17
N VAL A 600 24.82 24.66 9.52
CA VAL A 600 23.39 24.62 9.83
C VAL A 600 23.15 23.91 11.16
N ILE A 601 23.83 22.79 11.41
CA ILE A 601 23.74 22.13 12.71
C ILE A 601 25.12 22.14 13.34
N LYS A 602 25.43 23.21 14.08
CA LYS A 602 26.78 23.37 14.63
C LYS A 602 27.18 22.20 15.53
N ASP A 603 28.40 21.70 15.33
CA ASP A 603 28.81 20.46 15.99
C ASP A 603 29.16 20.61 17.47
N ASP A 604 29.53 21.83 17.88
CA ASP A 604 30.06 22.07 19.23
C ASP A 604 29.05 22.67 20.22
N ILE A 605 27.80 22.80 19.79
CA ILE A 605 26.71 23.10 20.70
C ILE A 605 25.61 22.03 20.53
N PRO A 606 24.84 21.75 21.60
CA PRO A 606 23.80 20.71 21.48
C PRO A 606 22.67 21.09 20.53
N ALA A 607 21.90 20.08 20.14
CA ALA A 607 20.74 20.26 19.28
C ALA A 607 19.53 19.55 19.85
N VAL A 608 18.36 20.16 19.68
CA VAL A 608 17.09 19.54 20.00
C VAL A 608 16.30 19.47 18.71
N PHE A 609 15.98 18.23 18.29
CA PHE A 609 15.26 17.98 17.04
C PHE A 609 13.79 17.88 17.38
N VAL A 610 12.95 18.63 16.68
CA VAL A 610 11.52 18.70 16.97
C VAL A 610 10.74 18.48 15.66
N GLU A 611 9.94 17.43 15.62
CA GLU A 611 9.13 17.13 14.43
C GLU A 611 7.94 16.30 14.89
N MSE A 612 6.74 16.59 14.36
CA MSE A 612 5.55 15.82 14.81
C MSE A 612 5.45 14.53 13.96
O MSE A 612 4.53 14.34 13.16
CB MSE A 612 4.25 16.64 14.78
CG MSE A 612 4.26 17.80 15.81
SE MSE A 612 2.61 18.66 16.20
CE MSE A 612 2.14 19.16 14.49
N ALA A 613 6.44 13.65 14.16
CA ALA A 613 6.53 12.37 13.44
C ALA A 613 7.41 11.46 14.32
N GLN A 614 7.52 10.19 13.94
CA GLN A 614 8.39 9.24 14.68
C GLN A 614 9.85 9.69 14.41
N PRO A 615 10.62 10.01 15.46
CA PRO A 615 11.86 10.77 15.30
C PRO A 615 13.16 9.97 15.32
N ASP A 616 13.09 8.64 15.25
CA ASP A 616 14.31 7.83 15.40
C ASP A 616 15.41 8.15 14.38
N MSE A 617 15.04 8.61 13.17
CA MSE A 617 16.03 8.88 12.13
C MSE A 617 16.89 10.11 12.46
O MSE A 617 18.00 10.24 11.94
CB MSE A 617 15.38 9.00 10.76
CG MSE A 617 14.90 7.64 10.22
SE MSE A 617 13.81 7.72 8.57
CE MSE A 617 15.26 7.97 7.29
N TRP A 618 16.43 10.97 13.35
CA TRP A 618 17.18 12.20 13.61
C TRP A 618 18.49 11.98 14.36
N TYR A 619 18.64 10.85 15.05
CA TYR A 619 19.91 10.59 15.75
C TYR A 619 21.12 10.62 14.80
N LYS A 620 20.90 10.31 13.52
CA LYS A 620 21.96 10.46 12.50
C LYS A 620 22.62 11.85 12.53
N TYR A 621 21.83 12.89 12.85
CA TYR A 621 22.30 14.29 12.75
C TYR A 621 22.72 14.90 14.10
N MSE A 622 22.72 14.09 15.16
CA MSE A 622 23.07 14.58 16.49
C MSE A 622 24.50 15.15 16.48
O MSE A 622 25.44 14.47 16.03
CB MSE A 622 22.91 13.49 17.55
CG MSE A 622 23.02 13.97 18.98
SE MSE A 622 21.52 15.01 19.55
CE MSE A 622 20.09 13.79 19.05
N PRO A 623 24.66 16.41 16.94
CA PRO A 623 26.03 16.95 16.96
C PRO A 623 26.90 16.27 18.00
N LYS A 624 28.22 16.43 17.85
CA LYS A 624 29.17 15.93 18.84
C LYS A 624 28.82 16.37 20.26
N ALA A 625 28.30 17.59 20.41
CA ALA A 625 27.97 18.20 21.70
C ALA A 625 26.73 17.58 22.36
N GLY A 626 25.99 16.77 21.60
CA GLY A 626 24.84 16.04 22.11
C GLY A 626 23.50 16.73 21.90
N GLY A 627 22.54 16.42 22.78
CA GLY A 627 21.16 16.88 22.63
C GLY A 627 20.17 15.74 22.66
N GLU A 628 18.98 15.96 22.10
CA GLU A 628 17.95 14.93 22.12
C GLU A 628 16.92 15.18 21.05
N VAL A 629 16.04 14.21 20.86
CA VAL A 629 14.96 14.31 19.84
C VAL A 629 13.60 14.39 20.51
N LYS A 630 12.69 15.14 19.89
CA LYS A 630 11.33 15.23 20.41
C LYS A 630 10.39 15.00 19.24
N GLY A 631 9.76 13.83 19.26
CA GLY A 631 8.82 13.44 18.21
C GLY A 631 7.57 12.84 18.83
N ILE A 632 6.91 11.97 18.05
CA ILE A 632 5.74 11.21 18.52
CA ILE A 632 5.77 11.22 18.56
C ILE A 632 5.94 9.72 18.26
N TYR A 633 5.71 8.91 19.28
CA TYR A 633 5.91 7.45 19.18
C TYR A 633 4.60 6.67 19.28
N SER A 634 3.50 7.32 19.64
CA SER A 634 2.24 6.59 19.74
C SER A 634 1.33 6.99 18.59
N PHE A 635 0.23 6.28 18.45
CA PHE A 635 -0.81 6.79 17.59
C PHE A 635 -1.44 8.05 18.20
N GLY A 636 -2.18 8.78 17.39
CA GLY A 636 -2.79 10.04 17.86
C GLY A 636 -4.10 9.88 18.59
N GLU A 637 -4.89 10.95 18.60
CA GLU A 637 -6.17 11.01 19.31
C GLU A 637 -7.14 11.91 18.55
N SER A 638 -8.43 11.67 18.70
CA SER A 638 -9.44 12.57 18.12
C SER A 638 -9.72 13.73 19.06
N ALA A 639 -9.21 14.91 18.70
CA ALA A 639 -9.47 16.16 19.47
C ALA A 639 -9.09 17.35 18.58
N PRO A 640 -9.53 18.55 18.95
CA PRO A 640 -8.95 19.73 18.33
C PRO A 640 -7.42 19.74 18.42
N ALA A 641 -6.81 20.26 17.37
CA ALA A 641 -5.35 20.36 17.24
C ALA A 641 -4.71 20.93 18.52
N GLU A 642 -5.26 22.02 19.08
CA GLU A 642 -4.65 22.63 20.27
C GLU A 642 -4.51 21.62 21.41
N ASP A 643 -5.54 20.79 21.62
CA ASP A 643 -5.52 19.83 22.72
C ASP A 643 -4.49 18.72 22.43
N LEU A 644 -4.38 18.33 21.17
CA LEU A 644 -3.36 17.38 20.79
C LEU A 644 -1.92 17.91 20.99
N PHE A 645 -1.68 19.18 20.64
CA PHE A 645 -0.32 19.72 20.85
C PHE A 645 0.05 19.69 22.34
N LYS A 646 -0.90 19.98 23.22
CA LYS A 646 -0.67 19.93 24.67
C LYS A 646 -0.41 18.49 25.10
N ARG A 647 -1.24 17.57 24.60
CA ARG A 647 -1.14 16.17 24.99
C ARG A 647 0.20 15.58 24.62
N PHE A 648 0.68 15.92 23.41
CA PHE A 648 1.91 15.35 22.90
C PHE A 648 3.18 16.19 23.12
N GLY A 649 3.04 17.33 23.79
CA GLY A 649 4.19 18.12 24.20
C GLY A 649 4.78 19.05 23.15
N PHE A 650 4.01 19.38 22.13
CA PHE A 650 4.48 20.34 21.13
C PHE A 650 3.93 21.70 21.49
N THR A 651 4.47 22.25 22.58
CA THR A 651 4.03 23.54 23.11
C THR A 651 5.29 24.36 23.33
N VAL A 652 5.13 25.69 23.30
CA VAL A 652 6.26 26.54 23.56
C VAL A 652 6.85 26.21 24.93
N GLU A 653 5.98 25.97 25.92
CA GLU A 653 6.44 25.71 27.29
C GLU A 653 7.22 24.42 27.38
N ASN A 654 6.75 23.38 26.71
CA ASN A 654 7.41 22.10 26.89
C ASN A 654 8.74 22.09 26.16
N ILE A 655 8.79 22.63 24.95
CA ILE A 655 10.03 22.59 24.20
C ILE A 655 11.03 23.51 24.93
N SER A 656 10.56 24.62 25.50
CA SER A 656 11.42 25.48 26.29
C SER A 656 12.00 24.69 27.45
N ASN A 657 11.19 23.87 28.11
CA ASN A 657 11.68 23.13 29.26
C ASN A 657 12.74 22.13 28.86
N ILE A 658 12.60 21.58 27.66
CA ILE A 658 13.61 20.67 27.14
C ILE A 658 14.92 21.42 26.86
N VAL A 659 14.82 22.56 26.17
CA VAL A 659 16.00 23.37 25.85
C VAL A 659 16.73 23.81 27.12
N ALA A 660 15.95 24.10 28.16
CA ALA A 660 16.48 24.63 29.41
C ALA A 660 17.49 23.70 30.08
N LYS A 661 17.39 22.40 29.76
CA LYS A 661 18.32 21.38 30.28
C LYS A 661 19.75 21.60 29.81
N TYR A 662 19.92 22.35 28.72
CA TYR A 662 21.22 22.44 28.06
C TYR A 662 21.87 23.82 28.20
N VAL A 663 21.08 24.83 28.52
CA VAL A 663 21.61 26.19 28.40
C VAL A 663 21.59 26.96 29.71
N SER B 4 -45.54 0.56 10.46
CA SER B 4 -45.61 0.54 11.96
C SER B 4 -44.60 1.47 12.62
N ILE B 5 -43.68 2.02 11.83
CA ILE B 5 -42.65 2.92 12.38
C ILE B 5 -42.87 4.39 12.03
N PRO B 6 -43.19 5.20 13.05
CA PRO B 6 -43.26 6.65 12.87
C PRO B 6 -41.91 7.22 12.47
N ARG B 7 -41.90 8.10 11.46
CA ARG B 7 -40.69 8.78 11.02
CA ARG B 7 -40.68 8.76 11.03
C ARG B 7 -39.98 9.45 12.21
N GLU B 8 -40.76 9.80 13.23
CA GLU B 8 -40.18 10.43 14.41
C GLU B 8 -39.05 9.57 14.97
N PHE B 9 -39.22 8.25 14.92
CA PHE B 9 -38.25 7.35 15.55
C PHE B 9 -36.91 7.32 14.79
N SER B 10 -36.94 7.46 13.46
CA SER B 10 -35.69 7.57 12.71
C SER B 10 -35.14 9.00 12.71
N ASN B 11 -36.04 9.99 12.77
CA ASN B 11 -35.58 11.36 12.86
C ASN B 11 -34.73 11.60 14.11
N ALA B 12 -34.93 10.77 15.14
CA ALA B 12 -34.07 10.83 16.33
C ALA B 12 -32.58 10.71 15.95
N ILE B 13 -32.24 9.78 15.06
CA ILE B 13 -30.85 9.63 14.60
C ILE B 13 -30.41 10.92 13.91
N ARG B 14 -31.29 11.47 13.08
CA ARG B 14 -30.99 12.69 12.33
C ARG B 14 -30.60 13.85 13.24
N PHE B 15 -31.41 14.08 14.27
CA PHE B 15 -31.17 15.22 15.14
C PHE B 15 -30.03 15.02 16.12
N LEU B 16 -29.86 13.82 16.68
CA LEU B 16 -28.62 13.62 17.45
C LEU B 16 -27.39 13.91 16.58
N SER B 17 -27.41 13.45 15.34
CA SER B 17 -26.26 13.66 14.45
C SER B 17 -26.06 15.13 14.10
N ILE B 18 -27.15 15.84 13.79
CA ILE B 18 -27.03 17.26 13.46
C ILE B 18 -26.52 18.05 14.67
N ASP B 19 -27.11 17.77 15.83
CA ASP B 19 -26.82 18.53 17.04
C ASP B 19 -25.39 18.28 17.54
N ALA B 20 -24.95 17.02 17.51
CA ALA B 20 -23.59 16.70 17.90
C ALA B 20 -22.54 17.38 17.01
N THR B 21 -22.76 17.36 15.70
CA THR B 21 -21.78 17.93 14.78
C THR B 21 -21.75 19.48 14.85
N LEU B 22 -22.93 20.08 15.04
CA LEU B 22 -22.99 21.52 15.27
C LEU B 22 -22.18 21.91 16.52
N LYS B 23 -22.35 21.19 17.63
CA LYS B 23 -21.67 21.52 18.88
C LYS B 23 -20.15 21.32 18.75
N ALA B 24 -19.75 20.20 18.14
CA ALA B 24 -18.33 19.94 17.86
C ALA B 24 -17.70 20.92 16.88
N LYS B 25 -18.53 21.60 16.08
CA LYS B 25 -18.03 22.39 14.95
C LYS B 25 -17.11 21.56 14.06
N SER B 26 -17.42 20.26 13.91
CA SER B 26 -16.58 19.31 13.18
C SER B 26 -17.43 18.07 12.90
N GLY B 27 -17.15 17.38 11.81
CA GLY B 27 -17.94 16.19 11.51
C GLY B 27 -19.00 16.44 10.45
N HIS B 28 -19.72 15.38 10.08
CA HIS B 28 -20.62 15.41 8.92
C HIS B 28 -21.98 14.76 9.22
N PRO B 29 -23.07 15.56 9.14
CA PRO B 29 -24.41 15.02 9.40
C PRO B 29 -25.13 14.52 8.15
N GLY B 30 -24.57 14.77 6.97
CA GLY B 30 -25.24 14.39 5.73
C GLY B 30 -25.53 12.90 5.59
N MSE B 31 -24.51 12.06 5.72
CA MSE B 31 -24.69 10.61 5.61
C MSE B 31 -25.60 9.96 6.68
O MSE B 31 -26.48 9.15 6.34
CB MSE B 31 -23.34 9.89 5.55
CG MSE B 31 -23.48 8.40 5.34
SE MSE B 31 -23.76 7.45 7.00
CE MSE B 31 -21.92 6.85 7.21
N PRO B 32 -25.41 10.32 7.97
CA PRO B 32 -26.42 9.88 8.93
C PRO B 32 -27.85 10.30 8.51
N MSE B 33 -28.03 11.51 7.97
CA MSE B 33 -29.36 11.94 7.58
C MSE B 33 -29.91 11.12 6.40
O MSE B 33 -31.11 10.84 6.33
CB MSE B 33 -29.40 13.45 7.29
CG MSE B 33 -29.37 14.27 8.62
SE MSE B 33 -29.08 16.13 8.21
CE MSE B 33 -30.84 16.41 7.45
N GLY B 34 -29.02 10.66 5.54
CA GLY B 34 -29.40 9.82 4.40
C GLY B 34 -29.74 8.38 4.72
N MSE B 35 -29.03 7.80 5.69
CA MSE B 35 -29.14 6.36 5.99
CA MSE B 35 -29.11 6.37 6.02
C MSE B 35 -29.96 6.05 7.25
O MSE B 35 -30.11 4.88 7.62
CB MSE B 35 -27.76 5.72 6.14
CB MSE B 35 -27.70 5.81 6.22
CG MSE B 35 -26.84 5.84 4.94
CG MSE B 35 -26.86 5.80 4.97
SE MSE B 35 -25.39 4.54 5.07
SE MSE B 35 -27.72 4.63 3.67
CE MSE B 35 -26.32 3.01 4.31
CE MSE B 35 -26.85 2.96 4.17
N ALA B 36 -30.47 7.09 7.92
CA ALA B 36 -31.19 6.88 9.20
C ALA B 36 -32.37 5.90 9.12
N ASP B 37 -33.13 5.92 8.03
CA ASP B 37 -34.28 5.04 7.94
C ASP B 37 -33.84 3.57 7.73
N ILE B 38 -32.82 3.37 6.89
CA ILE B 38 -32.24 2.03 6.70
C ILE B 38 -31.71 1.45 8.02
N ALA B 39 -30.94 2.26 8.75
CA ALA B 39 -30.42 1.84 10.07
C ALA B 39 -31.55 1.53 11.05
N THR B 40 -32.59 2.36 11.09
CA THR B 40 -33.71 2.14 11.99
C THR B 40 -34.37 0.77 11.73
N VAL B 41 -34.63 0.45 10.46
CA VAL B 41 -35.21 -0.86 10.18
C VAL B 41 -34.26 -1.98 10.60
N LEU B 42 -32.99 -1.86 10.19
CA LEU B 42 -32.04 -2.93 10.49
C LEU B 42 -31.94 -3.20 11.99
N TRP B 43 -31.69 -2.13 12.75
CA TRP B 43 -31.39 -2.28 14.17
C TRP B 43 -32.62 -2.66 14.97
N THR B 44 -33.78 -2.11 14.63
CA THR B 44 -34.94 -2.31 15.50
C THR B 44 -35.76 -3.54 15.13
N LYS B 45 -35.65 -4.01 13.88
CA LYS B 45 -36.44 -5.16 13.43
C LYS B 45 -35.64 -6.45 13.21
N PHE B 46 -34.32 -6.35 13.09
CA PHE B 46 -33.51 -7.52 12.75
C PHE B 46 -32.32 -7.82 13.66
N LEU B 47 -31.52 -6.80 13.99
CA LEU B 47 -30.24 -7.05 14.68
C LEU B 47 -30.41 -7.81 15.99
N LYS B 48 -29.70 -8.93 16.09
CA LYS B 48 -29.65 -9.74 17.30
CA LYS B 48 -29.66 -9.76 17.29
C LYS B 48 -28.47 -9.30 18.14
N HIS B 49 -28.74 -8.61 19.25
CA HIS B 49 -27.69 -8.03 20.08
C HIS B 49 -28.12 -7.78 21.52
N ASN B 50 -27.16 -7.59 22.41
CA ASN B 50 -27.47 -7.31 23.81
C ASN B 50 -26.67 -6.10 24.27
N PRO B 51 -27.34 -4.94 24.39
CA PRO B 51 -26.62 -3.73 24.77
C PRO B 51 -25.90 -3.86 26.12
N ASN B 52 -26.38 -4.74 27.00
CA ASN B 52 -25.72 -5.00 28.26
C ASN B 52 -24.46 -5.86 28.17
N ASN B 53 -24.26 -6.53 27.04
CA ASN B 53 -23.03 -7.29 26.82
C ASN B 53 -22.61 -7.18 25.36
N PRO B 54 -21.84 -6.14 25.04
CA PRO B 54 -21.39 -5.98 23.66
C PRO B 54 -20.41 -7.07 23.23
N HIS B 55 -20.02 -7.95 24.16
CA HIS B 55 -19.09 -9.04 23.83
C HIS B 55 -19.80 -10.40 23.69
N TRP B 56 -21.12 -10.38 23.68
CA TRP B 56 -21.89 -11.63 23.57
C TRP B 56 -21.44 -12.39 22.32
N ILE B 57 -21.02 -13.64 22.54
CA ILE B 57 -20.33 -14.41 21.50
C ILE B 57 -21.19 -14.64 20.26
N ASN B 58 -22.52 -14.74 20.44
CA ASN B 58 -23.38 -15.10 19.30
C ASN B 58 -24.15 -13.91 18.72
N ARG B 59 -23.73 -12.71 19.08
CA ARG B 59 -24.35 -11.49 18.54
C ARG B 59 -24.12 -11.39 17.01
N ASP B 60 -25.09 -10.82 16.29
CA ASP B 60 -24.81 -10.31 14.95
C ASP B 60 -23.71 -9.26 15.07
N ARG B 61 -22.87 -9.15 14.04
CA ARG B 61 -21.85 -8.10 13.97
C ARG B 61 -22.29 -7.04 12.97
N PHE B 62 -22.23 -5.77 13.37
CA PHE B 62 -22.53 -4.64 12.49
C PHE B 62 -21.25 -3.85 12.25
N VAL B 63 -21.01 -3.44 11.00
CA VAL B 63 -19.83 -2.63 10.64
C VAL B 63 -20.23 -1.39 9.84
N LEU B 64 -19.83 -0.22 10.32
CA LEU B 64 -19.95 1.01 9.53
C LEU B 64 -18.64 1.23 8.78
N SER B 65 -18.63 0.83 7.50
CA SER B 65 -17.43 0.98 6.68
C SER B 65 -17.20 2.40 6.18
N ASN B 66 -18.30 3.09 5.86
CA ASN B 66 -18.20 4.42 5.25
C ASN B 66 -17.83 5.59 6.14
N GLY B 67 -17.15 6.55 5.52
CA GLY B 67 -16.67 7.74 6.22
C GLY B 67 -17.69 8.84 6.35
N HIS B 68 -17.39 9.80 7.23
CA HIS B 68 -18.21 10.98 7.39
C HIS B 68 -19.59 10.66 7.94
N GLY B 69 -19.64 9.62 8.77
CA GLY B 69 -20.88 9.12 9.35
C GLY B 69 -20.85 8.55 10.76
N SER B 70 -19.88 8.95 11.58
CA SER B 70 -19.65 8.34 12.87
C SER B 70 -20.89 8.47 13.76
N MSE B 71 -21.53 9.61 13.69
CA MSE B 71 -22.71 9.86 14.52
C MSE B 71 -23.88 8.90 14.25
O MSE B 71 -24.74 8.75 15.11
CB MSE B 71 -23.17 11.32 14.44
CG MSE B 71 -22.37 12.27 15.34
SE MSE B 71 -22.42 11.80 17.25
CE MSE B 71 -24.37 11.50 17.39
N LEU B 72 -23.91 8.28 13.07
CA LEU B 72 -24.97 7.30 12.81
C LEU B 72 -24.83 6.13 13.79
N LEU B 73 -23.61 5.61 13.89
CA LEU B 73 -23.32 4.49 14.81
C LEU B 73 -23.51 4.93 16.27
N TYR B 74 -23.00 6.10 16.64
CA TYR B 74 -23.15 6.55 18.04
C TYR B 74 -24.62 6.74 18.42
N SER B 75 -25.43 7.25 17.49
CA SER B 75 -26.88 7.37 17.70
C SER B 75 -27.54 6.01 17.91
N LEU B 76 -27.17 5.03 17.08
CA LEU B 76 -27.77 3.70 17.18
C LEU B 76 -27.42 3.06 18.52
N LEU B 77 -26.15 3.17 18.90
CA LEU B 77 -25.71 2.59 20.17
C LEU B 77 -26.40 3.26 21.35
N HIS B 78 -26.47 4.59 21.29
CA HIS B 78 -27.15 5.33 22.36
C HIS B 78 -28.62 4.95 22.51
N LEU B 79 -29.35 4.96 21.39
CA LEU B 79 -30.80 4.80 21.45
C LEU B 79 -31.19 3.38 21.88
N THR B 80 -30.39 2.38 21.46
CA THR B 80 -30.74 1.00 21.84
C THR B 80 -30.33 0.64 23.28
N GLY B 81 -29.59 1.51 23.97
CA GLY B 81 -29.31 1.26 25.38
C GLY B 81 -27.88 0.91 25.78
N TYR B 82 -26.93 1.05 24.87
CA TYR B 82 -25.53 0.81 25.21
C TYR B 82 -25.02 1.87 26.18
N ASP B 83 -23.89 1.63 26.83
CA ASP B 83 -23.34 2.61 27.78
C ASP B 83 -22.64 3.75 27.00
N LEU B 84 -23.44 4.53 26.26
CA LEU B 84 -22.93 5.67 25.48
C LEU B 84 -24.00 6.73 25.66
N SER B 85 -23.68 7.81 26.38
CA SER B 85 -24.66 8.72 26.90
C SER B 85 -24.87 9.95 25.99
N ILE B 86 -25.90 10.72 26.30
CA ILE B 86 -26.06 12.04 25.70
C ILE B 86 -24.82 12.90 25.99
N GLU B 87 -24.32 12.84 27.23
CA GLU B 87 -23.08 13.58 27.58
C GLU B 87 -21.92 13.13 26.67
N ASP B 88 -21.82 11.83 26.41
CA ASP B 88 -20.77 11.32 25.53
C ASP B 88 -20.93 11.95 24.14
N ILE B 89 -22.17 11.97 23.66
CA ILE B 89 -22.49 12.58 22.35
C ILE B 89 -22.18 14.09 22.31
N LYS B 90 -22.37 14.76 23.44
CA LYS B 90 -22.03 16.18 23.58
C LYS B 90 -20.50 16.39 23.56
N ASN B 91 -19.76 15.30 23.67
CA ASN B 91 -18.32 15.38 23.58
C ASN B 91 -17.75 14.72 22.33
N PHE B 92 -18.59 14.63 21.29
CA PHE B 92 -18.14 14.15 19.98
C PHE B 92 -16.85 14.86 19.55
N ARG B 93 -15.83 14.09 19.14
CA ARG B 93 -14.57 14.65 18.62
C ARG B 93 -13.72 15.40 19.66
N GLN B 94 -13.99 15.17 20.95
CA GLN B 94 -13.22 15.87 22.02
C GLN B 94 -12.28 14.90 22.72
N LEU B 95 -11.20 15.42 23.27
CA LEU B 95 -10.14 14.56 23.77
C LEU B 95 -10.66 13.61 24.85
N HIS B 96 -10.30 12.33 24.68
CA HIS B 96 -10.57 11.28 25.63
C HIS B 96 -12.03 10.83 25.62
N SER B 97 -12.83 11.35 24.69
CA SER B 97 -14.26 10.98 24.71
C SER B 97 -14.50 9.58 24.16
N LYS B 98 -15.69 9.05 24.48
CA LYS B 98 -16.10 7.77 23.93
C LYS B 98 -16.67 7.89 22.52
N THR B 99 -16.60 9.09 21.95
CA THR B 99 -17.21 9.38 20.66
C THR B 99 -16.20 10.08 19.74
N PRO B 100 -15.10 9.38 19.40
CA PRO B 100 -14.10 9.99 18.51
C PRO B 100 -14.65 10.17 17.10
N GLY B 101 -13.99 11.02 16.31
CA GLY B 101 -14.49 11.36 14.99
C GLY B 101 -14.70 10.22 14.01
N HIS B 102 -13.88 9.20 14.12
CA HIS B 102 -14.08 7.91 13.44
C HIS B 102 -14.18 6.84 14.53
N PRO B 103 -15.08 5.87 14.33
CA PRO B 103 -15.28 4.88 15.39
C PRO B 103 -14.00 4.06 15.65
N GLU B 104 -13.70 3.84 16.91
CA GLU B 104 -12.51 3.10 17.34
C GLU B 104 -12.88 1.89 18.18
N TYR B 105 -12.42 0.72 17.76
CA TYR B 105 -12.58 -0.46 18.59
C TYR B 105 -11.80 -0.34 19.87
N GLY B 106 -12.42 -0.74 20.96
CA GLY B 106 -11.66 -1.00 22.20
C GLY B 106 -12.16 -0.28 23.43
N TYR B 107 -12.63 0.93 23.26
CA TYR B 107 -13.15 1.65 24.42
C TYR B 107 -14.65 1.89 24.26
N THR B 108 -15.10 2.37 23.09
CA THR B 108 -16.55 2.62 22.90
C THR B 108 -17.32 1.30 22.85
N PRO B 109 -18.31 1.10 23.75
CA PRO B 109 -19.01 -0.19 23.74
C PRO B 109 -19.83 -0.38 22.47
N GLY B 110 -19.72 -1.56 21.83
CA GLY B 110 -20.53 -1.88 20.65
C GLY B 110 -19.86 -1.52 19.33
N VAL B 111 -18.68 -0.89 19.39
CA VAL B 111 -17.97 -0.57 18.13
C VAL B 111 -17.12 -1.76 17.73
N GLU B 112 -17.39 -2.35 16.55
CA GLU B 112 -16.77 -3.66 16.23
C GLU B 112 -15.39 -3.60 15.58
N THR B 113 -15.05 -2.45 15.00
CA THR B 113 -13.79 -2.28 14.31
C THR B 113 -13.49 -0.80 14.24
N THR B 114 -12.26 -0.48 13.87
CA THR B 114 -11.84 0.89 13.73
C THR B 114 -11.83 1.17 12.25
N THR B 115 -12.58 2.18 11.86
CA THR B 115 -12.68 2.55 10.47
C THR B 115 -12.33 4.01 10.25
N GLY B 116 -11.64 4.25 9.16
CA GLY B 116 -11.24 5.58 8.78
C GLY B 116 -10.92 5.48 7.32
N PRO B 117 -9.74 4.97 7.03
CA PRO B 117 -9.39 4.73 5.64
C PRO B 117 -10.40 3.84 4.93
N LEU B 118 -10.88 4.30 3.77
CA LEU B 118 -12.00 3.67 3.12
C LEU B 118 -11.70 2.32 2.52
N GLY B 119 -12.74 1.52 2.38
CA GLY B 119 -12.66 0.18 1.81
C GLY B 119 -12.37 -0.91 2.82
N GLN B 120 -11.58 -0.59 3.84
CA GLN B 120 -11.19 -1.65 4.77
C GLN B 120 -12.32 -2.17 5.66
N GLY B 121 -13.29 -1.31 6.00
CA GLY B 121 -14.46 -1.77 6.79
C GLY B 121 -15.13 -2.98 6.14
N VAL B 122 -15.33 -2.88 4.82
CA VAL B 122 -15.93 -3.97 4.06
C VAL B 122 -15.09 -5.24 4.18
N ALA B 123 -13.77 -5.13 4.06
CA ALA B 123 -12.89 -6.27 4.18
C ALA B 123 -12.91 -6.84 5.63
N ASN B 124 -12.95 -5.96 6.61
CA ASN B 124 -13.08 -6.44 8.00
C ASN B 124 -14.39 -7.25 8.16
N ALA B 125 -15.49 -6.75 7.58
CA ALA B 125 -16.77 -7.45 7.66
C ALA B 125 -16.71 -8.81 6.97
N VAL B 126 -16.01 -8.87 5.83
CA VAL B 126 -15.81 -10.19 5.19
C VAL B 126 -15.07 -11.14 6.15
N GLY B 127 -14.04 -10.63 6.83
CA GLY B 127 -13.32 -11.43 7.86
C GLY B 127 -14.20 -11.89 9.00
N MSE B 128 -15.06 -11.00 9.47
CA MSE B 128 -16.00 -11.41 10.55
C MSE B 128 -16.99 -12.49 10.07
O MSE B 128 -17.27 -13.46 10.82
CB MSE B 128 -16.71 -10.18 11.12
CG MSE B 128 -15.75 -9.18 11.74
SE MSE B 128 -16.77 -7.72 12.42
CE MSE B 128 -15.33 -6.48 12.78
N ALA B 129 -17.49 -12.36 8.85
CA ALA B 129 -18.41 -13.37 8.33
C ALA B 129 -17.66 -14.71 8.13
N LEU B 130 -16.41 -14.63 7.64
CA LEU B 130 -15.59 -15.83 7.53
C LEU B 130 -15.36 -16.46 8.91
N GLY B 131 -15.14 -15.61 9.91
CA GLY B 131 -14.99 -16.09 11.29
C GLY B 131 -16.19 -16.88 11.79
N GLU B 132 -17.40 -16.35 11.57
CA GLU B 132 -18.62 -17.06 11.99
C GLU B 132 -18.72 -18.43 11.31
N LYS B 133 -18.36 -18.48 10.04
CA LYS B 133 -18.39 -19.73 9.26
C LYS B 133 -17.37 -20.73 9.82
N LEU B 134 -16.16 -20.27 10.13
CA LEU B 134 -15.13 -21.12 10.71
C LEU B 134 -15.49 -21.68 12.07
N LEU B 135 -15.97 -20.84 12.99
CA LEU B 135 -16.32 -21.32 14.31
C LEU B 135 -17.56 -22.20 14.28
N SER B 136 -18.53 -21.85 13.44
CA SER B 136 -19.70 -22.71 13.35
C SER B 136 -19.34 -24.08 12.78
N ASP B 137 -18.45 -24.10 11.78
CA ASP B 137 -17.97 -25.39 11.26
C ASP B 137 -17.18 -26.18 12.32
N ARG B 138 -16.38 -25.50 13.13
CA ARG B 138 -15.55 -26.16 14.14
C ARG B 138 -16.39 -26.73 15.29
N TYR B 139 -17.42 -26.00 15.72
CA TYR B 139 -18.08 -26.32 17.01
C TYR B 139 -19.55 -26.76 16.94
N ASN B 140 -20.26 -26.44 15.86
CA ASN B 140 -21.65 -26.89 15.73
C ASN B 140 -21.73 -28.36 15.39
N THR B 141 -22.90 -28.94 15.67
CA THR B 141 -23.25 -30.27 15.17
C THR B 141 -24.65 -30.20 14.56
N PRO B 142 -25.03 -31.22 13.78
CA PRO B 142 -26.40 -31.23 13.25
C PRO B 142 -27.45 -31.07 14.35
N ASP B 143 -27.13 -31.52 15.56
CA ASP B 143 -28.09 -31.45 16.67
C ASP B 143 -28.03 -30.19 17.53
N LEU B 144 -26.91 -29.46 17.51
CA LEU B 144 -26.74 -28.29 18.38
C LEU B 144 -25.92 -27.15 17.76
N LYS B 145 -26.57 -26.04 17.43
CA LYS B 145 -25.89 -24.87 16.88
C LYS B 145 -25.44 -23.88 17.97
N VAL B 146 -24.14 -23.86 18.27
CA VAL B 146 -23.60 -22.93 19.25
C VAL B 146 -23.32 -21.55 18.61
N ILE B 147 -22.88 -21.55 17.35
CA ILE B 147 -22.60 -20.29 16.67
C ILE B 147 -23.51 -20.18 15.46
N ASP B 148 -24.29 -19.10 15.39
CA ASP B 148 -25.21 -18.90 14.27
C ASP B 148 -25.71 -17.46 14.29
N HIS B 149 -25.16 -16.59 13.44
CA HIS B 149 -25.57 -15.17 13.39
C HIS B 149 -25.15 -14.55 12.06
N HIS B 150 -25.64 -13.32 11.82
CA HIS B 150 -25.33 -12.59 10.59
C HIS B 150 -24.22 -11.56 10.77
N THR B 151 -23.75 -11.01 9.63
CA THR B 151 -22.81 -9.92 9.60
C THR B 151 -23.35 -8.85 8.66
N TYR B 152 -23.51 -7.62 9.14
CA TYR B 152 -24.04 -6.53 8.32
C TYR B 152 -23.00 -5.43 8.15
N VAL B 153 -22.94 -4.82 6.96
CA VAL B 153 -22.02 -3.71 6.74
C VAL B 153 -22.68 -2.58 5.96
N PHE B 154 -22.50 -1.33 6.39
CA PHE B 154 -22.97 -0.17 5.61
C PHE B 154 -21.77 0.37 4.86
N LEU B 155 -21.95 0.69 3.57
CA LEU B 155 -20.82 1.18 2.77
C LEU B 155 -21.25 2.30 1.83
N GLY B 156 -20.26 3.06 1.35
CA GLY B 156 -20.51 4.21 0.48
C GLY B 156 -19.76 4.14 -0.83
N ASP B 157 -19.96 5.18 -1.65
CA ASP B 157 -19.35 5.21 -2.98
C ASP B 157 -17.83 5.07 -2.92
N GLY B 158 -17.19 5.78 -1.98
CA GLY B 158 -15.73 5.78 -1.89
C GLY B 158 -15.21 4.39 -1.57
N OCS B 159 -15.92 3.68 -0.70
CA OCS B 159 -15.58 2.29 -0.40
CB OCS B 159 -16.58 1.68 0.57
SG OCS B 159 -16.63 2.47 2.17
C OCS B 159 -15.57 1.43 -1.65
O OCS B 159 -14.65 0.63 -1.83
OD1 OCS B 159 -15.39 2.24 2.82
OD2 OCS B 159 -17.69 1.88 2.90
OD3 OCS B 159 -16.89 3.83 1.98
N LEU B 160 -16.57 1.62 -2.52
CA LEU B 160 -16.67 0.81 -3.75
C LEU B 160 -15.59 1.13 -4.76
N MSE B 161 -15.08 2.36 -4.75
CA MSE B 161 -14.01 2.74 -5.69
C MSE B 161 -12.67 2.16 -5.28
O MSE B 161 -11.83 1.86 -6.13
CB MSE B 161 -13.89 4.26 -5.78
CG MSE B 161 -15.06 4.87 -6.52
SE MSE B 161 -14.88 6.81 -6.72
CE MSE B 161 -16.29 7.34 -5.52
N GLU B 162 -12.47 1.98 -3.98
CA GLU B 162 -11.19 1.42 -3.50
C GLU B 162 -10.92 -0.01 -3.97
N GLY B 163 -9.67 -0.25 -4.35
CA GLY B 163 -9.27 -1.62 -4.75
C GLY B 163 -9.50 -2.69 -3.71
N VAL B 164 -9.35 -2.35 -2.43
CA VAL B 164 -9.48 -3.37 -1.41
C VAL B 164 -10.94 -3.91 -1.38
N SER B 165 -11.91 -3.09 -1.82
CA SER B 165 -13.31 -3.63 -1.92
C SER B 165 -13.43 -4.70 -2.99
N HIS B 166 -12.69 -4.54 -4.07
CA HIS B 166 -12.65 -5.54 -5.11
C HIS B 166 -12.04 -6.84 -4.59
N GLU B 167 -10.92 -6.73 -3.88
CA GLU B 167 -10.29 -7.93 -3.33
C GLU B 167 -11.20 -8.67 -2.35
N ALA B 168 -11.79 -7.94 -1.40
CA ALA B 168 -12.54 -8.59 -0.33
C ALA B 168 -13.87 -9.11 -0.86
N CYS B 169 -14.52 -8.34 -1.74
CA CYS B 169 -15.85 -8.74 -2.18
C CYS B 169 -15.76 -9.87 -3.22
N SER B 170 -14.72 -9.88 -4.07
CA SER B 170 -14.48 -11.01 -4.97
C SER B 170 -14.31 -12.29 -4.16
N LEU B 171 -13.50 -12.22 -3.12
CA LEU B 171 -13.26 -13.40 -2.30
C LEU B 171 -14.50 -13.83 -1.51
N ALA B 172 -15.32 -12.89 -1.03
CA ALA B 172 -16.51 -13.22 -0.27
C ALA B 172 -17.47 -14.00 -1.14
N GLY B 173 -17.55 -13.63 -2.42
CA GLY B 173 -18.39 -14.37 -3.36
C GLY B 173 -17.92 -15.78 -3.60
N THR B 174 -16.63 -15.93 -3.85
CA THR B 174 -16.04 -17.27 -4.03
C THR B 174 -16.29 -18.18 -2.83
N LEU B 175 -16.18 -17.61 -1.63
CA LEU B 175 -16.31 -18.36 -0.37
C LEU B 175 -17.77 -18.62 0.02
N GLY B 176 -18.71 -18.04 -0.73
CA GLY B 176 -20.15 -18.21 -0.47
C GLY B 176 -20.59 -17.82 0.93
N LEU B 177 -20.24 -16.59 1.32
CA LEU B 177 -20.58 -16.11 2.67
C LEU B 177 -22.01 -15.60 2.74
N ASN B 178 -22.99 -16.52 2.77
CA ASN B 178 -24.37 -16.10 2.62
C ASN B 178 -24.96 -15.34 3.79
N LYS B 179 -24.28 -15.33 4.94
CA LYS B 179 -24.79 -14.61 6.11
C LYS B 179 -24.27 -13.16 6.18
N LEU B 180 -23.50 -12.76 5.16
CA LEU B 180 -23.03 -11.36 5.02
C LEU B 180 -24.02 -10.55 4.19
N VAL B 181 -24.46 -9.42 4.72
CA VAL B 181 -25.39 -8.55 4.04
C VAL B 181 -24.86 -7.11 4.05
N ALA B 182 -24.68 -6.54 2.85
CA ALA B 182 -24.12 -5.17 2.74
C ALA B 182 -25.18 -4.21 2.23
N PHE B 183 -25.10 -2.95 2.67
CA PHE B 183 -26.06 -1.91 2.28
C PHE B 183 -25.27 -0.80 1.68
N TRP B 184 -25.63 -0.39 0.47
CA TRP B 184 -24.90 0.66 -0.22
C TRP B 184 -25.71 1.93 -0.24
N ASP B 185 -25.09 2.97 0.29
CA ASP B 185 -25.67 4.29 0.34
C ASP B 185 -25.49 4.91 -1.05
N ASP B 186 -26.45 4.64 -1.93
CA ASP B 186 -26.45 5.13 -3.30
C ASP B 186 -27.14 6.50 -3.34
N ASN B 187 -26.40 7.46 -3.03
CA ASN B 187 -26.98 8.78 -2.81
C ASN B 187 -26.76 9.72 -3.98
N ASN B 188 -27.54 10.87 -4.01
CA ASN B 188 -27.49 11.82 -5.12
C ASN B 188 -26.10 11.88 -5.77
N THR B 195 -21.75 12.62 -9.81
CA THR B 195 -20.36 12.21 -9.68
C THR B 195 -20.03 11.15 -10.72
N LYS B 196 -20.86 11.12 -11.77
CA LYS B 196 -20.68 10.18 -12.88
C LYS B 196 -19.38 10.50 -13.59
N GLY B 197 -18.86 11.70 -13.35
CA GLY B 197 -17.58 12.14 -13.93
C GLY B 197 -16.38 11.33 -13.46
N TRP B 198 -16.48 10.72 -12.28
CA TRP B 198 -15.38 9.85 -11.83
C TRP B 198 -15.85 8.48 -11.34
N PHE B 199 -17.16 8.28 -11.21
CA PHE B 199 -17.70 7.00 -10.72
C PHE B 199 -18.96 6.60 -11.48
N SER B 200 -18.78 5.70 -12.44
CA SER B 200 -19.83 5.36 -13.38
C SER B 200 -20.01 3.84 -13.54
N ASP B 201 -19.43 3.07 -12.63
CA ASP B 201 -19.57 1.60 -12.63
C ASP B 201 -21.05 1.22 -12.64
N ASN B 202 -21.39 0.14 -13.33
CA ASN B 202 -22.66 -0.54 -13.07
C ASN B 202 -22.44 -1.40 -11.82
N THR B 203 -22.73 -0.87 -10.63
CA THR B 203 -22.33 -1.56 -9.41
C THR B 203 -23.10 -2.89 -9.25
N PRO B 204 -24.40 -2.91 -9.57
CA PRO B 204 -25.08 -4.22 -9.51
C PRO B 204 -24.46 -5.28 -10.43
N GLU B 205 -24.10 -4.91 -11.64
CA GLU B 205 -23.51 -5.88 -12.54
C GLU B 205 -22.17 -6.36 -11.99
N ARG B 206 -21.38 -5.46 -11.42
CA ARG B 206 -20.09 -5.82 -10.87
C ARG B 206 -20.29 -6.83 -9.74
N PHE B 207 -21.25 -6.57 -8.86
CA PHE B 207 -21.45 -7.50 -7.75
C PHE B 207 -22.03 -8.85 -8.16
N ARG B 208 -22.91 -8.88 -9.15
CA ARG B 208 -23.33 -10.18 -9.69
C ARG B 208 -22.14 -10.94 -10.26
N ALA B 209 -21.19 -10.23 -10.87
CA ALA B 209 -19.97 -10.83 -11.43
C ALA B 209 -19.11 -11.45 -10.31
N TYR B 210 -19.22 -10.94 -9.08
CA TYR B 210 -18.54 -11.57 -7.92
C TYR B 210 -19.30 -12.74 -7.33
N GLY B 211 -20.50 -13.04 -7.84
CA GLY B 211 -21.35 -14.07 -7.24
C GLY B 211 -22.15 -13.61 -6.02
N TRP B 212 -22.41 -12.31 -5.94
CA TRP B 212 -23.31 -11.80 -4.90
C TRP B 212 -24.74 -11.77 -5.40
N HIS B 213 -25.69 -11.84 -4.47
CA HIS B 213 -27.09 -11.59 -4.77
C HIS B 213 -27.26 -10.07 -4.67
N VAL B 214 -27.86 -9.45 -5.66
CA VAL B 214 -28.01 -8.00 -5.59
C VAL B 214 -29.49 -7.61 -5.61
N ILE B 215 -29.88 -6.74 -4.68
CA ILE B 215 -31.23 -6.14 -4.63
C ILE B 215 -31.14 -4.67 -5.06
N GLU B 216 -31.73 -4.36 -6.22
CA GLU B 216 -31.60 -3.02 -6.83
C GLU B 216 -32.78 -2.11 -6.49
N ASN B 217 -32.53 -0.82 -6.51
CA ASN B 217 -33.62 0.17 -6.46
C ASN B 217 -34.49 0.16 -5.22
N VAL B 218 -33.90 -0.11 -4.07
CA VAL B 218 -34.66 -0.07 -2.83
C VAL B 218 -34.75 1.39 -2.41
N ASP B 219 -35.98 1.88 -2.19
CA ASP B 219 -36.20 3.23 -1.67
C ASP B 219 -35.74 3.30 -0.21
N GLY B 220 -34.64 4.00 0.04
CA GLY B 220 -34.03 4.06 1.37
C GLY B 220 -34.77 4.90 2.41
N HIS B 221 -35.90 5.46 2.04
CA HIS B 221 -36.70 6.26 2.98
C HIS B 221 -38.07 5.62 3.17
N ASP B 222 -38.26 4.46 2.55
CA ASP B 222 -39.49 3.68 2.64
C ASP B 222 -39.28 2.48 3.57
N PHE B 223 -39.80 2.58 4.80
CA PHE B 223 -39.55 1.56 5.83
C PHE B 223 -39.99 0.15 5.37
N VAL B 224 -41.11 0.09 4.64
CA VAL B 224 -41.65 -1.20 4.21
C VAL B 224 -40.75 -1.86 3.16
N ALA B 225 -40.30 -1.07 2.19
CA ALA B 225 -39.38 -1.57 1.17
C ALA B 225 -38.07 -2.07 1.76
N ILE B 226 -37.53 -1.35 2.75
CA ILE B 226 -36.29 -1.76 3.40
C ILE B 226 -36.43 -3.12 4.10
N GLU B 227 -37.47 -3.29 4.90
CA GLU B 227 -37.72 -4.56 5.59
C GLU B 227 -37.88 -5.72 4.58
N LYS B 228 -38.56 -5.47 3.47
CA LYS B 228 -38.74 -6.51 2.44
C LYS B 228 -37.40 -6.93 1.88
N ALA B 229 -36.54 -5.96 1.66
CA ALA B 229 -35.22 -6.25 1.13
C ALA B 229 -34.37 -7.09 2.08
N ILE B 230 -34.44 -6.79 3.38
CA ILE B 230 -33.60 -7.50 4.35
C ILE B 230 -34.08 -8.94 4.47
N ASN B 231 -35.39 -9.14 4.54
CA ASN B 231 -35.93 -10.51 4.50
C ASN B 231 -35.47 -11.29 3.28
N GLU B 232 -35.43 -10.62 2.12
CA GLU B 232 -34.94 -11.26 0.92
C GLU B 232 -33.47 -11.68 1.07
N ALA B 233 -32.66 -10.80 1.66
CA ALA B 233 -31.23 -11.15 1.88
C ALA B 233 -31.12 -12.39 2.79
N HIS B 234 -31.96 -12.45 3.81
CA HIS B 234 -31.91 -13.57 4.77
C HIS B 234 -32.28 -14.92 4.13
N SER B 235 -33.03 -14.88 3.04
CA SER B 235 -33.42 -16.13 2.38
C SER B 235 -32.29 -16.71 1.52
N GLN B 236 -31.17 -15.99 1.38
CA GLN B 236 -30.07 -16.45 0.53
C GLN B 236 -29.34 -17.60 1.19
N GLN B 237 -29.25 -18.72 0.49
CA GLN B 237 -28.56 -19.86 1.08
C GLN B 237 -27.10 -19.96 0.67
N GLN B 238 -26.74 -19.34 -0.45
CA GLN B 238 -25.40 -19.51 -0.99
C GLN B 238 -24.59 -18.23 -1.19
N LYS B 239 -25.25 -17.11 -1.45
CA LYS B 239 -24.50 -15.89 -1.82
C LYS B 239 -24.60 -14.79 -0.76
N PRO B 240 -23.51 -14.02 -0.54
CA PRO B 240 -23.68 -12.74 0.15
C PRO B 240 -24.59 -11.77 -0.63
N THR B 241 -25.21 -10.83 0.07
CA THR B 241 -26.16 -9.91 -0.58
C THR B 241 -25.72 -8.45 -0.49
N LEU B 242 -25.84 -7.72 -1.62
CA LEU B 242 -25.69 -6.25 -1.62
C LEU B 242 -27.08 -5.65 -1.84
N ILE B 243 -27.51 -4.78 -0.93
CA ILE B 243 -28.77 -4.07 -1.04
C ILE B 243 -28.49 -2.63 -1.46
N CYS B 244 -28.97 -2.26 -2.66
CA CYS B 244 -28.71 -0.95 -3.24
C CYS B 244 -29.80 0.04 -2.85
N CYS B 245 -29.45 1.00 -1.99
CA CYS B 245 -30.42 1.87 -1.34
C CYS B 245 -30.29 3.29 -1.87
N LYS B 246 -31.32 3.76 -2.54
CA LYS B 246 -31.37 5.13 -3.06
C LYS B 246 -31.73 6.11 -1.96
N THR B 247 -30.81 7.01 -1.63
CA THR B 247 -31.00 7.95 -0.51
C THR B 247 -30.81 9.38 -0.96
N VAL B 248 -31.36 10.29 -0.17
CA VAL B 248 -31.14 11.72 -0.31
C VAL B 248 -30.23 12.19 0.84
N ILE B 249 -28.98 12.50 0.53
CA ILE B 249 -28.06 13.04 1.54
C ILE B 249 -28.64 14.33 2.10
N GLY B 250 -28.46 14.54 3.40
CA GLY B 250 -28.99 15.74 4.05
C GLY B 250 -30.50 15.71 4.16
N PHE B 251 -31.10 14.57 3.82
CA PHE B 251 -32.56 14.39 3.89
C PHE B 251 -33.18 15.00 5.15
N GLY B 252 -34.12 15.92 4.94
CA GLY B 252 -34.80 16.59 6.03
C GLY B 252 -34.48 18.07 6.08
N SER B 253 -33.37 18.44 5.44
CA SER B 253 -32.92 19.83 5.41
C SER B 253 -33.40 20.55 4.15
N PRO B 254 -34.21 21.61 4.32
CA PRO B 254 -34.67 22.40 3.19
C PRO B 254 -33.53 23.01 2.37
N GLU B 255 -32.46 23.44 3.05
CA GLU B 255 -31.35 24.12 2.38
C GLU B 255 -30.23 23.19 1.91
N LYS B 256 -30.05 22.05 2.57
CA LYS B 256 -28.88 21.20 2.35
C LYS B 256 -29.17 19.82 1.75
N ALA B 257 -30.41 19.37 1.81
CA ALA B 257 -30.79 18.03 1.33
C ALA B 257 -30.43 17.81 -0.14
N GLY B 258 -29.54 16.85 -0.39
CA GLY B 258 -29.11 16.52 -1.74
C GLY B 258 -27.93 17.34 -2.22
N GLY B 264 -19.43 18.00 3.76
CA GLY B 264 -19.37 17.54 5.14
C GLY B 264 -19.13 18.66 6.14
N SER B 265 -20.06 19.59 6.22
CA SER B 265 -19.98 20.69 7.17
C SER B 265 -21.21 20.71 8.07
N PRO B 266 -21.00 20.86 9.39
CA PRO B 266 -22.10 21.01 10.33
C PRO B 266 -23.12 22.07 9.91
N LEU B 267 -24.41 21.77 10.10
CA LEU B 267 -25.48 22.72 9.84
C LEU B 267 -25.40 23.90 10.82
N SER B 268 -25.82 25.08 10.36
CA SER B 268 -25.89 26.24 11.22
C SER B 268 -27.06 26.12 12.20
N ASP B 269 -27.09 27.01 13.18
CA ASP B 269 -28.23 27.09 14.10
C ASP B 269 -29.53 27.27 13.31
N GLN B 270 -29.49 28.10 12.28
CA GLN B 270 -30.68 28.42 11.49
C GLN B 270 -31.14 27.25 10.63
N GLU B 271 -30.18 26.48 10.12
CA GLU B 271 -30.49 25.32 9.31
C GLU B 271 -31.00 24.16 10.15
N ARG B 272 -30.49 24.07 11.38
CA ARG B 272 -31.01 23.09 12.34
C ARG B 272 -32.48 23.39 12.64
N ALA B 273 -32.80 24.65 12.91
CA ALA B 273 -34.17 25.04 13.19
C ALA B 273 -35.08 24.73 12.00
N SER B 274 -34.53 24.87 10.80
CA SER B 274 -35.26 24.61 9.57
C SER B 274 -35.57 23.13 9.38
N ALA B 275 -34.54 22.29 9.47
CA ALA B 275 -34.74 20.84 9.39
C ALA B 275 -35.82 20.42 10.37
N ALA B 276 -35.76 20.96 11.59
CA ALA B 276 -36.74 20.59 12.62
C ALA B 276 -38.17 20.91 12.18
N LYS B 277 -38.38 22.12 11.67
CA LYS B 277 -39.67 22.51 11.12
C LYS B 277 -40.10 21.55 10.01
N GLU B 278 -39.22 21.35 9.04
CA GLU B 278 -39.48 20.47 7.92
C GLU B 278 -39.86 19.05 8.35
N LEU B 279 -39.00 18.41 9.13
CA LEU B 279 -39.26 17.04 9.59
C LEU B 279 -40.21 16.97 10.79
N ASN B 280 -40.82 18.09 11.15
CA ASN B 280 -41.72 18.13 12.30
C ASN B 280 -41.08 17.64 13.60
N TRP B 281 -39.83 18.04 13.83
CA TRP B 281 -39.10 17.71 15.05
C TRP B 281 -39.18 18.91 16.00
N ASP B 282 -39.92 18.78 17.09
CA ASP B 282 -40.16 19.90 17.98
C ASP B 282 -39.39 19.82 19.29
N TYR B 283 -38.21 19.23 19.25
CA TYR B 283 -37.39 19.07 20.44
C TYR B 283 -36.07 19.86 20.30
N GLN B 284 -35.54 20.34 21.42
CA GLN B 284 -34.33 21.15 21.41
C GLN B 284 -33.11 20.30 21.10
N ALA B 285 -31.94 20.93 21.04
CA ALA B 285 -30.69 20.20 20.85
C ALA B 285 -30.53 19.13 21.93
N PHE B 286 -30.35 17.89 21.49
CA PHE B 286 -30.07 16.73 22.35
C PHE B 286 -31.28 16.23 23.17
N GLU B 287 -32.46 16.81 22.94
CA GLU B 287 -33.66 16.37 23.62
C GLU B 287 -34.34 15.22 22.89
N ILE B 288 -34.47 14.09 23.57
CA ILE B 288 -35.12 12.90 23.00
C ILE B 288 -36.26 12.49 23.93
N PRO B 289 -37.50 12.43 23.40
CA PRO B 289 -38.72 12.15 24.16
C PRO B 289 -38.87 10.67 24.52
N GLN B 290 -39.72 10.38 25.51
CA GLN B 290 -39.93 9.03 26.03
CA GLN B 290 -39.88 9.02 26.02
C GLN B 290 -40.31 8.02 24.96
N ASP B 291 -41.24 8.39 24.09
CA ASP B 291 -41.75 7.42 23.12
C ASP B 291 -40.63 6.90 22.21
N VAL B 292 -39.63 7.74 21.95
CA VAL B 292 -38.48 7.32 21.13
C VAL B 292 -37.66 6.29 21.90
N TYR B 293 -37.37 6.55 23.17
CA TYR B 293 -36.64 5.55 23.95
C TYR B 293 -37.44 4.25 24.10
N LYS B 294 -38.77 4.38 24.18
CA LYS B 294 -39.61 3.21 24.33
C LYS B 294 -39.53 2.35 23.08
N TYR B 295 -39.57 3.00 21.91
CA TYR B 295 -39.41 2.24 20.67
C TYR B 295 -38.01 1.59 20.54
N TRP B 296 -36.98 2.35 20.89
CA TRP B 296 -35.60 1.98 20.60
C TRP B 296 -34.91 1.07 21.61
N ASP B 297 -35.19 1.26 22.90
CA ASP B 297 -34.39 0.58 23.90
C ASP B 297 -34.44 -0.96 23.76
N ALA B 298 -33.28 -1.59 23.76
CA ALA B 298 -33.21 -3.03 23.46
C ALA B 298 -32.67 -3.87 24.61
N ARG B 299 -32.58 -3.29 25.80
CA ARG B 299 -32.02 -4.03 26.93
C ARG B 299 -32.83 -5.26 27.33
N GLU B 300 -34.14 -5.10 27.48
CA GLU B 300 -35.01 -6.25 27.87
C GLU B 300 -34.92 -7.40 26.87
N LYS B 301 -35.11 -7.10 25.60
CA LYS B 301 -35.07 -8.16 24.59
C LYS B 301 -33.66 -8.72 24.42
N GLY B 302 -32.65 -7.88 24.63
CA GLY B 302 -31.26 -8.32 24.55
C GLY B 302 -30.80 -9.24 25.68
N GLN B 303 -31.15 -8.89 26.92
CA GLN B 303 -30.77 -9.72 28.07
C GLN B 303 -31.35 -11.13 27.95
N ALA B 304 -32.55 -11.22 27.37
CA ALA B 304 -33.22 -12.51 27.25
C ALA B 304 -32.61 -13.34 26.14
N LEU B 305 -32.30 -12.67 25.02
CA LEU B 305 -31.58 -13.27 23.88
C LEU B 305 -30.31 -13.97 24.36
N GLU B 306 -29.51 -13.25 25.15
CA GLU B 306 -28.26 -13.81 25.64
C GLU B 306 -28.47 -14.92 26.66
N ALA B 307 -29.32 -14.67 27.66
CA ALA B 307 -29.61 -15.70 28.64
C ALA B 307 -30.02 -17.01 27.97
N ASN B 308 -30.95 -16.94 27.02
CA ASN B 308 -31.32 -18.11 26.23
C ASN B 308 -30.10 -18.82 25.62
N TRP B 309 -29.23 -18.06 24.97
CA TRP B 309 -28.09 -18.65 24.30
C TRP B 309 -27.13 -19.29 25.32
N GLN B 310 -26.96 -18.67 26.49
CA GLN B 310 -26.04 -19.22 27.50
C GLN B 310 -26.51 -20.61 27.95
N GLY B 311 -27.79 -20.89 27.71
CA GLY B 311 -28.35 -22.23 27.89
C GLY B 311 -27.91 -23.20 26.80
N GLN B 312 -27.88 -22.74 25.55
CA GLN B 312 -27.36 -23.55 24.45
C GLN B 312 -25.89 -23.86 24.69
N ARG B 313 -25.17 -22.84 25.11
CA ARG B 313 -23.78 -22.98 25.53
C ARG B 313 -23.66 -24.07 26.63
N ASN B 314 -24.57 -24.08 27.61
CA ASN B 314 -24.45 -25.10 28.66
CA ASN B 314 -24.57 -25.09 28.68
C ASN B 314 -24.76 -26.51 28.15
N LEU B 315 -25.62 -26.64 27.16
CA LEU B 315 -25.88 -27.97 26.55
C LEU B 315 -24.62 -28.48 25.86
N PHE B 316 -23.80 -27.54 25.39
CA PHE B 316 -22.53 -27.87 24.74
C PHE B 316 -21.50 -28.39 25.75
N LYS B 317 -21.81 -28.33 27.07
CA LYS B 317 -20.79 -28.60 28.09
C LYS B 317 -20.22 -30.04 28.09
N ASP B 318 -21.00 -30.98 27.59
CA ASP B 318 -20.61 -32.40 27.63
C ASP B 318 -19.90 -32.84 26.34
N SER B 319 -19.83 -31.94 25.36
CA SER B 319 -19.27 -32.28 24.05
C SER B 319 -17.75 -32.39 24.05
N PRO B 320 -17.20 -33.26 23.20
CA PRO B 320 -15.75 -33.44 23.21
C PRO B 320 -14.97 -32.15 22.90
N LYS B 321 -15.58 -31.22 22.16
CA LYS B 321 -14.87 -29.99 21.77
C LYS B 321 -15.16 -28.79 22.66
N PHE B 322 -15.88 -29.01 23.76
CA PHE B 322 -16.27 -27.91 24.62
C PHE B 322 -15.10 -27.19 25.31
N ASP B 323 -14.17 -27.95 25.89
CA ASP B 323 -13.03 -27.35 26.60
C ASP B 323 -12.18 -26.48 25.65
N GLU B 324 -12.02 -26.94 24.42
CA GLU B 324 -11.28 -26.22 23.42
C GLU B 324 -12.03 -24.92 23.08
N PHE B 325 -13.33 -25.04 22.85
CA PHE B 325 -14.17 -23.88 22.53
C PHE B 325 -13.95 -22.79 23.58
N GLU B 326 -14.05 -23.16 24.85
CA GLU B 326 -13.87 -22.19 25.93
C GLU B 326 -12.45 -21.64 25.97
N ARG B 327 -11.46 -22.47 25.65
CA ARG B 327 -10.08 -22.01 25.74
C ARG B 327 -9.76 -20.96 24.66
N VAL B 328 -10.17 -21.24 23.43
CA VAL B 328 -9.87 -20.32 22.33
C VAL B 328 -10.65 -19.01 22.45
N LEU B 329 -11.89 -19.07 22.91
CA LEU B 329 -12.63 -17.83 23.12
C LEU B 329 -11.97 -17.00 24.20
N SER B 330 -11.45 -17.67 25.23
CA SER B 330 -10.71 -17.00 26.29
C SER B 330 -9.36 -16.43 25.86
N LYS B 331 -8.89 -16.85 24.69
CA LYS B 331 -7.56 -16.48 24.19
C LYS B 331 -6.41 -17.03 25.05
N GLU B 332 -6.61 -18.19 25.65
CA GLU B 332 -5.57 -18.87 26.42
CA GLU B 332 -5.50 -18.79 26.37
C GLU B 332 -4.77 -19.80 25.51
N LEU B 333 -3.48 -19.96 25.77
CA LEU B 333 -2.68 -20.97 25.07
C LEU B 333 -2.84 -22.33 25.74
N PRO B 334 -2.63 -23.41 24.98
CA PRO B 334 -2.69 -24.75 25.55
C PRO B 334 -1.55 -25.01 26.54
N VAL B 335 -1.82 -25.79 27.58
CA VAL B 335 -0.84 -25.95 28.65
C VAL B 335 0.44 -26.67 28.20
N GLY B 336 0.35 -27.50 27.17
CA GLY B 336 1.51 -28.29 26.76
C GLY B 336 2.44 -27.55 25.79
N LEU B 337 2.07 -26.33 25.42
CA LEU B 337 2.81 -25.60 24.38
C LEU B 337 4.22 -25.25 24.80
N GLU B 338 4.37 -24.78 26.04
CA GLU B 338 5.69 -24.39 26.57
C GLU B 338 6.71 -25.51 26.52
N SER B 339 6.30 -26.71 26.92
CA SER B 339 7.16 -27.90 26.87
C SER B 339 7.47 -28.31 25.42
N ALA B 340 6.45 -28.23 24.56
CA ALA B 340 6.67 -28.56 23.15
C ALA B 340 7.72 -27.65 22.53
N ILE B 341 7.65 -26.36 22.84
CA ILE B 341 8.64 -25.41 22.29
C ILE B 341 10.05 -25.65 22.84
N ASN B 342 10.16 -25.76 24.16
CA ASN B 342 11.44 -26.13 24.78
C ASN B 342 12.07 -27.39 24.20
N ASP B 343 11.25 -28.42 23.98
CA ASP B 343 11.75 -29.66 23.39
C ASP B 343 12.31 -29.39 22.01
N TYR B 344 11.61 -28.54 21.26
CA TYR B 344 12.04 -28.23 19.91
C TYR B 344 13.41 -27.57 19.99
N ILE B 345 13.52 -26.56 20.87
CA ILE B 345 14.77 -25.79 20.99
C ILE B 345 15.93 -26.69 21.43
N ALA B 346 15.70 -27.58 22.40
CA ALA B 346 16.75 -28.50 22.85
C ALA B 346 17.20 -29.45 21.73
N SER B 347 16.23 -29.89 20.94
CA SER B 347 16.51 -30.73 19.76
C SER B 347 17.43 -30.03 18.77
N GLN B 348 17.13 -28.76 18.50
CA GLN B 348 17.95 -27.96 17.58
C GLN B 348 19.38 -27.71 18.06
N LEU B 349 19.57 -27.57 19.38
CA LEU B 349 20.92 -27.41 19.92
C LEU B 349 21.73 -28.70 19.78
N SER B 350 21.02 -29.83 19.83
CA SER B 350 21.64 -31.15 19.74
C SER B 350 21.86 -31.54 18.28
N ASN B 351 21.09 -30.94 17.37
CA ASN B 351 21.13 -31.31 15.95
C ASN B 351 21.05 -30.13 14.98
N PRO B 352 22.09 -29.29 14.96
CA PRO B 352 22.01 -28.07 14.14
C PRO B 352 21.94 -28.34 12.63
N VAL B 353 21.10 -27.58 11.94
CA VAL B 353 21.01 -27.64 10.49
C VAL B 353 21.09 -26.24 9.88
N LYS B 354 21.59 -26.19 8.65
CA LYS B 354 21.70 -24.96 7.89
C LYS B 354 20.48 -24.87 6.98
N VAL B 355 19.52 -24.04 7.36
CA VAL B 355 18.31 -23.86 6.56
C VAL B 355 18.00 -22.39 6.38
N ALA B 356 17.13 -22.08 5.42
CA ALA B 356 16.59 -20.75 5.31
C ALA B 356 15.65 -20.55 6.51
N THR B 357 15.53 -19.31 6.96
CA THR B 357 14.56 -19.08 8.04
C THR B 357 13.13 -19.25 7.55
N ARG B 358 12.91 -19.21 6.25
CA ARG B 358 11.60 -19.52 5.71
C ARG B 358 11.24 -20.98 6.06
N LYS B 359 12.22 -21.86 5.94
CA LYS B 359 12.07 -23.27 6.28
C LYS B 359 11.98 -23.47 7.80
N ALA B 360 12.77 -22.71 8.54
CA ALA B 360 12.70 -22.75 10.00
C ALA B 360 11.27 -22.40 10.45
N SER B 361 10.66 -21.43 9.76
CA SER B 361 9.33 -20.94 10.12
C SER B 361 8.31 -22.05 9.88
N GLN B 362 8.43 -22.74 8.74
CA GLN B 362 7.52 -23.85 8.45
C GLN B 362 7.68 -24.97 9.49
N MSE B 363 8.91 -25.26 9.89
CA MSE B 363 9.13 -26.26 10.91
C MSE B 363 8.53 -25.89 12.25
O MSE B 363 8.02 -26.74 12.95
CB MSE B 363 10.61 -26.53 11.09
CG MSE B 363 11.16 -27.36 9.98
SE MSE B 363 12.90 -27.93 10.57
CE MSE B 363 13.78 -26.37 9.99
N VAL B 364 8.61 -24.60 12.59
CA VAL B 364 8.01 -24.11 13.82
C VAL B 364 6.49 -24.22 13.78
N LEU B 365 5.90 -23.85 12.63
CA LEU B 365 4.45 -23.93 12.48
C LEU B 365 3.95 -25.39 12.62
N GLU B 366 4.76 -26.37 12.24
CA GLU B 366 4.38 -27.78 12.47
C GLU B 366 4.02 -27.97 13.93
N VAL B 367 4.88 -27.47 14.81
CA VAL B 367 4.70 -27.61 16.25
C VAL B 367 3.54 -26.74 16.72
N LEU B 368 3.54 -25.49 16.30
CA LEU B 368 2.50 -24.59 16.81
C LEU B 368 1.10 -25.00 16.36
N CYS B 369 0.98 -25.33 15.07
CA CYS B 369 -0.33 -25.68 14.51
C CYS B 369 -0.87 -27.02 15.02
N LYS B 370 0.01 -27.95 15.34
CA LYS B 370 -0.43 -29.23 15.92
C LYS B 370 -1.05 -29.00 17.29
N ASN B 371 -0.50 -28.01 18.01
CA ASN B 371 -0.90 -27.72 19.38
C ASN B 371 -2.05 -26.70 19.49
N MSE B 372 -2.24 -25.92 18.44
CA MSE B 372 -3.18 -24.77 18.48
C MSE B 372 -4.17 -24.81 17.33
O MSE B 372 -3.96 -24.21 16.28
CB MSE B 372 -2.39 -23.45 18.43
CG MSE B 372 -1.36 -23.32 19.54
SE MSE B 372 -0.30 -21.68 19.36
CE MSE B 372 -1.75 -20.40 19.50
N PRO B 373 -5.31 -25.50 17.54
CA PRO B 373 -6.37 -25.57 16.52
C PRO B 373 -6.93 -24.20 16.12
N GLU B 374 -6.77 -23.18 16.97
CA GLU B 374 -7.25 -21.82 16.65
C GLU B 374 -6.40 -21.12 15.59
N MSE B 375 -5.21 -21.64 15.29
CA MSE B 375 -4.33 -21.00 14.29
CA MSE B 375 -4.39 -20.91 14.31
C MSE B 375 -4.94 -21.11 12.90
O MSE B 375 -5.30 -22.22 12.50
CB MSE B 375 -2.95 -21.70 14.26
CB MSE B 375 -2.92 -21.31 14.43
CG MSE B 375 -2.04 -21.37 15.44
CG MSE B 375 -2.26 -20.71 15.68
SE MSE B 375 -1.27 -19.57 15.32
SE MSE B 375 -0.40 -21.24 15.76
CE MSE B 375 0.47 -19.90 14.48
CE MSE B 375 -0.18 -21.71 13.87
N PHE B 376 -5.01 -20.02 12.17
CA PHE B 376 -5.59 -20.05 10.83
C PHE B 376 -4.66 -19.35 9.87
N GLY B 377 -4.00 -20.14 9.04
CA GLY B 377 -2.98 -19.63 8.15
C GLY B 377 -3.45 -19.24 6.78
N GLY B 378 -2.59 -18.56 6.03
CA GLY B 378 -2.96 -18.32 4.64
C GLY B 378 -1.85 -17.65 3.91
N SER B 379 -1.98 -17.58 2.59
CA SER B 379 -0.98 -16.86 1.82
CA SER B 379 -0.97 -16.96 1.75
C SER B 379 -1.67 -16.21 0.62
N ALA B 380 -1.00 -15.19 0.10
CA ALA B 380 -1.54 -14.48 -1.05
C ALA B 380 -0.85 -14.88 -2.34
N ASP B 381 -1.20 -16.03 -2.93
CA ASP B 381 -0.65 -16.28 -4.27
C ASP B 381 -1.36 -17.25 -5.20
N LEU B 382 -0.90 -17.27 -6.44
CA LEU B 382 -1.25 -18.30 -7.40
C LEU B 382 -0.61 -19.59 -6.88
N THR B 383 0.51 -19.41 -6.19
CA THR B 383 1.23 -20.50 -5.54
C THR B 383 2.74 -20.21 -5.52
N SER B 385 7.41 -18.42 -2.38
CA SER B 385 7.97 -19.39 -1.46
C SER B 385 7.83 -18.96 -0.01
N ASN B 386 6.61 -18.71 0.42
CA ASN B 386 6.40 -18.29 1.79
C ASN B 386 6.57 -19.45 2.80
N ASN B 387 6.12 -20.64 2.43
CA ASN B 387 6.16 -21.80 3.33
C ASN B 387 5.26 -21.64 4.57
N THR B 388 4.04 -21.17 4.32
CA THR B 388 3.07 -20.93 5.40
C THR B 388 2.23 -22.17 5.75
N ASN B 389 2.23 -23.17 4.88
CA ASN B 389 1.47 -24.40 5.14
C ASN B 389 2.27 -25.42 5.95
N TRP B 390 1.56 -26.24 6.72
CA TRP B 390 2.17 -27.32 7.49
C TRP B 390 1.52 -28.63 7.06
N SER B 391 2.09 -29.75 7.49
CA SER B 391 1.62 -31.06 7.03
C SER B 391 0.14 -31.29 7.34
N GLY B 392 -0.38 -30.55 8.33
CA GLY B 392 -1.77 -30.71 8.72
C GLY B 392 -2.68 -29.68 8.07
N SER B 393 -2.12 -28.87 7.18
CA SER B 393 -2.93 -27.87 6.50
C SER B 393 -4.07 -28.50 5.73
N VAL B 394 -5.25 -27.89 5.86
CA VAL B 394 -6.44 -28.22 5.09
C VAL B 394 -6.96 -26.90 4.54
N TRP B 395 -6.98 -26.78 3.21
CA TRP B 395 -7.31 -25.49 2.59
C TRP B 395 -8.81 -25.30 2.46
N LEU B 396 -9.33 -24.19 2.96
CA LEU B 396 -10.73 -23.86 2.80
C LEU B 396 -11.14 -23.82 1.34
N ASN B 397 -10.18 -23.57 0.45
CA ASN B 397 -10.46 -23.50 -0.99
C ASN B 397 -10.91 -24.85 -1.52
N ASN B 398 -10.52 -25.93 -0.82
CA ASN B 398 -10.80 -27.30 -1.26
C ASN B 398 -11.93 -27.93 -0.45
N THR B 399 -11.92 -27.72 0.85
CA THR B 399 -12.90 -28.34 1.73
C THR B 399 -13.12 -27.49 2.98
N GLN B 400 -14.35 -27.50 3.50
CA GLN B 400 -14.64 -26.74 4.71
C GLN B 400 -14.40 -27.56 5.98
N GLU B 401 -14.70 -28.85 5.91
CA GLU B 401 -14.49 -29.73 7.05
C GLU B 401 -13.03 -29.71 7.53
N GLY B 402 -12.79 -29.16 8.72
CA GLY B 402 -11.46 -29.08 9.30
C GLY B 402 -10.51 -28.03 8.69
N ALA B 403 -11.05 -27.11 7.88
CA ALA B 403 -10.21 -26.10 7.22
C ALA B 403 -9.46 -25.26 8.23
N ASN B 404 -8.15 -25.10 8.03
CA ASN B 404 -7.30 -24.30 8.92
C ASN B 404 -6.34 -23.42 8.14
N TYR B 405 -6.62 -23.26 6.84
CA TYR B 405 -5.73 -22.50 5.96
C TYR B 405 -6.58 -21.93 4.84
N LEU B 406 -6.22 -20.74 4.33
CA LEU B 406 -6.89 -20.20 3.14
C LEU B 406 -5.86 -19.64 2.15
N SER B 407 -5.98 -20.03 0.88
CA SER B 407 -5.30 -19.28 -0.19
C SER B 407 -6.19 -18.09 -0.55
N TYR B 408 -5.64 -16.88 -0.38
CA TYR B 408 -6.39 -15.65 -0.59
C TYR B 408 -6.31 -15.16 -2.04
N GLY B 409 -5.54 -15.83 -2.88
CA GLY B 409 -5.25 -15.28 -4.20
C GLY B 409 -4.28 -14.12 -4.08
N VAL B 410 -4.12 -13.38 -5.19
CA VAL B 410 -3.12 -12.30 -5.29
C VAL B 410 -3.78 -11.04 -4.77
N ARG B 411 -4.01 -11.05 -3.45
CA ARG B 411 -4.86 -10.06 -2.79
C ARG B 411 -4.25 -9.70 -1.44
N GLU B 412 -3.08 -9.07 -1.48
CA GLU B 412 -2.35 -8.84 -0.22
C GLU B 412 -3.07 -7.91 0.76
N PHE B 413 -3.59 -6.79 0.25
CA PHE B 413 -4.29 -5.82 1.12
C PHE B 413 -5.60 -6.43 1.62
N GLY B 414 -6.36 -7.05 0.73
CA GLY B 414 -7.60 -7.68 1.18
C GLY B 414 -7.30 -8.78 2.19
N MSE B 415 -6.26 -9.59 1.96
CA MSE B 415 -5.95 -10.64 2.97
C MSE B 415 -5.69 -10.01 4.33
O MSE B 415 -6.25 -10.46 5.38
CB MSE B 415 -4.74 -11.50 2.54
CG MSE B 415 -4.29 -12.44 3.66
SE MSE B 415 -2.69 -13.48 3.06
CE MSE B 415 -1.46 -12.02 3.27
N ALA B 416 -4.84 -8.98 4.36
CA ALA B 416 -4.49 -8.37 5.64
C ALA B 416 -5.72 -7.77 6.34
N ALA B 417 -6.59 -7.10 5.57
CA ALA B 417 -7.78 -6.52 6.17
C ALA B 417 -8.81 -7.57 6.61
N ILE B 418 -8.90 -8.67 5.85
CA ILE B 418 -9.72 -9.80 6.28
C ILE B 418 -9.15 -10.41 7.55
N MSE B 419 -7.84 -10.54 7.65
CA MSE B 419 -7.26 -11.08 8.90
C MSE B 419 -7.57 -10.20 10.11
O MSE B 419 -7.78 -10.71 11.20
CB MSE B 419 -5.75 -11.35 8.80
CG MSE B 419 -5.46 -12.42 7.79
SE MSE B 419 -3.61 -13.04 7.99
CE MSE B 419 -2.70 -11.41 7.51
N ASN B 420 -7.62 -8.90 9.92
CA ASN B 420 -8.04 -8.04 11.03
C ASN B 420 -9.44 -8.40 11.49
N GLY B 421 -10.34 -8.65 10.53
CA GLY B 421 -11.71 -9.07 10.86
C GLY B 421 -11.74 -10.43 11.56
N LEU B 422 -10.95 -11.41 11.07
CA LEU B 422 -10.86 -12.69 11.78
C LEU B 422 -10.36 -12.56 13.23
N SER B 423 -9.34 -11.71 13.43
CA SER B 423 -8.77 -11.50 14.77
C SER B 423 -9.83 -10.86 15.70
N LEU B 424 -10.55 -9.84 15.20
CA LEU B 424 -11.60 -9.19 16.00
C LEU B 424 -12.73 -10.16 16.34
N TYR B 425 -13.00 -11.06 15.40
CA TYR B 425 -14.16 -11.92 15.52
C TYR B 425 -14.13 -12.79 16.78
N GLY B 426 -12.97 -13.40 17.02
CA GLY B 426 -12.76 -14.22 18.20
C GLY B 426 -12.52 -15.69 17.88
N GLY B 427 -11.80 -16.36 18.78
CA GLY B 427 -11.53 -17.79 18.66
C GLY B 427 -10.60 -18.22 17.54
N ILE B 428 -9.97 -17.25 16.89
CA ILE B 428 -9.13 -17.47 15.70
C ILE B 428 -7.83 -16.66 15.84
N LYS B 429 -6.70 -17.29 15.54
CA LYS B 429 -5.41 -16.60 15.56
C LYS B 429 -4.88 -16.62 14.14
N PRO B 430 -5.18 -15.57 13.37
CA PRO B 430 -4.74 -15.59 11.98
C PRO B 430 -3.26 -15.23 11.77
N TYR B 431 -2.65 -15.85 10.76
CA TYR B 431 -1.38 -15.39 10.23
C TYR B 431 -1.38 -15.51 8.72
N GLY B 432 -0.59 -14.70 8.02
CA GLY B 432 -0.66 -14.78 6.56
C GLY B 432 0.57 -14.22 5.92
N GLY B 433 0.94 -14.80 4.77
CA GLY B 433 2.26 -14.65 4.15
C GLY B 433 2.17 -13.93 2.83
N THR B 434 3.10 -13.00 2.60
CA THR B 434 3.43 -12.55 1.23
C THR B 434 4.93 -12.23 1.20
N PHE B 435 5.46 -11.83 0.05
CA PHE B 435 6.87 -11.38 -0.02
C PHE B 435 6.92 -10.03 0.74
N LEU B 436 8.00 -9.80 1.47
CA LEU B 436 8.15 -8.54 2.24
C LEU B 436 7.90 -7.26 1.41
N VAL B 437 8.35 -7.17 0.17
CA VAL B 437 8.11 -5.96 -0.63
CA VAL B 437 8.08 -5.94 -0.60
C VAL B 437 6.60 -5.64 -0.72
N PHE B 438 5.78 -6.67 -0.80
CA PHE B 438 4.34 -6.48 -0.95
C PHE B 438 3.62 -6.08 0.34
N SER B 439 4.37 -5.93 1.44
CA SER B 439 3.84 -5.23 2.63
C SER B 439 3.51 -3.79 2.21
N ASP B 440 4.08 -3.32 1.11
CA ASP B 440 3.71 -1.97 0.61
C ASP B 440 2.22 -1.96 0.16
N TYR B 441 1.73 -3.07 -0.38
CA TYR B 441 0.33 -3.14 -0.81
C TYR B 441 -0.64 -3.17 0.39
N SER B 442 -0.25 -3.91 1.42
CA SER B 442 -1.14 -4.15 2.56
C SER B 442 -0.82 -3.26 3.78
N ARG B 443 0.08 -2.31 3.58
CA ARG B 443 0.66 -1.48 4.62
C ARG B 443 -0.37 -0.90 5.61
N ASN B 444 -1.41 -0.26 5.10
CA ASN B 444 -2.36 0.36 6.03
C ASN B 444 -3.14 -0.66 6.87
N ALA B 445 -3.38 -1.88 6.33
CA ALA B 445 -4.05 -2.92 7.12
C ALA B 445 -3.12 -3.44 8.23
N ILE B 446 -1.83 -3.49 7.94
CA ILE B 446 -0.86 -3.80 8.97
C ILE B 446 -0.90 -2.72 10.07
N ARG B 447 -0.95 -1.45 9.66
CA ARG B 447 -1.02 -0.36 10.62
C ARG B 447 -2.29 -0.49 11.46
N MSE B 448 -3.39 -0.83 10.82
CA MSE B 448 -4.67 -0.99 11.53
C MSE B 448 -4.64 -2.17 12.53
O MSE B 448 -5.26 -2.07 13.62
CB MSE B 448 -5.83 -1.10 10.51
CG MSE B 448 -6.02 0.16 9.67
SE MSE B 448 -6.61 1.71 10.76
CE MSE B 448 -8.24 0.97 11.25
N SER B 449 -3.92 -3.25 12.20
CA SER B 449 -3.73 -4.30 13.22
C SER B 449 -3.05 -3.72 14.46
N ALA B 450 -2.07 -2.86 14.26
CA ALA B 450 -1.37 -2.22 15.38
C ALA B 450 -2.28 -1.24 16.18
N LEU B 451 -3.02 -0.41 15.45
CA LEU B 451 -3.91 0.58 16.07
C LEU B 451 -5.02 -0.11 16.91
N MSE B 452 -5.52 -1.24 16.39
CA MSE B 452 -6.58 -2.01 17.05
C MSE B 452 -6.06 -3.03 18.07
O MSE B 452 -6.87 -3.72 18.72
CB MSE B 452 -7.48 -2.67 16.00
CG MSE B 452 -8.18 -1.66 15.04
SE MSE B 452 -9.54 -2.67 14.10
CE MSE B 452 -8.37 -3.78 13.17
N LYS B 453 -4.74 -3.08 18.26
CA LYS B 453 -4.12 -3.97 19.27
C LYS B 453 -4.51 -5.44 19.00
N GLN B 454 -4.57 -5.80 17.71
CA GLN B 454 -4.83 -7.18 17.30
C GLN B 454 -3.53 -7.93 17.01
N PRO B 455 -3.28 -9.05 17.70
CA PRO B 455 -1.97 -9.75 17.54
C PRO B 455 -1.91 -10.70 16.31
N VAL B 456 -2.22 -10.12 15.14
CA VAL B 456 -2.08 -10.79 13.84
C VAL B 456 -0.59 -10.97 13.57
N VAL B 457 -0.22 -12.11 12.97
CA VAL B 457 1.16 -12.33 12.53
C VAL B 457 1.25 -12.21 11.03
N HIS B 458 1.99 -11.19 10.59
CA HIS B 458 2.21 -10.91 9.19
C HIS B 458 3.52 -11.56 8.77
N VAL B 459 3.42 -12.67 8.05
CA VAL B 459 4.58 -13.48 7.68
C VAL B 459 5.16 -13.01 6.36
N MSE B 460 6.41 -12.55 6.37
CA MSE B 460 6.96 -11.87 5.20
C MSE B 460 8.28 -12.52 4.74
O MSE B 460 9.30 -12.31 5.39
CB MSE B 460 7.23 -10.40 5.53
CG MSE B 460 6.01 -9.55 5.89
SE MSE B 460 4.86 -9.30 4.32
CE MSE B 460 3.32 -8.31 5.12
N SER B 461 8.26 -13.19 3.59
CA SER B 461 9.42 -13.93 3.05
C SER B 461 10.23 -13.06 2.10
N HIS B 462 11.28 -13.65 1.51
CA HIS B 462 12.10 -12.91 0.52
C HIS B 462 12.54 -11.53 1.02
N ASP B 463 13.28 -11.53 2.13
CA ASP B 463 13.47 -10.31 2.88
C ASP B 463 14.55 -9.36 2.38
N SER B 464 15.35 -9.71 1.37
CA SER B 464 16.50 -8.84 1.06
C SER B 464 17.02 -9.09 -0.34
N ILE B 465 18.09 -8.37 -0.70
CA ILE B 465 18.80 -8.65 -1.95
C ILE B 465 19.26 -10.12 -2.05
N GLY B 466 19.30 -10.82 -0.91
CA GLY B 466 19.64 -12.25 -0.91
C GLY B 466 18.72 -13.12 -1.73
N LEU B 467 17.52 -12.63 -2.09
CA LEU B 467 16.68 -13.44 -2.97
C LEU B 467 17.20 -13.53 -4.41
N GLY B 468 18.07 -12.60 -4.81
CA GLY B 468 18.77 -12.74 -6.06
C GLY B 468 18.05 -12.31 -7.33
N GLU B 469 17.82 -13.26 -8.24
CA GLU B 469 17.48 -12.96 -9.63
C GLU B 469 16.18 -12.17 -9.87
N ASP B 470 15.21 -12.27 -8.97
CA ASP B 470 13.94 -11.58 -9.20
C ASP B 470 14.12 -10.05 -9.22
N GLY B 471 15.19 -9.54 -8.64
CA GLY B 471 15.57 -8.14 -8.92
C GLY B 471 14.91 -7.04 -8.10
N PRO B 472 15.15 -5.80 -8.49
CA PRO B 472 14.85 -4.65 -7.59
C PRO B 472 13.39 -4.48 -7.26
N THR B 473 12.48 -4.88 -8.16
CA THR B 473 11.03 -4.72 -7.81
C THR B 473 10.58 -5.63 -6.70
N HIS B 474 11.37 -6.67 -6.46
CA HIS B 474 11.03 -7.69 -5.46
C HIS B 474 11.94 -7.64 -4.25
N GLN B 475 13.05 -6.91 -4.31
CA GLN B 475 14.02 -6.93 -3.18
C GLN B 475 13.76 -5.79 -2.22
N PRO B 476 13.43 -6.10 -0.98
CA PRO B 476 13.24 -5.03 0.01
C PRO B 476 14.54 -4.28 0.30
N ILE B 477 14.41 -2.99 0.57
CA ILE B 477 15.53 -2.17 1.00
C ILE B 477 15.08 -1.37 2.22
N GLU B 478 14.04 -0.57 2.02
CA GLU B 478 13.47 0.26 3.08
C GLU B 478 12.47 -0.47 3.95
N HIS B 479 12.05 -1.68 3.56
CA HIS B 479 10.86 -2.31 4.20
C HIS B 479 10.98 -2.66 5.66
N VAL B 480 12.09 -3.26 6.04
CA VAL B 480 12.28 -3.60 7.45
C VAL B 480 12.22 -2.35 8.35
N PRO B 481 13.08 -1.35 8.11
CA PRO B 481 13.00 -0.18 8.97
C PRO B 481 11.67 0.58 8.85
N SER B 482 11.06 0.58 7.65
CA SER B 482 9.74 1.28 7.47
C SER B 482 8.66 0.66 8.33
N LEU B 483 8.76 -0.66 8.55
CA LEU B 483 7.78 -1.34 9.40
C LEU B 483 8.14 -1.18 10.87
N ARG B 484 9.43 -1.11 11.20
CA ARG B 484 9.83 -0.80 12.60
C ARG B 484 9.28 0.55 13.07
N LEU B 485 9.07 1.50 12.14
CA LEU B 485 8.52 2.79 12.54
C LEU B 485 7.07 2.76 12.98
N ILE B 486 6.30 1.76 12.54
CA ILE B 486 4.87 1.73 12.91
C ILE B 486 4.69 1.52 14.43
N PRO B 487 3.93 2.40 15.10
CA PRO B 487 3.74 2.17 16.57
C PRO B 487 3.07 0.81 16.84
N ASN B 488 3.43 0.16 17.95
CA ASN B 488 2.78 -1.10 18.36
C ASN B 488 2.86 -2.23 17.34
N LEU B 489 4.05 -2.42 16.76
CA LEU B 489 4.27 -3.50 15.78
C LEU B 489 5.67 -4.08 16.02
N SER B 490 5.73 -5.35 16.43
CA SER B 490 7.06 -5.99 16.71
C SER B 490 7.54 -6.63 15.41
N VAL B 491 8.73 -6.23 14.96
CA VAL B 491 9.31 -6.76 13.70
C VAL B 491 10.45 -7.73 14.07
N TRP B 492 10.20 -9.02 13.89
CA TRP B 492 11.19 -10.07 14.18
C TRP B 492 11.93 -10.45 12.91
N ARG B 493 13.26 -10.49 12.98
CA ARG B 493 14.11 -10.86 11.82
C ARG B 493 15.10 -11.91 12.33
N PRO B 494 14.63 -13.14 12.51
CA PRO B 494 15.45 -14.18 13.18
C PRO B 494 16.64 -14.64 12.33
N ALA B 495 17.72 -15.02 12.99
CA ALA B 495 18.95 -15.44 12.29
C ALA B 495 19.00 -16.94 11.97
N ASP B 496 18.31 -17.76 12.75
CA ASP B 496 18.46 -19.22 12.62
C ASP B 496 17.25 -19.94 13.19
N THR B 497 17.32 -21.27 13.29
CA THR B 497 16.13 -22.03 13.69
C THR B 497 15.63 -21.69 15.11
N ILE B 498 16.56 -21.57 16.04
CA ILE B 498 16.17 -21.27 17.41
C ILE B 498 15.64 -19.83 17.53
N GLU B 499 16.29 -18.86 16.88
CA GLU B 499 15.72 -17.48 16.95
C GLU B 499 14.32 -17.45 16.35
N THR B 500 14.11 -18.27 15.30
CA THR B 500 12.82 -18.29 14.61
C THR B 500 11.76 -18.88 15.55
N MSE B 501 12.13 -19.93 16.29
CA MSE B 501 11.20 -20.49 17.24
C MSE B 501 10.83 -19.49 18.36
O MSE B 501 9.67 -19.35 18.71
CB MSE B 501 11.74 -21.80 17.87
CG MSE B 501 10.86 -22.30 19.02
SE MSE B 501 8.94 -22.55 18.51
CE MSE B 501 9.08 -24.30 17.87
N ILE B 502 11.82 -18.81 18.92
CA ILE B 502 11.55 -17.86 19.99
C ILE B 502 10.71 -16.71 19.47
N ALA B 503 11.03 -16.23 18.27
CA ALA B 503 10.25 -15.12 17.68
C ALA B 503 8.75 -15.52 17.56
N TRP B 504 8.50 -16.70 17.01
CA TRP B 504 7.12 -17.21 16.88
C TRP B 504 6.45 -17.41 18.23
N LYS B 505 7.19 -17.95 19.19
CA LYS B 505 6.65 -18.07 20.55
C LYS B 505 6.18 -16.70 21.09
N GLU B 506 7.05 -15.70 21.00
CA GLU B 506 6.67 -14.36 21.50
C GLU B 506 5.48 -13.77 20.74
N ALA B 507 5.46 -13.97 19.42
CA ALA B 507 4.38 -13.48 18.60
C ALA B 507 3.04 -14.09 18.95
N VAL B 508 2.99 -15.39 19.22
CA VAL B 508 1.72 -16.02 19.57
C VAL B 508 1.30 -15.74 21.01
N LYS B 509 2.26 -15.45 21.89
CA LYS B 509 1.95 -15.05 23.29
C LYS B 509 1.44 -13.60 23.39
N SER B 510 1.78 -12.80 22.39
CA SER B 510 1.42 -11.38 22.49
C SER B 510 -0.09 -11.21 22.53
N LYS B 511 -0.60 -10.45 23.50
CA LYS B 511 -2.03 -10.23 23.56
C LYS B 511 -2.51 -9.00 22.78
N ASP B 512 -1.66 -7.96 22.68
CA ASP B 512 -2.10 -6.64 22.23
CA ASP B 512 -2.15 -6.69 22.16
C ASP B 512 -1.25 -6.06 21.10
N THR B 513 -0.30 -6.84 20.60
CA THR B 513 0.67 -6.31 19.62
C THR B 513 0.86 -7.25 18.43
N PRO B 514 0.52 -6.80 17.21
CA PRO B 514 0.84 -7.63 16.04
C PRO B 514 2.36 -7.77 15.82
N SER B 515 2.73 -8.76 15.01
CA SER B 515 4.13 -9.01 14.69
C SER B 515 4.30 -9.15 13.18
N VAL B 516 5.51 -8.83 12.72
CA VAL B 516 5.95 -9.18 11.37
C VAL B 516 7.07 -10.19 11.54
N MSE B 517 6.96 -11.32 10.83
CA MSE B 517 7.99 -12.34 10.85
C MSE B 517 8.76 -12.22 9.54
O MSE B 517 8.23 -12.56 8.47
CB MSE B 517 7.36 -13.73 10.95
CG MSE B 517 8.34 -14.86 11.10
SE MSE B 517 9.26 -14.85 12.77
CE MSE B 517 7.79 -14.55 13.86
N VAL B 518 10.00 -11.73 9.61
CA VAL B 518 10.80 -11.47 8.38
C VAL B 518 11.79 -12.62 8.11
N LEU B 519 11.61 -13.26 6.97
CA LEU B 519 12.28 -14.55 6.67
C LEU B 519 13.06 -14.52 5.36
N THR B 520 14.09 -15.37 5.27
CA THR B 520 15.02 -15.36 4.16
C THR B 520 14.62 -16.35 3.11
N ARG B 521 15.03 -16.06 1.87
CA ARG B 521 14.98 -17.08 0.83
C ARG B 521 16.17 -18.01 0.96
N GLN B 522 17.35 -17.45 1.27
CA GLN B 522 18.63 -18.18 1.19
C GLN B 522 19.01 -18.84 2.54
N ASN B 523 19.75 -19.95 2.48
CA ASN B 523 20.16 -20.75 3.66
C ASN B 523 21.14 -20.05 4.62
N LEU B 524 21.06 -20.35 5.92
CA LEU B 524 21.91 -19.73 6.95
C LEU B 524 22.44 -20.72 7.99
N MSE B 525 23.69 -20.57 8.42
CA MSE B 525 24.22 -21.48 9.43
C MSE B 525 23.73 -21.10 10.83
O MSE B 525 23.43 -19.92 11.07
CB MSE B 525 25.74 -21.49 9.39
CG MSE B 525 26.41 -20.29 9.99
SE MSE B 525 28.35 -20.54 9.84
CE MSE B 525 28.41 -21.13 7.97
N PRO B 526 23.64 -22.08 11.75
CA PRO B 526 23.16 -21.83 13.11
C PRO B 526 24.09 -20.91 13.89
N VAL B 527 23.51 -19.99 14.65
CA VAL B 527 24.33 -19.10 15.47
C VAL B 527 24.12 -19.29 16.98
N VAL B 528 22.94 -19.76 17.39
CA VAL B 528 22.68 -19.97 18.81
C VAL B 528 23.37 -21.24 19.30
N GLN B 529 24.14 -21.12 20.39
CA GLN B 529 24.98 -22.21 20.91
C GLN B 529 24.59 -22.75 22.29
N THR B 530 24.03 -21.88 23.13
CA THR B 530 23.86 -22.23 24.54
C THR B 530 22.49 -21.85 25.07
N GLN B 531 22.08 -22.52 26.14
CA GLN B 531 20.81 -22.18 26.79
C GLN B 531 20.82 -20.78 27.41
N HIS B 532 21.98 -20.29 27.83
CA HIS B 532 22.06 -18.91 28.34
CA HIS B 532 22.05 -18.92 28.34
C HIS B 532 21.64 -17.93 27.24
N GLN B 533 22.08 -18.19 26.01
CA GLN B 533 21.62 -17.35 24.90
C GLN B 533 20.13 -17.52 24.64
N VAL B 534 19.64 -18.75 24.67
CA VAL B 534 18.25 -18.98 24.34
C VAL B 534 17.39 -18.10 25.24
N ALA B 535 17.75 -18.10 26.52
CA ALA B 535 17.05 -17.37 27.56
C ALA B 535 17.00 -15.86 27.34
N ASN B 536 17.91 -15.33 26.53
CA ASN B 536 17.92 -13.87 26.25
C ASN B 536 17.34 -13.46 24.86
N ILE B 537 17.11 -14.42 23.97
CA ILE B 537 16.57 -14.08 22.64
C ILE B 537 15.24 -13.33 22.73
N ALA B 538 14.40 -13.72 23.68
CA ALA B 538 13.10 -13.09 23.87
C ALA B 538 13.20 -11.66 24.41
N ARG B 539 14.40 -11.22 24.78
CA ARG B 539 14.65 -9.80 25.12
C ARG B 539 14.92 -8.96 23.87
N GLY B 540 14.91 -9.58 22.69
CA GLY B 540 14.99 -8.83 21.42
C GLY B 540 16.39 -8.61 20.90
N GLY B 541 17.37 -8.70 21.80
CA GLY B 541 18.76 -8.48 21.43
C GLY B 541 19.62 -9.20 22.46
N TYR B 542 20.73 -9.79 22.01
CA TYR B 542 21.55 -10.53 22.98
C TYR B 542 22.93 -10.75 22.35
N LEU B 543 23.90 -11.17 23.16
CA LEU B 543 25.24 -11.44 22.65
C LEU B 543 25.46 -12.89 22.18
N VAL B 544 25.73 -13.03 20.88
CA VAL B 544 26.17 -14.30 20.30
C VAL B 544 27.61 -14.58 20.70
N LYS B 545 28.45 -13.55 20.66
CA LYS B 545 29.83 -13.65 21.19
C LYS B 545 30.05 -12.57 22.22
N ASP B 546 30.51 -12.98 23.41
CA ASP B 546 30.72 -12.07 24.54
C ASP B 546 32.12 -12.37 25.09
N ASN B 547 33.06 -11.48 24.81
CA ASN B 547 34.46 -11.63 25.16
C ASN B 547 34.93 -10.51 26.08
N PRO B 548 35.55 -10.85 27.23
CA PRO B 548 35.95 -9.81 28.18
C PRO B 548 36.92 -8.79 27.58
N ASP B 549 37.69 -9.23 26.59
CA ASP B 549 38.72 -8.39 25.99
C ASP B 549 38.25 -7.82 24.64
N ALA B 550 36.93 -7.76 24.43
CA ALA B 550 36.41 -7.33 23.12
C ALA B 550 36.86 -5.91 22.77
N LYS B 551 37.23 -5.72 21.50
CA LYS B 551 37.70 -4.41 21.02
C LYS B 551 36.63 -3.62 20.27
N LEU B 552 35.61 -4.30 19.81
CA LEU B 552 34.54 -3.67 19.00
C LEU B 552 33.38 -4.65 19.00
N THR B 553 32.17 -4.15 18.75
CA THR B 553 30.99 -5.02 18.62
C THR B 553 30.48 -4.96 17.18
N ILE B 554 30.24 -6.11 16.56
CA ILE B 554 29.45 -6.12 15.34
C ILE B 554 28.02 -6.42 15.74
N VAL B 555 27.12 -5.51 15.35
CA VAL B 555 25.69 -5.61 15.69
C VAL B 555 24.97 -5.94 14.39
N ALA B 556 24.18 -7.01 14.39
CA ALA B 556 23.53 -7.51 13.16
C ALA B 556 22.16 -8.13 13.44
N THR B 557 21.37 -8.31 12.38
CA THR B 557 20.11 -9.01 12.52
C THR B 557 20.02 -10.03 11.39
N GLY B 558 19.14 -11.01 11.57
CA GLY B 558 18.80 -11.95 10.50
C GLY B 558 20.00 -12.59 9.84
N SER B 559 19.98 -12.60 8.52
CA SER B 559 21.06 -13.19 7.74
C SER B 559 22.42 -12.54 7.96
N GLU B 560 22.48 -11.37 8.58
CA GLU B 560 23.79 -10.74 8.72
C GLU B 560 24.52 -11.22 9.98
N VAL B 561 23.84 -11.94 10.85
CA VAL B 561 24.51 -12.40 12.08
C VAL B 561 25.58 -13.45 11.72
N GLU B 562 25.28 -14.35 10.78
CA GLU B 562 26.30 -15.35 10.43
C GLU B 562 27.53 -14.68 9.81
N LEU B 563 27.30 -13.59 9.07
CA LEU B 563 28.42 -12.83 8.48
C LEU B 563 29.27 -12.22 9.61
N ALA B 564 28.59 -11.65 10.61
CA ALA B 564 29.27 -11.07 11.77
C ALA B 564 30.10 -12.13 12.50
N VAL B 565 29.53 -13.33 12.66
CA VAL B 565 30.24 -14.41 13.36
C VAL B 565 31.48 -14.81 12.56
N LYS B 566 31.34 -14.94 11.24
CA LYS B 566 32.48 -15.28 10.39
C LYS B 566 33.61 -14.25 10.51
N VAL B 567 33.24 -12.97 10.55
CA VAL B 567 34.24 -11.90 10.64
C VAL B 567 34.91 -11.96 12.01
N ALA B 568 34.11 -12.15 13.06
CA ALA B 568 34.69 -12.27 14.39
C ALA B 568 35.67 -13.44 14.48
N ASN B 569 35.32 -14.59 13.88
CA ASN B 569 36.22 -15.74 13.91
C ASN B 569 37.55 -15.48 13.18
N GLU B 570 37.50 -14.67 12.13
CA GLU B 570 38.74 -14.33 11.44
C GLU B 570 39.63 -13.44 12.29
N PHE B 571 39.01 -12.47 12.97
CA PHE B 571 39.80 -11.63 13.86
C PHE B 571 40.38 -12.41 15.04
N GLU B 572 39.65 -13.40 15.53
CA GLU B 572 40.10 -14.26 16.64
CA GLU B 572 40.15 -14.18 16.65
C GLU B 572 41.43 -14.90 16.29
N LYS B 573 41.58 -15.30 15.03
CA LYS B 573 42.82 -15.94 14.56
C LYS B 573 44.03 -15.01 14.64
N LYS B 574 43.78 -13.70 14.58
CA LYS B 574 44.90 -12.77 14.70
C LYS B 574 45.00 -12.21 16.13
N GLY B 575 44.32 -12.83 17.10
CA GLY B 575 44.43 -12.40 18.50
C GLY B 575 43.60 -11.18 18.88
N ILE B 576 42.59 -10.88 18.07
CA ILE B 576 41.73 -9.74 18.33
C ILE B 576 40.32 -10.29 18.58
N LYS B 577 39.77 -10.02 19.78
CA LYS B 577 38.41 -10.51 20.08
C LYS B 577 37.38 -9.45 19.76
N LEU B 578 36.26 -9.88 19.18
CA LEU B 578 35.11 -9.00 18.93
C LEU B 578 33.90 -9.52 19.69
N ASN B 579 32.98 -8.61 20.04
CA ASN B 579 31.64 -9.03 20.41
C ASN B 579 30.74 -9.11 19.17
N VAL B 580 29.74 -9.99 19.21
CA VAL B 580 28.72 -10.03 18.16
C VAL B 580 27.37 -9.99 18.86
N ALA B 581 26.57 -8.98 18.53
CA ALA B 581 25.21 -8.88 19.08
C ALA B 581 24.23 -9.19 17.98
N SER B 582 23.29 -10.06 18.27
CA SER B 582 22.17 -10.30 17.35
C SER B 582 20.94 -9.56 17.91
N ILE B 583 20.25 -8.78 17.05
CA ILE B 583 19.07 -8.02 17.51
C ILE B 583 17.81 -8.47 16.72
N PRO B 584 17.27 -9.63 17.07
CA PRO B 584 16.14 -10.14 16.27
C PRO B 584 14.89 -9.27 16.37
N CYS B 585 14.71 -8.49 17.43
CA CYS B 585 13.58 -7.56 17.45
C CYS B 585 13.93 -6.28 18.19
N VAL B 586 14.15 -5.24 17.41
CA VAL B 586 14.53 -3.94 17.94
C VAL B 586 13.46 -3.42 18.89
N GLU B 587 12.18 -3.66 18.59
CA GLU B 587 11.11 -3.06 19.38
C GLU B 587 11.09 -3.63 20.79
N VAL B 588 11.38 -4.93 20.91
CA VAL B 588 11.47 -5.59 22.20
C VAL B 588 12.79 -5.24 22.89
N PHE B 589 13.89 -5.17 22.13
CA PHE B 589 15.18 -4.78 22.72
C PHE B 589 15.08 -3.38 23.37
N ALA B 590 14.41 -2.45 22.69
CA ALA B 590 14.27 -1.09 23.19
C ALA B 590 13.60 -0.99 24.55
N THR B 591 12.71 -1.94 24.86
CA THR B 591 12.03 -1.98 26.16
C THR B 591 12.86 -2.57 27.31
N GLN B 592 14.02 -3.16 27.00
CA GLN B 592 14.85 -3.77 28.06
C GLN B 592 15.46 -2.70 28.97
N ALA B 593 15.90 -3.13 30.14
CA ALA B 593 16.58 -2.26 31.06
C ALA B 593 17.79 -1.59 30.39
N HIS B 594 17.98 -0.33 30.72
CA HIS B 594 19.15 0.44 30.30
C HIS B 594 20.49 -0.34 30.44
N GLU B 595 20.71 -0.96 31.60
CA GLU B 595 21.93 -1.72 31.87
C GLU B 595 22.11 -2.83 30.85
N TYR B 596 21.02 -3.51 30.49
CA TYR B 596 21.12 -4.63 29.56
C TYR B 596 21.45 -4.11 28.16
N LYS B 597 20.77 -3.07 27.73
CA LYS B 597 21.00 -2.55 26.38
C LYS B 597 22.46 -2.08 26.23
N LYS B 598 23.02 -1.48 27.28
CA LYS B 598 24.39 -0.97 27.19
C LYS B 598 25.45 -2.02 27.51
N THR B 599 25.00 -3.24 27.77
CA THR B 599 25.84 -4.42 27.94
C THR B 599 25.93 -5.15 26.60
N VAL B 600 24.78 -5.31 25.96
CA VAL B 600 24.71 -5.99 24.67
C VAL B 600 25.45 -5.16 23.63
N ILE B 601 25.27 -3.85 23.67
CA ILE B 601 26.05 -2.95 22.82
C ILE B 601 26.94 -2.15 23.77
N LYS B 602 28.11 -2.73 24.04
CA LYS B 602 29.01 -2.26 25.11
C LYS B 602 29.37 -0.82 24.78
N ASP B 603 29.16 0.06 25.74
CA ASP B 603 29.16 1.48 25.41
C ASP B 603 30.56 2.07 25.16
N ASP B 604 31.59 1.46 25.74
CA ASP B 604 32.94 2.02 25.65
C ASP B 604 33.86 1.42 24.57
N ILE B 605 33.28 0.67 23.64
CA ILE B 605 34.01 0.17 22.47
C ILE B 605 33.13 0.45 21.25
N PRO B 606 33.75 0.70 20.08
CA PRO B 606 32.97 1.04 18.88
C PRO B 606 32.05 -0.10 18.42
N ALA B 607 31.01 0.25 17.68
CA ALA B 607 30.15 -0.76 17.05
C ALA B 607 30.06 -0.52 15.56
N VAL B 608 29.98 -1.63 14.81
CA VAL B 608 29.66 -1.59 13.39
C VAL B 608 28.33 -2.33 13.20
N PHE B 609 27.30 -1.63 12.70
CA PHE B 609 25.97 -2.22 12.47
C PHE B 609 25.91 -2.73 11.06
N VAL B 610 25.50 -3.99 10.90
CA VAL B 610 25.47 -4.64 9.60
C VAL B 610 24.09 -5.24 9.34
N GLU B 611 23.40 -4.77 8.31
CA GLU B 611 22.05 -5.27 8.02
C GLU B 611 21.75 -4.94 6.57
N MSE B 612 21.19 -5.88 5.82
CA MSE B 612 20.93 -5.63 4.37
C MSE B 612 19.60 -4.89 4.21
O MSE B 612 18.61 -5.45 3.69
CB MSE B 612 21.01 -6.92 3.54
CG MSE B 612 22.48 -7.45 3.49
SE MSE B 612 22.81 -8.78 2.14
CE MSE B 612 21.53 -10.03 2.65
N ALA B 613 19.58 -3.66 4.72
CA ALA B 613 18.42 -2.77 4.70
C ALA B 613 18.88 -1.33 4.85
N GLN B 614 17.99 -0.36 4.64
CA GLN B 614 18.36 1.05 4.79
C GLN B 614 18.69 1.25 6.31
N PRO B 615 19.90 1.75 6.63
CA PRO B 615 20.39 1.65 8.03
C PRO B 615 20.31 2.92 8.89
N ASP B 616 19.60 3.94 8.42
CA ASP B 616 19.63 5.24 9.09
C ASP B 616 19.13 5.20 10.54
N MSE B 617 18.23 4.26 10.86
CA MSE B 617 17.72 4.14 12.23
CA MSE B 617 17.73 4.17 12.23
C MSE B 617 18.75 3.64 13.23
O MSE B 617 18.57 3.84 14.44
CB MSE B 617 16.46 3.26 12.28
CB MSE B 617 16.45 3.34 12.27
CG MSE B 617 15.27 3.92 11.61
CG MSE B 617 15.36 3.91 11.37
SE MSE B 617 13.65 2.84 11.37
SE MSE B 617 14.78 5.68 11.95
CE MSE B 617 13.09 2.79 13.24
CE MSE B 617 13.60 5.09 13.39
N TRP B 618 19.82 3.00 12.75
CA TRP B 618 20.76 2.38 13.70
C TRP B 618 21.59 3.43 14.43
N TYR B 619 21.67 4.66 13.92
CA TYR B 619 22.45 5.67 14.65
C TYR B 619 21.94 5.87 16.06
N LYS B 620 20.65 5.63 16.27
CA LYS B 620 20.09 5.65 17.64
C LYS B 620 20.87 4.79 18.65
N TYR B 621 21.45 3.69 18.18
CA TYR B 621 22.13 2.72 19.05
C TYR B 621 23.64 2.85 19.05
N MSE B 622 24.18 3.85 18.37
CA MSE B 622 25.61 4.03 18.33
C MSE B 622 26.17 4.20 19.76
O MSE B 622 25.69 5.05 20.52
CB MSE B 622 26.00 5.22 17.45
CG MSE B 622 27.49 5.31 17.12
SE MSE B 622 28.08 3.92 15.90
CE MSE B 622 26.93 4.24 14.39
N PRO B 623 27.19 3.40 20.13
CA PRO B 623 27.77 3.61 21.47
C PRO B 623 28.57 4.91 21.57
N LYS B 624 28.77 5.35 22.81
CA LYS B 624 29.57 6.52 23.11
C LYS B 624 30.92 6.47 22.39
N ALA B 625 31.50 5.27 22.31
CA ALA B 625 32.80 5.07 21.66
C ALA B 625 32.80 5.21 20.13
N GLY B 626 31.62 5.28 19.53
CA GLY B 626 31.52 5.50 18.08
C GLY B 626 31.39 4.22 17.25
N GLY B 627 31.70 4.36 15.96
CA GLY B 627 31.59 3.28 14.99
C GLY B 627 30.81 3.78 13.79
N GLU B 628 30.15 2.87 13.08
CA GLU B 628 29.52 3.22 11.83
C GLU B 628 28.46 2.20 11.43
N VAL B 629 27.67 2.53 10.42
CA VAL B 629 26.64 1.61 9.89
C VAL B 629 27.00 1.11 8.50
N LYS B 630 26.61 -0.13 8.22
CA LYS B 630 26.77 -0.71 6.90
C LYS B 630 25.43 -1.30 6.53
N GLY B 631 24.71 -0.58 5.68
CA GLY B 631 23.44 -1.08 5.17
C GLY B 631 23.40 -0.86 3.67
N ILE B 632 22.18 -0.66 3.16
CA ILE B 632 21.97 -0.48 1.72
C ILE B 632 21.15 0.78 1.50
N TYR B 633 21.61 1.64 0.60
CA TYR B 633 20.93 2.90 0.32
C TYR B 633 20.40 2.98 -1.12
N SER B 634 20.69 1.98 -1.93
CA SER B 634 20.22 2.02 -3.32
C SER B 634 19.14 0.97 -3.50
N PHE B 635 18.47 0.97 -4.66
CA PHE B 635 17.65 -0.17 -5.03
C PHE B 635 18.50 -1.41 -5.28
N GLY B 636 17.83 -2.56 -5.27
CA GLY B 636 18.51 -3.82 -5.59
C GLY B 636 18.77 -3.97 -7.08
N GLU B 637 19.15 -5.19 -7.45
CA GLU B 637 19.57 -5.50 -8.80
C GLU B 637 19.23 -6.98 -9.14
N SER B 638 18.98 -7.25 -10.42
CA SER B 638 18.77 -8.63 -10.90
C SER B 638 20.09 -9.39 -11.17
N ALA B 639 20.45 -10.29 -10.26
CA ALA B 639 21.64 -11.15 -10.43
C ALA B 639 21.59 -12.22 -9.36
N PRO B 640 22.37 -13.29 -9.51
CA PRO B 640 22.44 -14.24 -8.41
C PRO B 640 22.94 -13.61 -7.11
N ALA B 641 22.46 -14.14 -6.00
CA ALA B 641 22.75 -13.58 -4.68
C ALA B 641 24.27 -13.36 -4.41
N GLU B 642 25.10 -14.36 -4.69
CA GLU B 642 26.54 -14.27 -4.46
C GLU B 642 27.12 -13.05 -5.18
N ASP B 643 26.67 -12.79 -6.42
CA ASP B 643 27.19 -11.62 -7.14
C ASP B 643 26.75 -10.31 -6.50
N LEU B 644 25.52 -10.24 -6.04
CA LEU B 644 25.02 -9.06 -5.36
C LEU B 644 25.75 -8.78 -4.06
N PHE B 645 26.04 -9.82 -3.29
CA PHE B 645 26.76 -9.59 -2.02
C PHE B 645 28.12 -8.94 -2.26
N LYS B 646 28.78 -9.36 -3.34
CA LYS B 646 30.09 -8.77 -3.70
C LYS B 646 29.93 -7.29 -4.05
N ARG B 647 28.93 -6.97 -4.88
CA ARG B 647 28.71 -5.57 -5.32
C ARG B 647 28.31 -4.65 -4.19
N PHE B 648 27.53 -5.16 -3.24
CA PHE B 648 26.98 -4.31 -2.18
C PHE B 648 27.85 -4.32 -0.91
N GLY B 649 28.88 -5.14 -0.92
CA GLY B 649 29.82 -5.17 0.18
C GLY B 649 29.48 -6.07 1.35
N PHE B 650 28.56 -7.02 1.20
CA PHE B 650 28.24 -7.93 2.32
C PHE B 650 29.06 -9.23 2.20
N THR B 651 30.36 -9.09 2.47
CA THR B 651 31.32 -10.19 2.36
C THR B 651 32.19 -10.17 3.58
N VAL B 652 32.76 -11.32 3.93
CA VAL B 652 33.69 -11.38 5.05
C VAL B 652 34.84 -10.40 4.81
N GLU B 653 35.36 -10.36 3.57
CA GLU B 653 36.44 -9.43 3.26
C GLU B 653 36.11 -7.94 3.49
N ASN B 654 34.97 -7.47 2.99
CA ASN B 654 34.65 -6.06 3.14
C ASN B 654 34.32 -5.70 4.58
N ILE B 655 33.52 -6.53 5.24
CA ILE B 655 33.19 -6.22 6.63
C ILE B 655 34.47 -6.24 7.47
N SER B 656 35.40 -7.13 7.15
CA SER B 656 36.66 -7.15 7.92
C SER B 656 37.44 -5.85 7.71
N ASN B 657 37.43 -5.36 6.48
CA ASN B 657 38.12 -4.12 6.15
C ASN B 657 37.53 -2.93 6.92
N ILE B 658 36.21 -2.92 7.11
CA ILE B 658 35.55 -1.89 7.93
C ILE B 658 35.96 -2.02 9.40
N VAL B 659 35.91 -3.23 9.93
CA VAL B 659 36.31 -3.48 11.31
C VAL B 659 37.77 -3.09 11.52
N ALA B 660 38.62 -3.40 10.54
CA ALA B 660 40.05 -3.12 10.66
C ALA B 660 40.40 -1.63 10.83
N LYS B 661 39.46 -0.73 10.51
CA LYS B 661 39.66 0.70 10.75
C LYS B 661 39.70 1.07 12.24
N TYR B 662 39.20 0.17 13.08
CA TYR B 662 39.00 0.44 14.51
C TYR B 662 39.92 -0.34 15.43
N VAL B 663 40.45 -1.46 14.94
CA VAL B 663 41.17 -2.38 15.80
C VAL B 663 42.60 -2.59 15.32
#